data_3ED4
#
_entry.id   3ED4
#
_cell.length_a   71.932
_cell.length_b   178.858
_cell.length_c   76.284
_cell.angle_alpha   90.00
_cell.angle_beta   92.17
_cell.angle_gamma   90.00
#
_symmetry.space_group_name_H-M   'P 1 21 1'
#
loop_
_entity.id
_entity.type
_entity.pdbx_description
1 polymer ARYLSULFATASE
2 non-polymer GLYCEROL
3 non-polymer 'SODIUM ION'
4 non-polymer 'SULFATE ION'
5 non-polymer 'UNKNOWN LIGAND'
6 water water
#
_entity_poly.entity_id   1
_entity_poly.type   'polypeptide(L)'
_entity_poly.pdbx_seq_one_letter_code
;MSLASLIGLAVCTGNAFSPALAAEAKQPNLVIIMADDLGYGDLATYGHQIVKTPNIDRLAQEGVKFTDYYAPAPLSSPSR
AGLLTGRMPFRTGIRSWIPSGKDVALGRNELTIANLLKAQGYDTAMMGKLHLNAGGDRTDQPQAQDMGFDYSLANTAGFV
TDATLDNAKERPRYGMVYPTGWLRNGQPTPRADKMSGEYVSSEVVNWLDNKKDSKPFFLYVAFTEVHSPLASPKKYLDMY
SQYMSAYQKQHPDLFYGDWADKPWRGVGEYYANISYLDAQVGKVLDKIKAMGEEDNTIVIFTSDNGPVTREARKVYELNL
AGETDGLRGRKDNLWEGGIRVPAIIKYGKHLPQGMVSDTPVYGLDWMPTLAKMMNFKLPTDRTFDGESLVPVLEQKALKR
EKPLIFGIDMPFQDDPTDEWAIRDGDWKMIIDRNNKPKYLYNLKSDRYETLNLIGKKPDIEKQMYGKFLKYKTDIDNDSL
MKARGDKPEAVTWGEGHHHHHH
;
_entity_poly.pdbx_strand_id   A,B,C,D
#
loop_
_chem_comp.id
_chem_comp.type
_chem_comp.name
_chem_comp.formula
GOL non-polymer GLYCEROL 'C3 H8 O3'
NA non-polymer 'SODIUM ION' 'Na 1'
SO4 non-polymer 'SULFATE ION' 'O4 S -2'
UNL non-polymer 'UNKNOWN LIGAND' ?
#
# COMPACT_ATOMS: atom_id res chain seq x y z
N GLN A 27 -8.67 17.60 -49.77
CA GLN A 27 -8.27 16.72 -48.64
C GLN A 27 -7.11 17.36 -47.88
N PRO A 28 -7.39 17.95 -46.70
CA PRO A 28 -6.42 18.78 -45.98
C PRO A 28 -5.29 18.01 -45.29
N ASN A 29 -4.11 18.61 -45.25
CA ASN A 29 -3.00 18.09 -44.45
C ASN A 29 -3.28 18.35 -42.96
N LEU A 30 -2.66 17.55 -42.09
CA LEU A 30 -2.80 17.72 -40.65
C LEU A 30 -1.43 17.73 -40.01
N VAL A 31 -1.16 18.73 -39.18
CA VAL A 31 0.05 18.74 -38.36
C VAL A 31 -0.35 18.91 -36.89
N ILE A 32 -0.14 17.87 -36.08
CA ILE A 32 -0.34 17.98 -34.64
C ILE A 32 1.01 18.16 -33.95
N ILE A 33 1.19 19.33 -33.34
CA ILE A 33 2.43 19.66 -32.60
C ILE A 33 2.17 19.50 -31.12
N MET A 34 2.86 18.54 -30.50
CA MET A 34 2.69 18.22 -29.10
C MET A 34 3.95 18.62 -28.33
N ALA A 35 3.79 19.64 -27.48
CA ALA A 35 4.77 19.99 -26.44
C ALA A 35 4.67 19.04 -25.25
N ASP A 36 5.76 18.93 -24.49
CA ASP A 36 5.88 17.96 -23.42
C ASP A 36 5.96 18.72 -22.09
N ASP A 37 5.00 18.45 -21.19
CA ASP A 37 4.95 19.07 -19.84
C ASP A 37 4.84 20.60 -19.91
N LEU A 38 4.24 21.12 -20.98
CA LEU A 38 4.17 22.59 -21.13
C LEU A 38 2.94 23.07 -20.36
N GLY A 39 3.17 23.99 -19.44
CA GLY A 39 2.11 24.44 -18.54
C GLY A 39 1.16 25.45 -19.15
N TYR A 40 0.00 25.58 -18.51
CA TYR A 40 -1.05 26.50 -18.94
C TYR A 40 -0.58 27.96 -18.93
N GLY A 41 0.32 28.31 -18.02
CA GLY A 41 0.86 29.67 -17.95
C GLY A 41 2.27 29.79 -18.51
N ASP A 42 2.72 28.78 -19.26
CA ASP A 42 4.09 28.76 -19.81
C ASP A 42 4.29 29.48 -21.15
N LEU A 43 3.23 30.08 -21.72
CA LEU A 43 3.39 30.86 -22.97
C LEU A 43 3.01 32.32 -22.76
N ALA A 44 3.67 33.20 -23.52
CA ALA A 44 3.36 34.63 -23.44
C ALA A 44 1.90 34.91 -23.74
N THR A 45 1.34 34.25 -24.75
CA THR A 45 -0.07 34.42 -25.17
C THR A 45 -1.07 33.88 -24.13
N TYR A 46 -0.57 33.07 -23.21
CA TYR A 46 -1.34 32.62 -22.06
C TYR A 46 -0.91 33.37 -20.79
N GLY A 47 -0.26 34.51 -20.96
CA GLY A 47 -0.03 35.40 -19.82
C GLY A 47 1.32 35.42 -19.12
N HIS A 48 2.28 34.61 -19.57
CA HIS A 48 3.62 34.56 -18.95
C HIS A 48 4.29 35.93 -19.10
N GLN A 49 4.79 36.47 -17.99
CA GLN A 49 5.27 37.86 -17.91
C GLN A 49 6.75 38.04 -18.28
N ILE A 50 7.43 36.93 -18.55
CA ILE A 50 8.87 36.97 -18.80
C ILE A 50 9.25 36.34 -20.15
N VAL A 51 8.73 35.13 -20.40
CA VAL A 51 9.13 34.35 -21.58
C VAL A 51 8.71 34.97 -22.92
N LYS A 52 9.61 34.85 -23.90
CA LYS A 52 9.37 35.29 -25.26
C LYS A 52 9.03 34.09 -26.13
N THR A 53 7.78 34.04 -26.60
CA THR A 53 7.31 32.98 -27.48
C THR A 53 6.67 33.53 -28.76
N PRO A 54 7.44 34.23 -29.62
CA PRO A 54 6.85 34.94 -30.77
C PRO A 54 6.10 34.04 -31.77
N ASN A 55 6.63 32.84 -32.01
CA ASN A 55 6.06 31.94 -33.01
C ASN A 55 4.71 31.34 -32.64
N ILE A 56 4.59 30.90 -31.38
CA ILE A 56 3.35 30.35 -30.87
C ILE A 56 2.33 31.48 -30.65
N ASP A 57 2.80 32.66 -30.24
CA ASP A 57 1.96 33.85 -30.12
C ASP A 57 1.32 34.20 -31.46
N ARG A 58 2.15 34.24 -32.51
CA ARG A 58 1.65 34.46 -33.88
C ARG A 58 0.65 33.38 -34.31
N LEU A 59 0.94 32.12 -33.98
CA LEU A 59 0.03 31.02 -34.28
C LEU A 59 -1.38 31.26 -33.71
N ALA A 60 -1.43 31.70 -32.44
CA ALA A 60 -2.68 32.07 -31.77
C ALA A 60 -3.42 33.23 -32.44
N GLN A 61 -2.66 34.23 -32.89
N GLN A 61 -2.68 34.23 -32.91
CA GLN A 61 -3.21 35.39 -33.62
CA GLN A 61 -3.25 35.37 -33.62
C GLN A 61 -3.84 34.99 -34.97
C GLN A 61 -3.83 35.00 -34.98
N GLU A 62 -3.28 33.95 -35.59
CA GLU A 62 -3.76 33.44 -36.89
C GLU A 62 -4.77 32.29 -36.74
N GLY A 63 -5.15 31.98 -35.51
CA GLY A 63 -6.04 30.85 -35.29
C GLY A 63 -6.99 31.04 -34.13
N VAL A 64 -7.42 29.92 -33.57
CA VAL A 64 -8.33 29.88 -32.44
C VAL A 64 -7.56 29.36 -31.23
N LYS A 65 -7.57 30.12 -30.14
CA LYS A 65 -6.89 29.76 -28.90
C LYS A 65 -7.91 29.39 -27.83
N PHE A 66 -7.69 28.25 -27.18
CA PHE A 66 -8.62 27.73 -26.16
C PHE A 66 -8.08 28.03 -24.77
N THR A 67 -8.88 28.68 -23.93
CA THR A 67 -8.46 28.99 -22.55
C THR A 67 -8.95 27.97 -21.52
N ASP A 68 -9.80 27.05 -21.97
CA ASP A 68 -10.36 26.03 -21.11
C ASP A 68 -10.23 24.66 -21.79
N TYR A 69 -9.04 24.38 -22.32
CA TYR A 69 -8.73 23.09 -22.92
C TYR A 69 -7.98 22.21 -21.92
N TYR A 70 -8.32 20.93 -21.88
CA TYR A 70 -7.67 19.99 -20.99
C TYR A 70 -7.01 18.82 -21.72
N ALA A 71 -5.86 18.39 -21.20
CA ALA A 71 -5.29 17.07 -21.54
C ALA A 71 -6.19 15.96 -20.98
N PRO A 72 -6.24 14.77 -21.63
CA PRO A 72 -7.02 13.63 -21.08
C PRO A 72 -6.50 13.07 -19.76
N ALA A 73 -5.25 13.37 -19.39
CA ALA A 73 -4.62 12.90 -18.15
C ALA A 73 -3.42 13.79 -17.75
N PRO A 74 -3.07 13.86 -16.44
CA PRO A 74 -1.96 14.70 -15.99
C PRO A 74 -0.58 14.01 -16.04
N LEU A 75 -0.41 13.07 -16.96
CA LEU A 75 0.89 12.40 -17.22
C LEU A 75 1.00 12.05 -18.69
N SER A 76 2.24 11.92 -19.17
CA SER A 76 2.55 11.80 -20.60
C SER A 76 1.83 10.68 -21.33
N SER A 77 2.09 9.45 -20.94
CA SER A 77 1.55 8.28 -21.67
C SER A 77 0.01 8.21 -21.78
N PRO A 78 -0.76 8.27 -20.66
CA PRO A 78 -2.22 8.24 -20.86
C PRO A 78 -2.76 9.44 -21.64
N SER A 79 -2.16 10.62 -21.46
CA SER A 79 -2.60 11.80 -22.19
C SER A 79 -2.45 11.63 -23.72
N ARG A 80 -1.27 11.20 -24.13
CA ARG A 80 -0.98 10.96 -25.55
C ARG A 80 -1.86 9.87 -26.16
N ALA A 81 -2.07 8.78 -25.40
CA ALA A 81 -2.95 7.69 -25.83
C ALA A 81 -4.36 8.20 -26.03
N GLY A 82 -4.85 8.96 -25.05
CA GLY A 82 -6.17 9.56 -25.15
C GLY A 82 -6.34 10.42 -26.38
N LEU A 83 -5.39 11.33 -26.61
CA LEU A 83 -5.49 12.28 -27.72
C LEU A 83 -5.45 11.58 -29.09
N LEU A 84 -4.56 10.60 -29.24
CA LEU A 84 -4.39 9.91 -30.53
C LEU A 84 -5.53 8.93 -30.85
N THR A 85 -6.22 8.43 -29.82
CA THR A 85 -7.31 7.45 -30.02
C THR A 85 -8.73 8.03 -29.92
N GLY A 86 -8.89 9.19 -29.28
CA GLY A 86 -10.22 9.73 -28.97
C GLY A 86 -10.92 9.00 -27.83
N ARG A 87 -10.14 8.27 -27.04
CA ARG A 87 -10.66 7.37 -26.03
C ARG A 87 -9.98 7.58 -24.68
N MET A 88 -10.77 7.71 -23.62
CA MET A 88 -10.24 7.85 -22.25
C MET A 88 -9.17 6.78 -22.04
N PRO A 89 -7.93 7.20 -21.71
CA PRO A 89 -6.74 6.34 -21.79
C PRO A 89 -6.83 4.97 -21.11
N PHE A 90 -7.59 4.88 -20.01
CA PHE A 90 -7.83 3.62 -19.32
C PHE A 90 -8.42 2.57 -20.26
N ARG A 91 -9.27 2.99 -21.20
CA ARG A 91 -9.80 2.10 -22.24
C ARG A 91 -8.71 1.46 -23.11
N THR A 92 -7.61 2.18 -23.30
CA THR A 92 -6.55 1.77 -24.22
C THR A 92 -5.43 0.95 -23.55
N GLY A 93 -5.54 0.77 -22.24
CA GLY A 93 -4.57 0.01 -21.47
C GLY A 93 -3.49 0.82 -20.76
N ILE A 94 -3.51 2.14 -20.94
CA ILE A 94 -2.50 3.02 -20.36
C ILE A 94 -3.11 3.93 -19.28
N ARG A 95 -2.69 3.73 -18.03
CA ARG A 95 -3.30 4.43 -16.88
C ARG A 95 -2.36 5.42 -16.19
N SER A 96 -1.06 5.31 -16.50
CA SER A 96 -0.02 6.21 -16.02
C SER A 96 1.31 5.96 -16.74
N TRP A 97 2.38 5.88 -15.98
CA TRP A 97 3.73 5.56 -16.48
C TRP A 97 3.79 4.19 -17.16
N ILE A 98 4.67 4.06 -18.15
CA ILE A 98 4.93 2.76 -18.76
C ILE A 98 6.33 2.29 -18.33
N PRO A 99 6.38 1.29 -17.44
CA PRO A 99 7.67 0.84 -16.91
C PRO A 99 8.41 -0.09 -17.88
N SER A 100 9.73 0.03 -17.91
CA SER A 100 10.58 -0.83 -18.75
C SER A 100 10.39 -2.30 -18.40
N GLY A 101 10.35 -3.12 -19.44
CA GLY A 101 10.29 -4.58 -19.29
C GLY A 101 8.93 -5.21 -19.01
N LYS A 102 7.92 -4.38 -18.75
CA LYS A 102 6.60 -4.89 -18.40
C LYS A 102 5.63 -4.97 -19.60
N ASP A 103 4.39 -5.36 -19.36
CA ASP A 103 3.44 -5.63 -20.44
C ASP A 103 2.45 -4.47 -20.69
N VAL A 104 2.86 -3.27 -20.32
CA VAL A 104 2.06 -2.07 -20.52
C VAL A 104 2.40 -1.43 -21.85
N ALA A 105 1.39 -1.30 -22.70
CA ALA A 105 1.48 -0.61 -23.99
C ALA A 105 0.08 -0.22 -24.44
N LEU A 106 -0.01 0.60 -25.50
CA LEU A 106 -1.28 0.84 -26.18
C LEU A 106 -1.87 -0.49 -26.62
N GLY A 107 -3.19 -0.65 -26.45
CA GLY A 107 -3.90 -1.89 -26.78
C GLY A 107 -3.72 -2.26 -28.25
N ARG A 108 -3.53 -3.55 -28.51
CA ARG A 108 -3.17 -4.03 -29.87
C ARG A 108 -4.21 -3.71 -30.95
N ASN A 109 -5.50 -3.74 -30.58
CA ASN A 109 -6.59 -3.39 -31.50
C ASN A 109 -7.00 -1.91 -31.51
N GLU A 110 -6.26 -1.06 -30.80
CA GLU A 110 -6.56 0.37 -30.78
C GLU A 110 -6.15 1.00 -32.11
N LEU A 111 -6.93 1.99 -32.55
CA LEU A 111 -6.63 2.74 -33.76
C LEU A 111 -6.33 4.20 -33.42
N THR A 112 -5.27 4.75 -34.02
CA THR A 112 -4.91 6.14 -33.81
C THR A 112 -5.38 6.95 -35.01
N ILE A 113 -5.32 8.28 -34.89
CA ILE A 113 -5.58 9.20 -36.01
C ILE A 113 -4.74 8.81 -37.24
N ALA A 114 -3.50 8.40 -37.01
CA ALA A 114 -2.58 7.95 -38.06
C ALA A 114 -3.08 6.73 -38.82
N ASN A 115 -3.52 5.70 -38.08
CA ASN A 115 -4.17 4.50 -38.64
C ASN A 115 -5.31 4.86 -39.59
N LEU A 116 -6.19 5.74 -39.13
CA LEU A 116 -7.37 6.15 -39.90
C LEU A 116 -7.03 7.00 -41.11
N LEU A 117 -6.01 7.84 -40.98
CA LEU A 117 -5.62 8.71 -42.07
C LEU A 117 -4.82 7.95 -43.16
N LYS A 118 -4.06 6.95 -42.75
CA LYS A 118 -3.38 6.06 -43.68
C LYS A 118 -4.42 5.40 -44.56
N ALA A 119 -5.47 4.91 -43.95
CA ALA A 119 -6.60 4.30 -44.66
C ALA A 119 -7.38 5.26 -45.58
N GLN A 120 -7.15 6.56 -45.43
CA GLN A 120 -7.72 7.57 -46.31
C GLN A 120 -6.76 7.95 -47.43
N GLY A 121 -5.54 7.39 -47.37
CA GLY A 121 -4.52 7.64 -48.38
C GLY A 121 -3.53 8.74 -48.03
N TYR A 122 -3.26 8.92 -46.74
CA TYR A 122 -2.34 9.98 -46.28
C TYR A 122 -0.89 9.50 -46.13
N ASP A 123 0.06 10.35 -46.49
CA ASP A 123 1.46 10.19 -46.10
C ASP A 123 1.63 10.54 -44.62
N THR A 124 1.83 9.52 -43.78
CA THR A 124 1.92 9.72 -42.33
C THR A 124 3.36 9.69 -41.79
N ALA A 125 3.66 10.58 -40.84
CA ALA A 125 4.97 10.65 -40.23
C ALA A 125 4.91 11.10 -38.77
N MET A 126 5.74 10.51 -37.91
CA MET A 126 5.98 11.06 -36.55
C MET A 126 7.45 11.33 -36.25
N MET A 127 7.72 12.40 -35.51
CA MET A 127 9.09 12.74 -35.10
C MET A 127 9.05 13.13 -33.63
N GLY A 128 9.89 12.46 -32.82
CA GLY A 128 10.08 12.83 -31.41
C GLY A 128 9.56 11.79 -30.45
N LYS A 129 9.04 12.25 -29.32
CA LYS A 129 8.60 11.40 -28.22
C LYS A 129 7.37 10.55 -28.59
N LEU A 130 7.49 9.24 -28.44
CA LEU A 130 6.37 8.33 -28.66
C LEU A 130 5.71 8.01 -27.32
N HIS A 131 6.44 7.28 -26.46
CA HIS A 131 6.04 6.97 -25.09
C HIS A 131 4.67 6.25 -24.98
N LEU A 132 4.42 5.31 -25.89
CA LEU A 132 3.17 4.53 -25.87
C LEU A 132 3.40 3.01 -25.78
N ASN A 133 4.66 2.62 -25.65
CA ASN A 133 5.04 1.25 -25.39
C ASN A 133 6.22 1.19 -24.43
N ALA A 134 6.71 -0.01 -24.14
CA ALA A 134 7.79 -0.23 -23.18
C ALA A 134 9.19 -0.15 -23.78
N GLY A 135 9.26 0.20 -25.06
CA GLY A 135 10.55 0.29 -25.76
C GLY A 135 10.46 -0.13 -27.21
N GLY A 136 11.35 0.44 -28.01
CA GLY A 136 11.40 0.19 -29.46
C GLY A 136 11.85 -1.21 -29.88
N ASP A 137 12.45 -1.94 -28.94
CA ASP A 137 12.90 -3.31 -29.21
C ASP A 137 11.89 -4.38 -28.83
N ARG A 138 10.68 -3.96 -28.44
CA ARG A 138 9.61 -4.89 -28.07
C ARG A 138 8.79 -5.31 -29.30
N THR A 139 8.96 -6.57 -29.72
CA THR A 139 8.25 -7.14 -30.87
C THR A 139 6.85 -7.61 -30.49
N ASP A 140 6.59 -7.72 -29.18
CA ASP A 140 5.28 -8.11 -28.64
C ASP A 140 4.37 -6.90 -28.35
N GLN A 141 4.78 -5.73 -28.83
CA GLN A 141 4.03 -4.50 -28.55
C GLN A 141 3.95 -3.65 -29.82
N PRO A 142 2.86 -2.85 -29.98
CA PRO A 142 2.76 -1.94 -31.12
C PRO A 142 3.89 -0.92 -31.16
N GLN A 143 4.41 -0.68 -32.35
CA GLN A 143 5.43 0.35 -32.55
C GLN A 143 4.85 1.41 -33.45
N ALA A 144 5.64 2.45 -33.75
CA ALA A 144 5.17 3.58 -34.55
C ALA A 144 4.48 3.21 -35.86
N GLN A 145 5.05 2.25 -36.60
CA GLN A 145 4.43 1.78 -37.84
C GLN A 145 3.09 1.09 -37.62
N ASP A 146 3.02 0.24 -36.59
CA ASP A 146 1.76 -0.40 -36.20
C ASP A 146 0.68 0.63 -35.86
N MET A 147 1.11 1.76 -35.29
CA MET A 147 0.22 2.86 -34.91
C MET A 147 -0.16 3.76 -36.10
N GLY A 148 0.33 3.42 -37.29
CA GLY A 148 -0.07 4.08 -38.54
C GLY A 148 0.91 5.07 -39.14
N PHE A 149 2.06 5.24 -38.52
CA PHE A 149 3.07 6.16 -39.01
C PHE A 149 4.03 5.43 -39.93
N ASP A 150 4.01 5.79 -41.22
CA ASP A 150 4.85 5.12 -42.22
C ASP A 150 6.31 5.58 -42.21
N TYR A 151 6.54 6.76 -41.63
CA TYR A 151 7.88 7.25 -41.34
C TYR A 151 7.94 7.65 -39.87
N SER A 152 9.03 7.29 -39.18
CA SER A 152 9.24 7.74 -37.79
C SER A 152 10.69 8.00 -37.35
N LEU A 153 10.94 9.16 -36.71
CA LEU A 153 12.16 9.34 -35.90
C LEU A 153 11.72 9.42 -34.43
N ALA A 154 11.85 8.30 -33.73
CA ALA A 154 11.17 8.11 -32.44
C ALA A 154 12.08 7.90 -31.24
N ASN A 155 11.75 8.59 -30.14
CA ASN A 155 12.21 8.22 -28.80
C ASN A 155 11.06 7.47 -28.14
N THR A 156 11.22 6.16 -27.91
CA THR A 156 10.15 5.39 -27.28
C THR A 156 9.99 5.66 -25.78
N ALA A 157 10.98 6.34 -25.20
CA ALA A 157 11.04 6.58 -23.77
C ALA A 157 10.39 7.93 -23.39
N GLY A 158 10.14 8.12 -22.10
CA GLY A 158 9.47 9.33 -21.60
C GLY A 158 10.31 10.60 -21.49
N PHE A 159 11.62 10.49 -21.77
CA PHE A 159 12.57 11.57 -21.59
C PHE A 159 13.78 11.36 -22.50
N VAL A 160 14.53 12.42 -22.75
CA VAL A 160 15.73 12.35 -23.58
C VAL A 160 16.94 11.87 -22.76
N THR A 161 17.68 10.93 -23.35
CA THR A 161 18.92 10.41 -22.76
C THR A 161 20.07 10.80 -23.67
N ASP A 162 21.20 11.19 -23.06
CA ASP A 162 22.49 11.24 -23.75
C ASP A 162 23.37 10.20 -23.06
N ALA A 163 23.67 9.11 -23.78
CA ALA A 163 24.48 8.02 -23.24
C ALA A 163 25.92 8.44 -22.89
N THR A 164 26.46 9.41 -23.63
CA THR A 164 27.81 9.91 -23.35
C THR A 164 27.91 10.73 -22.07
N LEU A 165 26.78 11.26 -21.61
CA LEU A 165 26.73 11.91 -20.30
C LEU A 165 26.39 10.93 -19.19
N ASP A 166 25.44 10.04 -19.44
CA ASP A 166 25.07 8.99 -18.47
C ASP A 166 26.27 8.10 -18.10
N ASN A 167 27.02 7.67 -19.10
CA ASN A 167 28.15 6.76 -18.91
C ASN A 167 29.50 7.44 -18.67
N ALA A 168 29.50 8.76 -18.57
CA ALA A 168 30.72 9.53 -18.25
C ALA A 168 31.18 9.21 -16.82
N LYS A 169 32.49 9.17 -16.61
CA LYS A 169 33.07 8.64 -15.35
C LYS A 169 33.33 9.72 -14.30
N GLU A 170 33.70 10.91 -14.75
CA GLU A 170 34.03 12.03 -13.87
C GLU A 170 32.79 12.56 -13.14
N ARG A 171 33.01 13.20 -11.99
CA ARG A 171 31.95 13.86 -11.23
C ARG A 171 32.48 15.21 -10.73
N PRO A 172 31.79 16.32 -11.07
CA PRO A 172 30.56 16.46 -11.84
C PRO A 172 30.75 16.36 -13.37
N ARG A 173 29.65 16.19 -14.10
CA ARG A 173 29.68 16.09 -15.56
C ARG A 173 29.22 17.38 -16.20
N TYR A 174 29.95 17.79 -17.22
CA TYR A 174 29.62 19.01 -17.93
C TYR A 174 29.38 18.72 -19.40
N GLY A 175 28.31 19.31 -19.91
CA GLY A 175 27.98 19.19 -21.32
C GLY A 175 26.49 19.26 -21.52
N MET A 176 26.12 19.85 -22.64
CA MET A 176 24.73 19.92 -23.06
C MET A 176 24.27 18.55 -23.57
N VAL A 177 22.96 18.28 -23.46
CA VAL A 177 22.38 16.97 -23.71
C VAL A 177 22.02 16.80 -25.20
N TYR A 178 22.58 15.76 -25.83
CA TYR A 178 22.34 15.43 -27.24
C TYR A 178 21.77 14.03 -27.32
N PRO A 179 20.55 13.87 -27.88
CA PRO A 179 19.79 12.61 -27.84
C PRO A 179 20.51 11.40 -28.43
N THR A 180 20.54 10.31 -27.66
CA THR A 180 21.00 9.03 -28.14
C THR A 180 19.84 8.04 -28.06
N GLY A 181 19.93 6.94 -28.80
CA GLY A 181 18.97 5.85 -28.68
C GLY A 181 17.69 6.00 -29.47
N TRP A 182 17.61 7.03 -30.32
CA TRP A 182 16.40 7.23 -31.12
C TRP A 182 16.44 6.28 -32.31
N LEU A 183 15.26 5.97 -32.84
CA LEU A 183 15.15 5.05 -33.96
C LEU A 183 14.58 5.77 -35.16
N ARG A 184 15.27 5.67 -36.31
CA ARG A 184 14.68 6.11 -37.56
C ARG A 184 14.17 4.89 -38.30
N ASN A 185 12.84 4.81 -38.42
CA ASN A 185 12.13 3.69 -39.04
C ASN A 185 12.54 2.32 -38.50
N GLY A 186 12.61 2.23 -37.17
CA GLY A 186 12.96 0.99 -36.48
C GLY A 186 14.45 0.75 -36.31
N GLN A 187 15.27 1.56 -36.97
CA GLN A 187 16.72 1.37 -37.01
C GLN A 187 17.47 2.36 -36.13
N PRO A 188 18.44 1.87 -35.33
CA PRO A 188 19.34 2.70 -34.51
C PRO A 188 19.99 3.87 -35.26
N THR A 189 20.14 4.99 -34.56
CA THR A 189 20.73 6.20 -35.12
C THR A 189 22.01 6.55 -34.36
N PRO A 190 22.95 7.29 -35.00
CA PRO A 190 24.07 7.84 -34.23
C PRO A 190 23.60 8.91 -33.24
N ARG A 191 24.47 9.26 -32.29
CA ARG A 191 24.20 10.35 -31.35
C ARG A 191 23.92 11.62 -32.16
N ALA A 192 22.84 12.32 -31.81
CA ALA A 192 22.43 13.53 -32.53
C ALA A 192 23.48 14.61 -32.45
N ASP A 193 23.56 15.42 -33.51
CA ASP A 193 24.48 16.55 -33.58
C ASP A 193 23.74 17.85 -33.32
N LYS A 194 22.47 17.72 -32.94
CA LYS A 194 21.65 18.86 -32.51
C LYS A 194 20.95 18.48 -31.22
N MET A 195 20.65 19.49 -30.40
CA MET A 195 19.81 19.30 -29.21
C MET A 195 18.41 18.91 -29.67
N SER A 196 17.65 18.25 -28.80
CA SER A 196 16.44 17.52 -29.20
C SER A 196 15.45 18.27 -30.09
N GLY A 197 15.17 19.53 -29.74
CA GLY A 197 14.22 20.34 -30.49
C GLY A 197 14.58 20.54 -31.95
N GLU A 198 15.87 20.84 -32.17
CA GLU A 198 16.40 21.01 -33.52
C GLU A 198 16.50 19.68 -34.27
N TYR A 199 16.90 18.64 -33.55
CA TYR A 199 16.92 17.28 -34.07
C TYR A 199 15.55 16.83 -34.57
N VAL A 200 14.49 17.21 -33.84
CA VAL A 200 13.11 16.93 -34.26
C VAL A 200 12.68 17.81 -35.46
N SER A 201 12.90 19.12 -35.36
CA SER A 201 12.42 20.07 -36.35
C SER A 201 13.13 19.96 -37.71
N SER A 202 14.44 19.70 -37.67
N SER A 202 14.43 19.70 -37.68
CA SER A 202 15.22 19.46 -38.89
CA SER A 202 15.18 19.48 -38.92
C SER A 202 14.73 18.21 -39.61
C SER A 202 14.74 18.20 -39.63
N GLU A 203 14.41 17.17 -38.85
CA GLU A 203 13.83 15.94 -39.38
C GLU A 203 12.47 16.18 -40.07
N VAL A 204 11.62 16.99 -39.44
CA VAL A 204 10.30 17.36 -39.99
C VAL A 204 10.44 18.14 -41.30
N VAL A 205 11.31 19.14 -41.28
CA VAL A 205 11.57 19.98 -42.44
C VAL A 205 12.20 19.17 -43.60
N ASN A 206 13.15 18.28 -43.26
CA ASN A 206 13.75 17.38 -44.25
C ASN A 206 12.73 16.45 -44.91
N TRP A 207 11.86 15.86 -44.08
CA TRP A 207 10.84 14.92 -44.56
C TRP A 207 9.86 15.61 -45.50
N LEU A 208 9.48 16.84 -45.16
CA LEU A 208 8.66 17.68 -46.02
C LEU A 208 9.39 18.12 -47.29
N ASP A 209 10.71 18.35 -47.17
CA ASP A 209 11.56 18.69 -48.31
C ASP A 209 11.64 17.54 -49.30
N ASN A 210 11.69 16.32 -48.78
CA ASN A 210 11.86 15.15 -49.62
C ASN A 210 10.56 14.40 -49.90
N LYS A 211 9.44 15.13 -49.93
CA LYS A 211 8.13 14.54 -50.24
CA LYS A 211 8.14 14.54 -50.25
C LYS A 211 8.07 14.11 -51.71
N LYS A 212 7.55 12.90 -51.93
CA LYS A 212 7.53 12.30 -53.27
C LYS A 212 6.45 12.89 -54.18
N ASP A 213 5.25 13.06 -53.64
CA ASP A 213 4.07 13.41 -54.44
C ASP A 213 3.21 14.54 -53.86
N SER A 214 1.98 14.62 -54.33
CA SER A 214 1.02 15.62 -53.88
C SER A 214 -0.02 15.03 -52.92
N LYS A 215 0.28 13.84 -52.41
CA LYS A 215 -0.56 13.17 -51.41
C LYS A 215 -0.68 14.03 -50.15
N PRO A 216 -1.88 14.02 -49.52
CA PRO A 216 -2.02 14.78 -48.27
C PRO A 216 -1.21 14.14 -47.15
N PHE A 217 -0.67 14.95 -46.24
CA PHE A 217 0.19 14.40 -45.19
C PHE A 217 -0.34 14.61 -43.77
N PHE A 218 0.03 13.70 -42.87
CA PHE A 218 -0.20 13.88 -41.44
C PHE A 218 1.14 13.80 -40.71
N LEU A 219 1.53 14.92 -40.10
CA LEU A 219 2.73 14.98 -39.26
C LEU A 219 2.33 15.02 -37.79
N TYR A 220 2.98 14.18 -36.99
CA TYR A 220 2.83 14.25 -35.55
C TYR A 220 4.20 14.62 -34.98
N VAL A 221 4.33 15.89 -34.60
CA VAL A 221 5.60 16.46 -34.16
C VAL A 221 5.58 16.53 -32.65
N ALA A 222 6.15 15.51 -32.03
CA ALA A 222 6.11 15.36 -30.60
C ALA A 222 7.39 15.83 -29.95
N PHE A 223 7.52 17.14 -29.78
CA PHE A 223 8.71 17.74 -29.18
C PHE A 223 8.91 17.24 -27.75
N THR A 224 10.16 17.05 -27.43
CA THR A 224 10.52 16.57 -26.02
CA THR A 224 10.60 16.64 -26.15
C THR A 224 10.60 17.75 -25.09
N GLU A 225 10.73 18.96 -25.54
CA GLU A 225 10.70 20.17 -24.70
C GLU A 225 9.25 20.32 -24.19
N VAL A 226 9.03 20.76 -22.96
CA VAL A 226 10.02 21.24 -21.99
C VAL A 226 10.34 20.24 -20.87
N HIS A 227 10.29 18.95 -21.19
CA HIS A 227 10.58 17.87 -20.25
C HIS A 227 12.06 17.87 -19.88
N SER A 228 12.36 17.50 -18.63
CA SER A 228 13.74 17.29 -18.23
C SER A 228 14.32 16.10 -19.02
N PRO A 229 15.64 16.14 -19.33
CA PRO A 229 16.63 17.22 -19.12
C PRO A 229 16.54 18.34 -20.13
N LEU A 230 16.48 19.57 -19.62
CA LEU A 230 16.50 20.75 -20.49
C LEU A 230 17.83 20.81 -21.24
N ALA A 231 17.76 21.23 -22.49
CA ALA A 231 18.94 21.47 -23.30
C ALA A 231 18.58 22.62 -24.23
N SER A 232 19.29 23.73 -24.10
CA SER A 232 19.03 24.90 -24.95
C SER A 232 20.36 25.50 -25.42
N PRO A 233 20.40 25.97 -26.69
CA PRO A 233 21.51 26.77 -27.22
C PRO A 233 21.69 28.10 -26.50
N LYS A 234 22.90 28.63 -26.58
CA LYS A 234 23.33 29.82 -25.86
C LYS A 234 22.44 31.04 -26.11
N LYS A 235 21.98 31.19 -27.35
CA LYS A 235 21.06 32.26 -27.77
C LYS A 235 19.85 32.43 -26.85
N TYR A 236 19.19 31.31 -26.54
CA TYR A 236 17.99 31.31 -25.71
C TYR A 236 18.35 31.48 -24.24
N LEU A 237 19.48 30.86 -23.85
CA LEU A 237 20.04 31.03 -22.51
C LEU A 237 20.38 32.50 -22.19
N ASP A 238 21.00 33.18 -23.15
CA ASP A 238 21.37 34.59 -23.03
C ASP A 238 20.16 35.51 -22.85
N MET A 239 19.00 35.10 -23.38
CA MET A 239 17.75 35.88 -23.28
C MET A 239 17.29 36.04 -21.82
N TYR A 240 17.70 35.11 -20.97
CA TYR A 240 17.24 35.05 -19.57
C TYR A 240 18.36 35.05 -18.54
N SER A 241 19.44 35.77 -18.81
CA SER A 241 20.60 35.81 -17.90
C SER A 241 20.29 36.44 -16.54
N GLN A 242 19.29 37.33 -16.49
CA GLN A 242 18.82 37.92 -15.23
C GLN A 242 18.24 36.86 -14.30
N TYR A 243 17.73 35.78 -14.89
CA TYR A 243 16.99 34.74 -14.17
C TYR A 243 17.82 33.52 -13.87
N MET A 244 19.13 33.67 -14.04
CA MET A 244 20.07 32.64 -13.67
C MET A 244 20.71 33.00 -12.33
N SER A 245 20.91 31.98 -11.49
CA SER A 245 21.61 32.17 -10.23
C SER A 245 23.11 32.28 -10.52
N ALA A 246 23.87 32.80 -9.55
CA ALA A 246 25.32 32.89 -9.68
C ALA A 246 25.94 31.50 -9.88
N TYR A 247 25.37 30.47 -9.24
CA TYR A 247 25.88 29.12 -9.44
C TYR A 247 25.67 28.61 -10.86
N GLN A 248 24.50 28.88 -11.43
CA GLN A 248 24.23 28.53 -12.83
C GLN A 248 25.24 29.21 -13.74
N LYS A 249 25.50 30.50 -13.51
CA LYS A 249 26.44 31.26 -14.35
C LYS A 249 27.87 30.70 -14.30
N GLN A 250 28.30 30.23 -13.12
CA GLN A 250 29.59 29.55 -12.96
C GLN A 250 29.59 28.13 -13.53
N HIS A 251 28.43 27.46 -13.52
CA HIS A 251 28.32 26.06 -14.00
C HIS A 251 27.18 25.82 -15.01
N PRO A 252 27.18 26.53 -16.17
CA PRO A 252 25.96 26.51 -17.01
C PRO A 252 25.70 25.17 -17.70
N ASP A 253 26.76 24.41 -17.94
N ASP A 253 26.75 24.41 -17.95
CA ASP A 253 26.74 23.13 -18.65
CA ASP A 253 26.65 23.14 -18.65
C ASP A 253 26.58 21.93 -17.73
C ASP A 253 26.67 21.94 -17.71
N LEU A 254 26.39 22.17 -16.43
CA LEU A 254 26.32 21.09 -15.45
C LEU A 254 25.18 20.12 -15.76
N PHE A 255 25.53 18.85 -15.94
CA PHE A 255 24.58 17.79 -16.25
C PHE A 255 23.56 17.59 -15.14
N TYR A 256 22.29 17.51 -15.52
CA TYR A 256 21.20 17.37 -14.55
C TYR A 256 21.30 16.17 -13.61
N GLY A 257 22.04 15.13 -14.03
CA GLY A 257 22.28 13.94 -13.23
C GLY A 257 23.08 14.24 -11.96
N ASP A 258 23.71 15.41 -11.97
CA ASP A 258 24.54 15.87 -10.88
C ASP A 258 23.99 17.10 -10.12
N TRP A 259 22.67 17.32 -10.19
CA TRP A 259 22.05 18.51 -9.60
C TRP A 259 21.57 18.37 -8.14
N ALA A 260 21.44 17.13 -7.64
CA ALA A 260 20.81 16.87 -6.32
C ALA A 260 21.44 17.58 -5.11
N ASP A 261 22.75 17.80 -5.17
CA ASP A 261 23.50 18.34 -4.05
C ASP A 261 24.07 19.72 -4.35
N LYS A 262 23.54 20.34 -5.40
CA LYS A 262 24.06 21.61 -5.88
C LYS A 262 23.09 22.75 -5.56
N PRO A 263 23.60 24.00 -5.49
CA PRO A 263 22.72 25.17 -5.35
C PRO A 263 21.67 25.31 -6.45
N TRP A 264 20.65 26.11 -6.15
CA TRP A 264 19.56 26.39 -7.09
C TRP A 264 20.12 27.10 -8.32
N ARG A 265 19.54 26.79 -9.48
CA ARG A 265 20.02 27.31 -10.76
C ARG A 265 19.23 28.52 -11.23
N GLY A 266 18.18 28.85 -10.49
CA GLY A 266 17.25 29.88 -10.96
C GLY A 266 16.22 29.32 -11.92
N VAL A 267 15.54 30.22 -12.61
CA VAL A 267 14.42 29.86 -13.47
C VAL A 267 14.73 30.05 -14.98
N GLY A 268 15.90 30.59 -15.29
CA GLY A 268 16.24 31.01 -16.65
C GLY A 268 16.41 29.89 -17.66
N GLU A 269 17.00 28.77 -17.22
CA GLU A 269 17.16 27.59 -18.08
C GLU A 269 15.81 27.03 -18.55
N TYR A 270 14.82 27.04 -17.66
CA TYR A 270 13.44 26.69 -18.03
C TYR A 270 12.86 27.61 -19.11
N TYR A 271 13.00 28.93 -18.93
CA TYR A 271 12.46 29.89 -19.89
C TYR A 271 13.18 29.80 -21.24
N ALA A 272 14.51 29.63 -21.17
CA ALA A 272 15.33 29.38 -22.36
C ALA A 272 14.78 28.19 -23.15
N ASN A 273 14.45 27.10 -22.44
CA ASN A 273 13.88 25.93 -23.08
C ASN A 273 12.51 26.17 -23.71
N ILE A 274 11.68 26.98 -23.08
CA ILE A 274 10.40 27.38 -23.68
C ILE A 274 10.60 28.16 -25.00
N SER A 275 11.52 29.13 -24.99
CA SER A 275 11.83 29.91 -26.20
C SER A 275 12.45 29.06 -27.31
N TYR A 276 13.25 28.06 -26.93
CA TYR A 276 13.83 27.11 -27.86
C TYR A 276 12.74 26.28 -28.55
N LEU A 277 11.86 25.65 -27.77
CA LEU A 277 10.63 25.04 -28.29
C LEU A 277 9.87 25.94 -29.26
N ASP A 278 9.60 27.18 -28.84
CA ASP A 278 8.89 28.15 -29.66
C ASP A 278 9.56 28.31 -31.04
N ALA A 279 10.89 28.40 -31.04
CA ALA A 279 11.68 28.58 -32.26
C ALA A 279 11.54 27.39 -33.21
N GLN A 280 11.55 26.18 -32.65
CA GLN A 280 11.44 24.94 -33.42
C GLN A 280 10.03 24.72 -33.97
N VAL A 281 9.02 25.07 -33.18
CA VAL A 281 7.65 25.16 -33.67
C VAL A 281 7.60 26.13 -34.87
N GLY A 282 8.22 27.31 -34.71
CA GLY A 282 8.29 28.32 -35.76
C GLY A 282 8.91 27.81 -37.05
N LYS A 283 9.94 26.97 -36.92
CA LYS A 283 10.63 26.36 -38.06
CA LYS A 283 10.61 26.39 -38.09
C LYS A 283 9.70 25.41 -38.83
N VAL A 284 8.89 24.67 -38.09
CA VAL A 284 7.91 23.76 -38.69
C VAL A 284 6.80 24.57 -39.39
N LEU A 285 6.29 25.60 -38.73
CA LEU A 285 5.25 26.45 -39.29
C LEU A 285 5.71 27.22 -40.53
N ASP A 286 6.95 27.71 -40.49
CA ASP A 286 7.55 28.43 -41.63
C ASP A 286 7.75 27.54 -42.85
N LYS A 287 8.06 26.26 -42.61
CA LYS A 287 8.15 25.28 -43.69
C LYS A 287 6.80 24.99 -44.36
N ILE A 288 5.74 24.83 -43.56
CA ILE A 288 4.36 24.68 -44.08
C ILE A 288 3.93 25.86 -44.97
N LYS A 289 4.24 27.08 -44.53
CA LYS A 289 3.90 28.28 -45.30
C LYS A 289 4.73 28.40 -46.59
N ALA A 290 6.04 28.15 -46.48
CA ALA A 290 6.98 28.25 -47.60
C ALA A 290 6.66 27.27 -48.73
N MET A 291 6.22 26.07 -48.38
CA MET A 291 5.91 25.05 -49.39
C MET A 291 4.53 25.23 -50.05
N GLY A 292 3.86 26.33 -49.71
CA GLY A 292 2.55 26.69 -50.27
C GLY A 292 1.37 25.94 -49.67
N GLU A 293 1.51 25.47 -48.43
CA GLU A 293 0.48 24.63 -47.81
C GLU A 293 -0.25 25.23 -46.60
N GLU A 294 -0.16 26.54 -46.40
CA GLU A 294 -0.84 27.19 -45.28
C GLU A 294 -2.36 27.05 -45.36
N ASP A 295 -2.92 27.23 -46.56
CA ASP A 295 -4.37 27.22 -46.73
C ASP A 295 -4.98 25.82 -46.82
N ASN A 296 -4.14 24.78 -46.83
CA ASN A 296 -4.57 23.39 -46.94
CA ASN A 296 -4.64 23.42 -46.90
C ASN A 296 -4.25 22.56 -45.69
N THR A 297 -3.63 23.19 -44.68
CA THR A 297 -3.14 22.44 -43.52
C THR A 297 -3.86 22.83 -42.22
N ILE A 298 -4.45 21.84 -41.57
CA ILE A 298 -4.93 21.98 -40.18
C ILE A 298 -3.74 21.81 -39.25
N VAL A 299 -3.49 22.83 -38.43
CA VAL A 299 -2.42 22.80 -37.45
C VAL A 299 -3.02 22.83 -36.04
N ILE A 300 -2.65 21.86 -35.21
CA ILE A 300 -3.04 21.83 -33.80
C ILE A 300 -1.77 21.91 -32.94
N PHE A 301 -1.69 22.93 -32.09
CA PHE A 301 -0.63 23.00 -31.09
C PHE A 301 -1.18 22.81 -29.70
N THR A 302 -0.64 21.83 -28.98
CA THR A 302 -1.06 21.57 -27.61
C THR A 302 0.08 20.97 -26.76
N SER A 303 -0.23 20.69 -25.50
CA SER A 303 0.71 20.11 -24.56
C SER A 303 0.07 18.85 -23.97
N ASP A 304 0.86 17.88 -23.54
CA ASP A 304 0.26 16.65 -23.03
C ASP A 304 -0.19 16.67 -21.57
N ASN A 305 0.37 17.56 -20.75
CA ASN A 305 -0.05 17.68 -19.34
C ASN A 305 0.50 18.93 -18.71
N GLY A 306 0.03 19.23 -17.49
CA GLY A 306 0.49 20.39 -16.74
C GLY A 306 1.98 20.31 -16.37
N PRO A 307 2.57 21.41 -15.90
CA PRO A 307 4.03 21.44 -15.87
C PRO A 307 4.63 20.87 -14.58
N VAL A 308 5.95 20.67 -14.63
CA VAL A 308 6.73 20.57 -13.41
C VAL A 308 7.04 22.00 -13.03
N THR A 309 6.61 22.39 -11.84
CA THR A 309 6.78 23.74 -11.34
C THR A 309 8.00 23.80 -10.44
N ARG A 310 8.07 24.82 -9.57
CA ARG A 310 9.10 24.90 -8.52
C ARG A 310 8.90 23.78 -7.48
N GLU A 311 7.73 23.14 -7.52
CA GLU A 311 7.38 22.04 -6.61
C GLU A 311 7.94 20.70 -7.15
N ALA A 312 9.25 20.50 -7.01
CA ALA A 312 9.90 19.25 -7.42
C ALA A 312 9.61 18.12 -6.45
N ARG A 313 9.25 16.97 -7.01
CA ARG A 313 8.86 15.78 -6.26
C ARG A 313 9.86 14.63 -6.49
N LYS A 314 10.73 14.79 -7.48
CA LYS A 314 11.67 13.76 -7.93
C LYS A 314 13.01 14.41 -8.26
N VAL A 315 14.08 13.62 -8.21
CA VAL A 315 15.43 14.13 -8.49
C VAL A 315 15.62 14.59 -9.95
N TYR A 316 14.77 14.10 -10.86
CA TYR A 316 14.81 14.53 -12.25
C TYR A 316 13.91 15.74 -12.52
N GLU A 317 13.27 16.26 -11.47
CA GLU A 317 12.40 17.44 -11.57
C GLU A 317 13.00 18.76 -11.06
N LEU A 318 14.31 18.75 -10.72
CA LEU A 318 14.97 19.90 -10.12
C LEU A 318 15.18 21.06 -11.07
N ASN A 319 15.15 22.27 -10.51
CA ASN A 319 15.49 23.51 -11.20
C ASN A 319 14.62 23.80 -12.44
N LEU A 320 13.32 23.53 -12.30
CA LEU A 320 12.33 23.81 -13.33
C LEU A 320 11.37 24.88 -12.77
N ALA A 321 10.54 25.47 -13.63
CA ALA A 321 9.78 26.67 -13.24
C ALA A 321 8.47 26.84 -14.02
N GLY A 322 7.78 25.72 -14.26
CA GLY A 322 6.48 25.73 -14.92
C GLY A 322 5.46 26.61 -14.21
N GLU A 323 4.55 27.17 -15.00
CA GLU A 323 3.54 28.06 -14.48
C GLU A 323 2.15 27.53 -14.83
N THR A 324 1.18 27.77 -13.95
CA THR A 324 -0.21 27.33 -14.15
C THR A 324 -1.23 28.48 -14.19
N ASP A 325 -0.77 29.72 -14.34
CA ASP A 325 -1.68 30.90 -14.31
C ASP A 325 -2.48 30.91 -12.98
N GLY A 326 -1.80 30.52 -11.91
CA GLY A 326 -2.44 30.45 -10.59
C GLY A 326 -3.23 29.18 -10.31
N LEU A 327 -3.51 28.36 -11.33
CA LEU A 327 -4.38 27.18 -11.17
C LEU A 327 -3.72 26.17 -10.21
N ARG A 328 -4.54 25.49 -9.42
CA ARG A 328 -4.07 24.57 -8.40
C ARG A 328 -3.41 23.32 -9.01
N GLY A 329 -2.33 22.84 -8.40
CA GLY A 329 -1.72 21.58 -8.79
C GLY A 329 -0.80 21.70 -9.98
N ARG A 330 -0.26 20.56 -10.42
CA ARG A 330 0.73 20.54 -11.48
C ARG A 330 0.73 19.13 -12.08
N LYS A 331 1.71 18.83 -12.94
CA LYS A 331 1.90 17.46 -13.43
C LYS A 331 1.68 16.44 -12.32
N ASP A 332 0.90 15.39 -12.62
CA ASP A 332 0.47 14.30 -11.70
C ASP A 332 -0.95 14.52 -11.16
N ASN A 333 -1.32 15.79 -10.98
CA ASN A 333 -2.49 16.18 -10.18
C ASN A 333 -3.72 16.38 -11.06
N LEU A 334 -4.92 16.08 -10.53
CA LEU A 334 -6.17 16.23 -11.28
C LEU A 334 -6.83 17.59 -11.02
N TRP A 335 -6.21 18.38 -10.14
CA TRP A 335 -6.58 19.81 -10.05
C TRP A 335 -6.26 20.50 -11.36
N GLU A 336 -6.87 21.66 -11.59
CA GLU A 336 -6.78 22.35 -12.88
C GLU A 336 -5.39 22.49 -13.53
N GLY A 337 -4.36 22.81 -12.74
CA GLY A 337 -3.01 23.07 -13.27
C GLY A 337 -2.29 21.79 -13.73
N GLY A 338 -2.85 20.64 -13.37
CA GLY A 338 -2.32 19.36 -13.84
C GLY A 338 -2.85 18.97 -15.20
N ILE A 339 -4.08 19.40 -15.49
CA ILE A 339 -4.81 18.96 -16.66
C ILE A 339 -5.15 20.06 -17.68
N ARG A 340 -5.33 21.30 -17.22
CA ARG A 340 -5.59 22.38 -18.17
C ARG A 340 -4.28 22.78 -18.86
N VAL A 341 -4.29 22.81 -20.19
CA VAL A 341 -3.06 23.08 -20.95
C VAL A 341 -3.34 23.97 -22.17
N PRO A 342 -2.31 24.64 -22.70
CA PRO A 342 -2.53 25.41 -23.93
C PRO A 342 -3.07 24.56 -25.09
N ALA A 343 -3.93 25.15 -25.91
CA ALA A 343 -4.31 24.53 -27.20
C ALA A 343 -4.68 25.61 -28.20
N ILE A 344 -4.14 25.47 -29.40
CA ILE A 344 -4.38 26.41 -30.49
C ILE A 344 -4.65 25.58 -31.77
N ILE A 345 -5.64 26.00 -32.55
CA ILE A 345 -5.93 25.37 -33.86
C ILE A 345 -5.95 26.43 -34.94
N LYS A 346 -5.25 26.16 -36.04
CA LYS A 346 -5.24 27.02 -37.21
C LYS A 346 -5.51 26.18 -38.46
N TYR A 347 -6.28 26.72 -39.40
CA TYR A 347 -6.54 26.08 -40.69
C TYR A 347 -6.66 27.16 -41.77
N GLY A 348 -5.51 27.63 -42.25
CA GLY A 348 -5.43 28.73 -43.22
C GLY A 348 -6.31 29.90 -42.84
N LYS A 349 -7.20 30.27 -43.76
CA LYS A 349 -8.17 31.34 -43.54
C LYS A 349 -9.59 30.81 -43.32
N HIS A 350 -9.71 29.51 -43.00
CA HIS A 350 -11.02 28.88 -42.86
C HIS A 350 -11.62 29.04 -41.47
N LEU A 351 -10.79 29.39 -40.48
CA LEU A 351 -11.25 29.57 -39.10
C LEU A 351 -11.21 31.06 -38.75
N PRO A 352 -11.96 31.50 -37.71
CA PRO A 352 -11.80 32.89 -37.27
C PRO A 352 -10.38 33.16 -36.76
N GLN A 353 -9.72 34.17 -37.31
CA GLN A 353 -8.36 34.55 -36.88
C GLN A 353 -8.40 35.36 -35.59
N GLY A 354 -7.61 34.92 -34.61
CA GLY A 354 -7.52 35.60 -33.32
C GLY A 354 -8.69 35.42 -32.38
N MET A 355 -9.55 34.44 -32.65
CA MET A 355 -10.67 34.11 -31.78
C MET A 355 -10.11 33.42 -30.53
N VAL A 356 -10.65 33.79 -29.37
CA VAL A 356 -10.33 33.13 -28.12
C VAL A 356 -11.61 32.48 -27.60
N SER A 357 -11.55 31.18 -27.32
CA SER A 357 -12.69 30.41 -26.83
C SER A 357 -12.49 29.96 -25.38
N ASP A 358 -13.49 30.19 -24.54
CA ASP A 358 -13.49 29.66 -23.18
C ASP A 358 -14.46 28.47 -22.99
N THR A 359 -14.91 27.89 -24.10
CA THR A 359 -15.69 26.66 -24.06
C THR A 359 -14.80 25.50 -23.54
N PRO A 360 -15.25 24.80 -22.47
CA PRO A 360 -14.55 23.60 -21.97
C PRO A 360 -14.46 22.51 -23.05
N VAL A 361 -13.21 22.15 -23.38
CA VAL A 361 -12.92 21.17 -24.42
C VAL A 361 -11.72 20.34 -23.95
N TYR A 362 -11.46 19.20 -24.59
CA TYR A 362 -10.30 18.40 -24.19
C TYR A 362 -9.75 17.48 -25.26
N GLY A 363 -8.59 16.90 -24.98
CA GLY A 363 -7.84 16.06 -25.93
C GLY A 363 -8.64 14.99 -26.63
N LEU A 364 -9.59 14.40 -25.92
CA LEU A 364 -10.50 13.38 -26.48
C LEU A 364 -11.44 13.91 -27.56
N ASP A 365 -11.64 15.23 -27.60
CA ASP A 365 -12.47 15.86 -28.64
C ASP A 365 -11.84 15.90 -30.03
N TRP A 366 -10.51 15.80 -30.12
CA TRP A 366 -9.84 15.99 -31.41
C TRP A 366 -10.23 14.95 -32.46
N MET A 367 -10.32 13.68 -32.05
CA MET A 367 -10.72 12.61 -32.98
C MET A 367 -12.04 12.90 -33.74
N PRO A 368 -13.19 13.05 -33.03
CA PRO A 368 -14.40 13.45 -33.78
C PRO A 368 -14.32 14.77 -34.53
N THR A 369 -13.55 15.73 -34.00
CA THR A 369 -13.38 17.04 -34.67
C THR A 369 -12.72 16.86 -36.04
N LEU A 370 -11.64 16.09 -36.05
CA LEU A 370 -10.87 15.86 -37.26
C LEU A 370 -11.60 14.95 -38.23
N ALA A 371 -12.37 13.99 -37.72
CA ALA A 371 -13.26 13.19 -38.58
C ALA A 371 -14.18 14.08 -39.40
N LYS A 372 -14.79 15.05 -38.74
CA LYS A 372 -15.67 16.00 -39.39
C LYS A 372 -14.93 16.96 -40.32
N MET A 373 -13.83 17.55 -39.82
CA MET A 373 -13.04 18.53 -40.57
C MET A 373 -12.33 17.93 -41.80
N MET A 374 -11.95 16.66 -41.71
CA MET A 374 -11.09 16.02 -42.71
C MET A 374 -11.85 15.03 -43.58
N ASN A 375 -13.15 14.91 -43.29
CA ASN A 375 -14.11 14.12 -44.06
C ASN A 375 -13.80 12.61 -44.11
N PHE A 376 -13.59 12.03 -42.94
CA PHE A 376 -13.55 10.57 -42.80
C PHE A 376 -14.52 10.15 -41.72
N LYS A 377 -15.02 8.91 -41.79
CA LYS A 377 -15.94 8.41 -40.77
C LYS A 377 -15.19 7.67 -39.68
N LEU A 378 -15.68 7.79 -38.45
CA LEU A 378 -15.11 7.09 -37.32
C LEU A 378 -15.61 5.66 -37.31
N PRO A 379 -14.78 4.71 -36.85
CA PRO A 379 -15.27 3.34 -36.62
C PRO A 379 -16.46 3.29 -35.64
N THR A 380 -17.40 2.39 -35.89
CA THR A 380 -18.59 2.28 -35.07
C THR A 380 -18.62 0.99 -34.25
N ASP A 381 -17.47 0.31 -34.21
CA ASP A 381 -17.32 -0.89 -33.40
C ASP A 381 -16.72 -0.59 -32.01
N ARG A 382 -16.60 0.69 -31.67
CA ARG A 382 -15.97 1.09 -30.40
C ARG A 382 -16.47 2.44 -29.87
N THR A 383 -16.35 2.61 -28.55
CA THR A 383 -16.77 3.83 -27.85
C THR A 383 -15.73 4.93 -28.01
N PHE A 384 -16.19 6.12 -28.38
CA PHE A 384 -15.36 7.33 -28.32
C PHE A 384 -15.97 8.25 -27.27
N ASP A 385 -15.12 9.00 -26.57
CA ASP A 385 -15.57 9.81 -25.42
C ASP A 385 -15.80 11.29 -25.71
N GLY A 386 -15.25 11.77 -26.84
CA GLY A 386 -15.23 13.21 -27.13
C GLY A 386 -16.36 13.70 -28.02
N GLU A 387 -16.34 15.00 -28.31
CA GLU A 387 -17.33 15.65 -29.16
C GLU A 387 -16.64 16.48 -30.23
N SER A 388 -17.23 16.57 -31.42
CA SER A 388 -16.72 17.47 -32.45
C SER A 388 -16.77 18.93 -31.98
N LEU A 389 -15.65 19.63 -32.16
CA LEU A 389 -15.52 21.04 -31.79
C LEU A 389 -15.81 22.00 -32.93
N VAL A 390 -16.19 21.44 -34.09
CA VAL A 390 -16.60 22.25 -35.24
C VAL A 390 -17.66 23.33 -34.88
N PRO A 391 -18.70 22.98 -34.05
CA PRO A 391 -19.62 24.04 -33.59
C PRO A 391 -18.94 25.21 -32.87
N VAL A 392 -17.91 24.93 -32.05
CA VAL A 392 -17.14 25.97 -31.36
C VAL A 392 -16.46 26.90 -32.38
N LEU A 393 -15.83 26.29 -33.39
CA LEU A 393 -15.15 27.04 -34.47
C LEU A 393 -16.09 27.85 -35.36
N GLU A 394 -17.35 27.40 -35.40
CA GLU A 394 -18.38 28.04 -36.20
C GLU A 394 -19.19 29.06 -35.39
N GLN A 395 -18.75 29.29 -34.17
CA GLN A 395 -19.35 30.26 -33.23
C GLN A 395 -20.77 29.86 -32.82
N LYS A 396 -20.98 28.55 -32.67
CA LYS A 396 -22.25 27.99 -32.21
C LYS A 396 -22.04 27.35 -30.83
N ALA A 397 -23.14 27.05 -30.15
CA ALA A 397 -23.08 26.36 -28.86
C ALA A 397 -22.60 24.93 -29.05
N LEU A 398 -21.85 24.44 -28.06
CA LEU A 398 -21.42 23.05 -28.02
C LEU A 398 -22.31 22.29 -27.06
N LYS A 399 -23.08 21.37 -27.61
CA LYS A 399 -23.98 20.60 -26.82
C LYS A 399 -23.32 19.31 -26.50
N ARG A 400 -22.84 19.20 -25.28
CA ARG A 400 -22.06 18.04 -24.85
C ARG A 400 -22.95 17.09 -24.06
N GLU A 401 -23.03 15.84 -24.54
CA GLU A 401 -23.92 14.86 -23.95
C GLU A 401 -23.35 14.24 -22.69
N LYS A 402 -22.02 14.11 -22.65
CA LYS A 402 -21.32 13.48 -21.53
CA LYS A 402 -21.33 13.48 -21.54
C LYS A 402 -20.47 14.50 -20.79
N PRO A 403 -20.24 14.28 -19.47
CA PRO A 403 -19.25 15.14 -18.81
C PRO A 403 -17.81 14.87 -19.33
N LEU A 404 -16.87 15.76 -19.06
CA LEU A 404 -15.45 15.49 -19.35
C LEU A 404 -14.95 14.55 -18.28
N ILE A 405 -14.13 13.56 -18.67
CA ILE A 405 -13.63 12.56 -17.73
C ILE A 405 -12.09 12.49 -17.78
N PHE A 406 -11.48 12.49 -16.60
CA PHE A 406 -10.03 12.49 -16.45
C PHE A 406 -9.62 11.38 -15.50
N GLY A 407 -8.44 10.82 -15.72
CA GLY A 407 -7.92 9.82 -14.80
C GLY A 407 -6.41 9.76 -14.71
N ILE A 408 -5.93 9.29 -13.56
CA ILE A 408 -4.53 8.90 -13.36
C ILE A 408 -4.46 7.82 -12.28
N ASP A 409 -3.74 6.75 -12.56
CA ASP A 409 -3.53 5.68 -11.59
C ASP A 409 -2.04 5.68 -11.18
N MET A 410 -1.73 6.48 -10.15
CA MET A 410 -0.36 6.77 -9.74
C MET A 410 -0.19 6.46 -8.26
N PRO A 411 0.15 5.19 -7.93
CA PRO A 411 0.36 4.82 -6.54
C PRO A 411 1.70 5.31 -5.96
N PHE A 412 1.85 5.17 -4.65
CA PHE A 412 3.12 5.35 -3.90
C PHE A 412 3.70 6.76 -3.92
N GLN A 413 2.86 7.78 -4.06
CA GLN A 413 3.36 9.16 -4.07
C GLN A 413 3.45 9.67 -2.65
N ASP A 414 4.40 10.57 -2.40
CA ASP A 414 4.58 11.17 -1.07
C ASP A 414 3.27 11.79 -0.57
N ASP A 415 2.68 12.64 -1.41
CA ASP A 415 1.31 13.07 -1.22
C ASP A 415 0.46 12.26 -2.19
N PRO A 416 -0.37 11.34 -1.66
CA PRO A 416 -1.16 10.44 -2.52
C PRO A 416 -2.00 11.18 -3.57
N THR A 417 -1.86 10.74 -4.82
CA THR A 417 -2.63 11.30 -5.91
C THR A 417 -4.07 10.82 -5.83
N ASP A 418 -4.97 11.56 -6.47
CA ASP A 418 -6.33 11.10 -6.66
C ASP A 418 -6.42 10.40 -8.01
N GLU A 419 -7.54 9.70 -8.25
CA GLU A 419 -7.60 8.79 -9.39
C GLU A 419 -8.52 9.23 -10.54
N TRP A 420 -9.64 9.87 -10.20
CA TRP A 420 -10.59 10.33 -11.22
C TRP A 420 -11.00 11.78 -11.01
N ALA A 421 -11.30 12.46 -12.11
CA ALA A 421 -12.02 13.74 -12.06
C ALA A 421 -13.09 13.77 -13.14
N ILE A 422 -14.22 14.38 -12.81
CA ILE A 422 -15.29 14.56 -13.78
CA ILE A 422 -15.31 14.53 -13.73
C ILE A 422 -15.72 16.01 -13.78
N ARG A 423 -15.91 16.55 -14.98
CA ARG A 423 -16.29 17.95 -15.18
C ARG A 423 -17.62 18.04 -15.92
N ASP A 424 -18.60 18.68 -15.28
CA ASP A 424 -19.95 18.76 -15.82
C ASP A 424 -20.50 20.16 -15.58
N GLY A 425 -20.52 20.97 -16.64
CA GLY A 425 -20.87 22.39 -16.50
C GLY A 425 -19.77 23.06 -15.72
N ASP A 426 -20.15 23.85 -14.71
CA ASP A 426 -19.17 24.50 -13.83
C ASP A 426 -18.69 23.63 -12.67
N TRP A 427 -19.29 22.44 -12.54
CA TRP A 427 -19.02 21.54 -11.43
C TRP A 427 -17.90 20.57 -11.76
N LYS A 428 -17.04 20.34 -10.78
CA LYS A 428 -15.93 19.42 -10.93
C LYS A 428 -15.78 18.60 -9.68
N MET A 429 -15.78 17.27 -9.83
CA MET A 429 -15.62 16.36 -8.70
C MET A 429 -14.34 15.56 -8.86
N ILE A 430 -13.58 15.39 -7.77
CA ILE A 430 -12.35 14.59 -7.79
C ILE A 430 -12.54 13.44 -6.82
N ILE A 431 -12.23 12.24 -7.31
CA ILE A 431 -12.48 10.97 -6.63
C ILE A 431 -11.15 10.35 -6.23
N ASP A 432 -11.06 9.88 -5.00
CA ASP A 432 -9.80 9.32 -4.50
C ASP A 432 -9.56 7.89 -5.01
N ARG A 433 -8.45 7.27 -4.59
CA ARG A 433 -8.06 5.95 -5.08
C ARG A 433 -8.94 4.79 -4.55
N ASN A 434 -10.08 5.14 -3.94
CA ASN A 434 -11.02 4.22 -3.31
C ASN A 434 -12.50 4.49 -3.63
N ASN A 435 -12.75 5.12 -4.78
CA ASN A 435 -14.12 5.49 -5.24
C ASN A 435 -14.88 6.47 -4.34
N LYS A 436 -14.17 7.15 -3.46
CA LYS A 436 -14.81 8.13 -2.59
C LYS A 436 -14.58 9.55 -3.12
N PRO A 437 -15.66 10.35 -3.26
CA PRO A 437 -15.49 11.76 -3.61
C PRO A 437 -14.64 12.44 -2.55
N LYS A 438 -13.56 13.09 -2.98
CA LYS A 438 -12.71 13.80 -2.06
C LYS A 438 -12.89 15.30 -2.21
N TYR A 439 -13.07 15.77 -3.45
CA TYR A 439 -13.30 17.20 -3.68
C TYR A 439 -14.48 17.44 -4.62
N LEU A 440 -15.14 18.56 -4.40
CA LEU A 440 -16.18 19.06 -5.28
C LEU A 440 -16.07 20.58 -5.33
N TYR A 441 -15.84 21.12 -6.51
CA TYR A 441 -15.69 22.55 -6.71
C TYR A 441 -16.69 23.07 -7.73
N ASN A 442 -17.16 24.29 -7.51
CA ASN A 442 -17.79 25.05 -8.58
C ASN A 442 -16.71 25.96 -9.13
N LEU A 443 -16.23 25.63 -10.33
CA LEU A 443 -15.07 26.33 -10.91
C LEU A 443 -15.36 27.78 -11.33
N LYS A 444 -16.64 28.12 -11.50
CA LYS A 444 -17.00 29.48 -11.90
CA LYS A 444 -17.08 29.48 -11.89
C LYS A 444 -16.95 30.44 -10.71
N SER A 445 -17.18 29.92 -9.49
CA SER A 445 -17.05 30.72 -8.27
C SER A 445 -15.74 30.45 -7.52
N ASP A 446 -14.98 29.45 -7.99
CA ASP A 446 -13.77 28.97 -7.28
C ASP A 446 -12.75 28.47 -8.30
N ARG A 447 -12.16 29.42 -9.04
CA ARG A 447 -11.18 29.14 -10.08
C ARG A 447 -10.01 28.30 -9.58
N TYR A 448 -9.61 28.53 -8.32
CA TYR A 448 -8.36 28.01 -7.78
C TYR A 448 -8.56 26.78 -6.92
N GLU A 449 -9.80 26.27 -6.90
CA GLU A 449 -10.10 25.02 -6.22
C GLU A 449 -9.70 25.03 -4.73
N THR A 450 -10.10 26.10 -4.05
CA THR A 450 -9.81 26.26 -2.62
C THR A 450 -11.07 26.21 -1.73
N LEU A 451 -12.23 26.06 -2.34
CA LEU A 451 -13.50 26.01 -1.59
C LEU A 451 -14.22 24.68 -1.77
N ASN A 452 -13.70 23.64 -1.12
CA ASN A 452 -14.24 22.30 -1.23
C ASN A 452 -15.69 22.27 -0.75
N LEU A 453 -16.57 21.75 -1.59
CA LEU A 453 -18.00 21.71 -1.29
C LEU A 453 -18.54 20.34 -0.85
N ILE A 454 -17.66 19.34 -0.73
CA ILE A 454 -18.02 18.05 -0.14
C ILE A 454 -18.61 18.27 1.26
N GLY A 455 -19.78 17.67 1.50
CA GLY A 455 -20.50 17.79 2.76
C GLY A 455 -21.32 19.07 2.86
N LYS A 456 -21.27 19.89 1.82
CA LYS A 456 -21.93 21.20 1.82
C LYS A 456 -22.99 21.37 0.71
N LYS A 457 -23.00 20.44 -0.24
CA LYS A 457 -23.90 20.52 -1.41
C LYS A 457 -24.46 19.13 -1.73
N PRO A 458 -25.27 18.56 -0.81
CA PRO A 458 -25.57 17.12 -0.81
C PRO A 458 -26.16 16.61 -2.12
N ASP A 459 -27.03 17.42 -2.72
CA ASP A 459 -27.69 16.98 -3.95
CA ASP A 459 -27.73 17.14 -3.99
C ASP A 459 -26.82 17.13 -5.22
N ILE A 460 -25.95 18.14 -5.28
CA ILE A 460 -24.97 18.22 -6.38
C ILE A 460 -23.95 17.08 -6.24
N GLU A 461 -23.54 16.83 -5.00
CA GLU A 461 -22.67 15.68 -4.67
C GLU A 461 -23.23 14.36 -5.18
N LYS A 462 -24.52 14.11 -4.96
CA LYS A 462 -25.11 12.84 -5.36
C LYS A 462 -25.25 12.73 -6.88
N GLN A 463 -25.60 13.84 -7.53
CA GLN A 463 -25.70 13.89 -8.99
C GLN A 463 -24.36 13.63 -9.67
N MET A 464 -23.33 14.36 -9.22
CA MET A 464 -21.97 14.22 -9.75
C MET A 464 -21.38 12.84 -9.45
N TYR A 465 -21.62 12.31 -8.25
CA TYR A 465 -21.15 10.95 -7.92
C TYR A 465 -21.82 9.89 -8.81
N GLY A 466 -23.12 10.06 -9.06
CA GLY A 466 -23.90 9.15 -9.91
C GLY A 466 -23.41 9.16 -11.33
N LYS A 467 -23.13 10.36 -11.85
CA LYS A 467 -22.57 10.54 -13.17
C LYS A 467 -21.17 9.92 -13.25
N PHE A 468 -20.37 10.06 -12.20
CA PHE A 468 -19.06 9.42 -12.15
C PHE A 468 -19.14 7.90 -12.28
N LEU A 469 -19.98 7.27 -11.45
CA LEU A 469 -20.11 5.81 -11.44
C LEU A 469 -20.56 5.23 -12.78
N LYS A 470 -21.50 5.92 -13.43
CA LYS A 470 -21.97 5.56 -14.77
C LYS A 470 -20.86 5.64 -15.83
N TYR A 471 -20.04 6.68 -15.77
CA TYR A 471 -18.93 6.83 -16.71
C TYR A 471 -17.83 5.79 -16.41
N LYS A 472 -17.45 5.65 -15.14
CA LYS A 472 -16.43 4.67 -14.72
C LYS A 472 -16.81 3.25 -15.17
N THR A 473 -18.06 2.88 -14.93
CA THR A 473 -18.60 1.58 -15.32
C THR A 473 -18.47 1.38 -16.83
N ASP A 474 -18.85 2.38 -17.62
CA ASP A 474 -18.75 2.33 -19.08
C ASP A 474 -17.30 2.14 -19.55
N ILE A 475 -16.37 2.82 -18.86
CA ILE A 475 -14.96 2.75 -19.17
C ILE A 475 -14.35 1.40 -18.81
N ASP A 476 -14.66 0.91 -17.60
CA ASP A 476 -14.18 -0.39 -17.12
C ASP A 476 -14.73 -1.55 -17.95
N ASN A 477 -15.94 -1.37 -18.49
CA ASN A 477 -16.57 -2.39 -19.34
C ASN A 477 -16.38 -2.15 -20.83
N ASP A 478 -15.38 -1.34 -21.20
CA ASP A 478 -15.09 -1.01 -22.61
C ASP A 478 -15.02 -2.27 -23.49
N SER A 479 -15.79 -2.24 -24.58
CA SER A 479 -15.97 -3.39 -25.47
C SER A 479 -14.70 -3.77 -26.24
N LEU A 480 -13.99 -2.76 -26.73
CA LEU A 480 -12.75 -2.95 -27.48
C LEU A 480 -11.63 -3.55 -26.61
N MET A 481 -11.58 -3.13 -25.34
CA MET A 481 -10.66 -3.69 -24.35
C MET A 481 -11.03 -5.15 -24.02
N LYS A 482 -12.33 -5.43 -23.92
CA LYS A 482 -12.83 -6.80 -23.78
C LYS A 482 -12.48 -7.67 -24.98
N ALA A 483 -12.54 -7.09 -26.18
CA ALA A 483 -12.30 -7.78 -27.45
C ALA A 483 -10.86 -8.29 -27.62
N ARG A 484 -9.91 -7.62 -26.98
CA ARG A 484 -8.50 -8.04 -27.01
C ARG A 484 -8.11 -8.89 -25.79
N GLY A 485 -9.12 -9.36 -25.06
CA GLY A 485 -8.93 -10.25 -23.92
C GLY A 485 -8.36 -9.58 -22.68
N ASP A 486 -8.59 -8.28 -22.57
CA ASP A 486 -8.04 -7.46 -21.48
C ASP A 486 -9.09 -6.99 -20.48
N LYS A 487 -8.61 -6.51 -19.34
CA LYS A 487 -9.44 -5.96 -18.26
CA LYS A 487 -9.45 -5.92 -18.30
C LYS A 487 -8.71 -4.78 -17.59
N PRO A 488 -9.46 -3.83 -16.96
CA PRO A 488 -8.76 -2.78 -16.20
C PRO A 488 -7.85 -3.32 -15.10
N GLU A 489 -6.55 -3.07 -15.23
CA GLU A 489 -5.58 -3.57 -14.27
C GLU A 489 -4.99 -2.42 -13.46
N ALA A 490 -5.30 -2.40 -12.16
CA ALA A 490 -4.75 -1.41 -11.22
C ALA A 490 -3.23 -1.40 -11.23
N VAL A 491 -2.65 -0.20 -11.23
CA VAL A 491 -1.20 -0.02 -11.23
C VAL A 491 -0.60 -0.45 -9.89
N THR A 492 0.32 -1.40 -9.93
CA THR A 492 0.91 -1.98 -8.72
C THR A 492 2.42 -1.75 -8.74
N TRP A 493 2.88 -1.11 -9.81
CA TRP A 493 4.29 -0.88 -10.05
C TRP A 493 4.67 0.60 -9.85
N GLY A 494 5.97 0.87 -9.80
CA GLY A 494 6.48 2.23 -9.65
C GLY A 494 7.44 2.62 -10.76
N ASN B 15 13.95 -43.46 13.61
CA ASN B 15 12.44 -43.19 13.61
C ASN B 15 11.94 -42.79 15.00
N ALA B 16 11.27 -41.63 15.05
CA ALA B 16 11.00 -40.92 16.30
C ALA B 16 9.66 -41.27 16.98
N PHE B 17 8.86 -42.10 16.31
CA PHE B 17 7.49 -42.34 16.73
C PHE B 17 7.24 -43.82 17.09
N SER B 18 8.31 -44.50 17.50
CA SER B 18 8.24 -45.91 17.88
CA SER B 18 8.26 -45.91 17.89
C SER B 18 7.68 -46.09 19.30
N PRO B 19 6.80 -47.11 19.49
CA PRO B 19 6.26 -47.36 20.83
C PRO B 19 7.29 -48.04 21.75
N LYS B 26 27.34 49.78 30.29
CA LYS B 26 26.19 50.10 29.45
C LYS B 26 25.71 48.90 28.63
N GLN B 27 24.67 48.25 29.14
CA GLN B 27 24.06 47.05 28.55
C GLN B 27 23.43 47.33 27.17
N PRO B 28 23.60 46.38 26.20
CA PRO B 28 23.18 46.64 24.82
C PRO B 28 21.66 46.62 24.61
N ASN B 29 21.17 47.43 23.69
CA ASN B 29 19.79 47.37 23.25
C ASN B 29 19.54 46.13 22.38
N LEU B 30 18.27 45.81 22.20
CA LEU B 30 17.85 44.69 21.36
C LEU B 30 16.67 45.07 20.47
N VAL B 31 16.82 44.81 19.18
CA VAL B 31 15.71 44.90 18.26
C VAL B 31 15.56 43.56 17.54
N ILE B 32 14.43 42.88 17.78
CA ILE B 32 14.07 41.70 16.99
C ILE B 32 13.01 42.10 15.97
N ILE B 33 13.39 42.07 14.70
CA ILE B 33 12.48 42.35 13.59
C ILE B 33 12.04 41.03 12.99
N MET B 34 10.75 40.73 13.13
CA MET B 34 10.17 39.49 12.62
C MET B 34 9.26 39.76 11.40
N ALA B 35 9.67 39.27 10.24
CA ALA B 35 8.79 39.24 9.08
C ALA B 35 7.84 38.04 9.17
N ASP B 36 6.77 38.10 8.39
CA ASP B 36 5.66 37.13 8.48
C ASP B 36 5.58 36.38 7.14
N ASP B 37 5.75 35.05 7.16
CA ASP B 37 5.63 34.21 5.96
C ASP B 37 6.67 34.59 4.89
N LEU B 38 7.80 35.14 5.34
CA LEU B 38 8.81 35.55 4.39
C LEU B 38 9.69 34.34 4.08
N GLY B 39 9.78 34.03 2.80
CA GLY B 39 10.45 32.82 2.36
C GLY B 39 11.96 32.94 2.30
N TYR B 40 12.62 31.79 2.31
CA TYR B 40 14.08 31.69 2.20
C TYR B 40 14.61 32.32 0.92
N GLY B 41 13.83 32.25 -0.17
CA GLY B 41 14.18 32.85 -1.46
C GLY B 41 13.62 34.22 -1.74
N ASP B 42 12.98 34.84 -0.74
CA ASP B 42 12.21 36.06 -0.95
C ASP B 42 13.01 37.37 -0.89
N LEU B 43 14.29 37.30 -0.56
CA LEU B 43 15.15 38.51 -0.50
C LEU B 43 16.22 38.47 -1.59
N ALA B 44 16.58 39.65 -2.12
CA ALA B 44 17.65 39.75 -3.10
C ALA B 44 18.97 39.16 -2.57
N THR B 45 19.27 39.44 -1.30
CA THR B 45 20.49 38.93 -0.66
C THR B 45 20.47 37.41 -0.44
N TYR B 46 19.27 36.82 -0.53
CA TYR B 46 19.12 35.36 -0.57
C TYR B 46 18.88 34.84 -1.99
N GLY B 47 19.19 35.65 -2.99
CA GLY B 47 19.18 35.19 -4.38
C GLY B 47 17.97 35.49 -5.24
N HIS B 48 16.98 36.21 -4.70
CA HIS B 48 15.80 36.59 -5.50
C HIS B 48 16.23 37.45 -6.71
N GLN B 49 15.80 37.04 -7.89
CA GLN B 49 16.31 37.59 -9.15
C GLN B 49 15.58 38.85 -9.63
N ILE B 50 14.49 39.20 -8.93
CA ILE B 50 13.60 40.30 -9.34
C ILE B 50 13.43 41.38 -8.26
N VAL B 51 13.15 40.95 -7.02
CA VAL B 51 12.79 41.90 -5.97
C VAL B 51 13.97 42.79 -5.53
N LYS B 52 13.64 44.04 -5.19
CA LYS B 52 14.60 45.00 -4.71
C LYS B 52 14.42 45.15 -3.19
N THR B 53 15.43 44.69 -2.46
CA THR B 53 15.47 44.80 -1.01
C THR B 53 16.72 45.55 -0.51
N PRO B 54 16.85 46.85 -0.83
CA PRO B 54 18.11 47.55 -0.50
C PRO B 54 18.45 47.60 1.00
N ASN B 55 17.45 47.82 1.85
CA ASN B 55 17.67 47.96 3.30
C ASN B 55 18.09 46.68 4.00
N ILE B 56 17.42 45.58 3.66
CA ILE B 56 17.77 44.30 4.24
C ILE B 56 19.10 43.77 3.67
N ASP B 57 19.36 44.00 2.38
CA ASP B 57 20.64 43.63 1.75
C ASP B 57 21.81 44.31 2.46
N ARG B 58 21.63 45.59 2.78
CA ARG B 58 22.60 46.39 3.54
C ARG B 58 22.83 45.83 4.93
N LEU B 59 21.74 45.45 5.61
CA LEU B 59 21.83 44.82 6.93
C LEU B 59 22.72 43.57 6.90
N ALA B 60 22.52 42.73 5.88
CA ALA B 60 23.34 41.53 5.70
C ALA B 60 24.80 41.87 5.41
N GLN B 61 25.00 42.86 4.54
CA GLN B 61 26.33 43.41 4.23
C GLN B 61 27.05 43.92 5.49
N GLU B 62 26.29 44.51 6.43
CA GLU B 62 26.83 45.01 7.68
C GLU B 62 26.83 43.98 8.79
N GLY B 63 26.22 42.82 8.55
CA GLY B 63 26.04 41.84 9.62
C GLY B 63 26.47 40.41 9.32
N VAL B 64 25.91 39.48 10.08
CA VAL B 64 26.10 38.04 9.84
C VAL B 64 24.84 37.43 9.22
N LYS B 65 24.97 36.91 8.01
CA LYS B 65 23.85 36.29 7.30
C LYS B 65 23.91 34.78 7.45
N PHE B 66 22.83 34.17 7.93
CA PHE B 66 22.77 32.71 8.05
C PHE B 66 22.05 32.12 6.83
N THR B 67 22.66 31.12 6.21
CA THR B 67 22.05 30.49 5.02
C THR B 67 21.35 29.17 5.37
N ASP B 68 21.52 28.72 6.62
CA ASP B 68 20.96 27.46 7.09
C ASP B 68 20.26 27.66 8.43
N TYR B 69 19.53 28.77 8.54
CA TYR B 69 18.72 29.10 9.70
C TYR B 69 17.28 28.61 9.52
N TYR B 70 16.75 28.03 10.60
CA TYR B 70 15.38 27.53 10.61
C TYR B 70 14.48 28.20 11.63
N ALA B 71 13.22 28.39 11.26
CA ALA B 71 12.20 28.73 12.24
C ALA B 71 11.90 27.48 13.06
N PRO B 72 11.41 27.67 14.32
CA PRO B 72 11.06 26.47 15.11
C PRO B 72 9.87 25.66 14.59
N ALA B 73 9.00 26.28 13.78
CA ALA B 73 7.84 25.61 13.19
C ALA B 73 7.43 26.23 11.82
N PRO B 74 6.78 25.45 10.94
CA PRO B 74 6.29 25.98 9.65
C PRO B 74 4.96 26.75 9.68
N LEU B 75 4.61 27.27 10.86
CA LEU B 75 3.41 28.08 11.02
C LEU B 75 3.66 29.16 12.07
N SER B 76 2.91 30.26 11.95
CA SER B 76 3.16 31.47 12.73
C SER B 76 3.26 31.32 14.23
N SER B 77 2.18 30.87 14.86
CA SER B 77 2.08 30.88 16.32
C SER B 77 3.14 30.01 17.02
N PRO B 78 3.22 28.70 16.65
CA PRO B 78 4.27 27.91 17.29
C PRO B 78 5.69 28.42 17.00
N SER B 79 5.94 28.94 15.80
CA SER B 79 7.25 29.53 15.51
C SER B 79 7.61 30.66 16.48
N ARG B 80 6.68 31.59 16.65
CA ARG B 80 6.88 32.79 17.45
C ARG B 80 7.03 32.45 18.94
N ALA B 81 6.19 31.53 19.41
CA ALA B 81 6.25 31.00 20.78
C ALA B 81 7.62 30.39 21.05
N GLY B 82 8.09 29.56 20.11
CA GLY B 82 9.42 28.96 20.19
C GLY B 82 10.55 29.97 20.27
N LEU B 83 10.55 30.94 19.36
CA LEU B 83 11.61 31.94 19.31
C LEU B 83 11.67 32.74 20.59
N LEU B 84 10.50 33.15 21.08
CA LEU B 84 10.40 34.06 22.23
C LEU B 84 10.70 33.38 23.57
N THR B 85 10.56 32.07 23.64
CA THR B 85 10.78 31.35 24.90
C THR B 85 12.05 30.48 24.93
N GLY B 86 12.61 30.20 23.75
CA GLY B 86 13.71 29.23 23.62
C GLY B 86 13.30 27.79 23.88
N ARG B 87 12.00 27.52 23.76
CA ARG B 87 11.44 26.19 24.03
C ARG B 87 10.61 25.70 22.86
N MET B 88 10.80 24.43 22.48
CA MET B 88 10.03 23.79 21.38
C MET B 88 8.55 24.04 21.68
N PRO B 89 7.85 24.69 20.74
CA PRO B 89 6.53 25.31 21.00
C PRO B 89 5.44 24.44 21.65
N PHE B 90 5.48 23.13 21.39
CA PHE B 90 4.55 22.17 21.99
C PHE B 90 4.63 22.23 23.53
N ARG B 91 5.84 22.44 24.05
CA ARG B 91 6.08 22.63 25.49
C ARG B 91 5.30 23.81 26.07
N THR B 92 5.05 24.82 25.24
CA THR B 92 4.41 26.05 25.67
C THR B 92 2.89 26.04 25.46
N GLY B 93 2.37 24.96 24.90
CA GLY B 93 0.93 24.80 24.68
C GLY B 93 0.43 25.20 23.30
N ILE B 94 1.35 25.56 22.40
CA ILE B 94 0.98 25.98 21.04
C ILE B 94 1.53 25.02 20.00
N ARG B 95 0.62 24.32 19.31
CA ARG B 95 0.99 23.28 18.35
C ARG B 95 0.76 23.63 16.87
N SER B 96 -0.15 24.58 16.62
CA SER B 96 -0.42 25.10 15.28
C SER B 96 -1.22 26.39 15.41
N TRP B 97 -2.35 26.46 14.71
CA TRP B 97 -3.23 27.64 14.69
C TRP B 97 -3.85 27.97 16.03
N ILE B 98 -4.17 29.25 16.24
CA ILE B 98 -4.92 29.67 17.44
C ILE B 98 -6.31 30.18 17.04
N PRO B 99 -7.35 29.33 17.18
CA PRO B 99 -8.71 29.74 16.84
C PRO B 99 -9.35 30.64 17.90
N SER B 100 -10.32 31.45 17.49
CA SER B 100 -11.07 32.31 18.42
C SER B 100 -11.98 31.50 19.32
N GLY B 101 -12.13 31.94 20.56
CA GLY B 101 -13.05 31.33 21.51
C GLY B 101 -12.64 29.97 22.07
N LYS B 102 -11.41 29.55 21.77
CA LYS B 102 -10.89 28.29 22.31
C LYS B 102 -9.85 28.62 23.39
N ASP B 103 -9.25 27.59 23.98
CA ASP B 103 -8.35 27.77 25.11
C ASP B 103 -6.88 27.59 24.72
N VAL B 104 -6.56 27.86 23.46
CA VAL B 104 -5.17 27.79 22.97
C VAL B 104 -4.50 29.13 23.20
N ALA B 105 -3.39 29.10 23.92
CA ALA B 105 -2.56 30.27 24.22
C ALA B 105 -1.22 29.83 24.77
N LEU B 106 -0.26 30.77 24.75
CA LEU B 106 1.00 30.59 25.46
C LEU B 106 0.70 30.26 26.92
N GLY B 107 1.33 29.19 27.41
CA GLY B 107 1.17 28.74 28.79
C GLY B 107 1.45 29.88 29.75
N ARG B 108 0.66 29.94 30.82
CA ARG B 108 0.67 31.07 31.77
C ARG B 108 2.00 31.30 32.48
N ASN B 109 2.75 30.21 32.72
CA ASN B 109 4.02 30.33 33.44
C ASN B 109 5.25 30.43 32.54
N GLU B 110 5.01 30.54 31.24
CA GLU B 110 6.09 30.69 30.26
C GLU B 110 6.68 32.10 30.38
N LEU B 111 8.00 32.19 30.22
CA LEU B 111 8.69 33.48 30.20
C LEU B 111 9.24 33.72 28.80
N THR B 112 9.08 34.95 28.30
CA THR B 112 9.66 35.36 27.02
C THR B 112 10.97 36.11 27.24
N ILE B 113 11.69 36.39 26.16
CA ILE B 113 12.88 37.26 26.17
C ILE B 113 12.54 38.61 26.82
N ALA B 114 11.33 39.10 26.58
CA ALA B 114 10.86 40.36 27.18
C ALA B 114 10.70 40.32 28.71
N ASN B 115 10.23 39.20 29.26
CA ASN B 115 10.13 39.03 30.72
C ASN B 115 11.50 39.10 31.36
N LEU B 116 12.47 38.42 30.74
CA LEU B 116 13.83 38.35 31.26
C LEU B 116 14.54 39.69 31.22
N LEU B 117 14.38 40.42 30.11
CA LEU B 117 14.98 41.74 29.97
C LEU B 117 14.28 42.80 30.83
N LYS B 118 12.97 42.67 31.03
CA LYS B 118 12.25 43.55 31.96
C LYS B 118 12.89 43.53 33.35
N ALA B 119 13.24 42.33 33.82
CA ALA B 119 13.90 42.13 35.11
C ALA B 119 15.37 42.59 35.13
N GLN B 120 15.96 42.82 33.96
CA GLN B 120 17.30 43.39 33.85
C GLN B 120 17.24 44.93 33.78
N GLY B 121 16.02 45.47 33.79
CA GLY B 121 15.79 46.91 33.76
C GLY B 121 15.68 47.51 32.37
N TYR B 122 15.14 46.75 31.42
CA TYR B 122 14.99 47.21 30.05
C TYR B 122 13.63 47.86 29.83
N ASP B 123 13.60 48.88 28.98
CA ASP B 123 12.33 49.42 28.45
C ASP B 123 11.88 48.47 27.34
N THR B 124 10.79 47.76 27.56
CA THR B 124 10.34 46.75 26.60
C THR B 124 9.09 47.17 25.87
N ALA B 125 9.11 46.98 24.56
CA ALA B 125 7.97 47.31 23.70
C ALA B 125 7.82 46.36 22.51
N MET B 126 6.58 46.24 22.06
CA MET B 126 6.19 45.33 21.00
C MET B 126 5.24 46.06 20.04
N MET B 127 5.51 45.97 18.73
CA MET B 127 4.65 46.56 17.70
C MET B 127 4.37 45.55 16.60
N GLY B 128 3.09 45.36 16.25
CA GLY B 128 2.69 44.47 15.14
C GLY B 128 1.95 43.19 15.53
N LYS B 129 2.26 42.10 14.83
CA LYS B 129 1.56 40.83 15.02
C LYS B 129 1.99 40.12 16.30
N LEU B 130 1.03 39.77 17.14
CA LEU B 130 1.31 38.99 18.33
C LEU B 130 1.06 37.50 18.05
N HIS B 131 -0.21 37.11 17.94
CA HIS B 131 -0.63 35.75 17.56
C HIS B 131 -0.11 34.68 18.54
N LEU B 132 -0.24 34.95 19.84
CA LEU B 132 0.17 34.00 20.87
C LEU B 132 -0.98 33.69 21.87
N ASN B 133 -2.15 34.25 21.56
CA ASN B 133 -3.38 33.99 22.32
C ASN B 133 -4.63 34.06 21.42
N ALA B 134 -5.79 33.73 21.97
CA ALA B 134 -7.03 33.68 21.19
C ALA B 134 -7.72 35.02 21.01
N GLY B 135 -7.06 36.10 21.42
CA GLY B 135 -7.61 37.45 21.31
C GLY B 135 -7.27 38.37 22.48
N GLY B 136 -7.29 39.68 22.22
CA GLY B 136 -6.91 40.69 23.22
C GLY B 136 -7.96 40.90 24.31
N ASP B 137 -9.17 40.42 24.05
CA ASP B 137 -10.27 40.46 25.01
C ASP B 137 -10.18 39.38 26.08
N ARG B 138 -9.35 38.36 25.82
CA ARG B 138 -9.26 37.20 26.71
C ARG B 138 -8.44 37.48 27.98
N THR B 139 -9.14 37.78 29.06
CA THR B 139 -8.52 38.06 30.37
C THR B 139 -8.01 36.78 31.04
N ASP B 140 -8.49 35.64 30.56
CA ASP B 140 -8.06 34.31 31.01
C ASP B 140 -6.76 33.83 30.35
N GLN B 141 -6.19 34.65 29.45
CA GLN B 141 -4.98 34.28 28.71
C GLN B 141 -3.90 35.35 28.87
N PRO B 142 -2.60 34.97 28.76
CA PRO B 142 -1.55 36.00 28.82
C PRO B 142 -1.67 36.98 27.66
N GLN B 143 -1.47 38.25 27.97
CA GLN B 143 -1.46 39.33 26.99
C GLN B 143 -0.04 39.88 26.85
N ALA B 144 0.15 40.87 25.97
CA ALA B 144 1.48 41.44 25.71
C ALA B 144 2.20 41.94 26.98
N GLN B 145 1.46 42.62 27.86
CA GLN B 145 1.99 43.07 29.15
C GLN B 145 2.48 41.92 30.05
N ASP B 146 1.67 40.87 30.15
CA ASP B 146 2.04 39.65 30.86
C ASP B 146 3.29 39.01 30.29
N MET B 147 3.45 39.08 28.96
CA MET B 147 4.62 38.53 28.26
C MET B 147 5.89 39.38 28.41
N GLY B 148 5.79 40.49 29.13
CA GLY B 148 6.95 41.30 29.49
C GLY B 148 7.10 42.59 28.72
N PHE B 149 6.11 42.89 27.87
CA PHE B 149 6.12 44.11 27.08
C PHE B 149 5.33 45.21 27.76
N ASP B 150 6.03 46.23 28.25
CA ASP B 150 5.40 47.34 28.96
C ASP B 150 4.71 48.35 28.05
N TYR B 151 5.10 48.35 26.77
CA TYR B 151 4.39 49.11 25.74
C TYR B 151 4.03 48.16 24.59
N SER B 152 2.82 48.29 24.06
CA SER B 152 2.41 47.49 22.90
C SER B 152 1.40 48.15 21.97
N LEU B 153 1.65 48.04 20.68
CA LEU B 153 0.60 48.21 19.67
C LEU B 153 0.49 46.84 18.99
N ALA B 154 -0.59 46.13 19.28
CA ALA B 154 -0.68 44.71 18.93
C ALA B 154 -1.87 44.34 18.05
N ASN B 155 -1.60 43.50 17.06
CA ASN B 155 -2.65 42.77 16.39
C ASN B 155 -2.61 41.40 17.01
N THR B 156 -3.66 41.03 17.71
CA THR B 156 -3.67 39.70 18.34
C THR B 156 -3.92 38.58 17.33
N ALA B 157 -4.46 38.93 16.17
CA ALA B 157 -4.81 37.95 15.14
C ALA B 157 -3.63 37.50 14.26
N GLY B 158 -3.84 36.44 13.48
CA GLY B 158 -2.81 35.90 12.60
C GLY B 158 -2.64 36.65 11.29
N PHE B 159 -3.48 37.67 11.06
CA PHE B 159 -3.56 38.38 9.77
C PHE B 159 -4.23 39.73 9.96
N VAL B 160 -3.98 40.67 9.05
CA VAL B 160 -4.60 42.01 9.13
C VAL B 160 -6.04 41.97 8.63
N THR B 161 -6.91 42.68 9.36
CA THR B 161 -8.30 42.88 9.01
C THR B 161 -8.47 44.40 8.76
N ASP B 162 -9.24 44.74 7.72
CA ASP B 162 -9.79 46.08 7.55
C ASP B 162 -11.32 45.97 7.55
N ALA B 163 -11.92 46.25 8.71
CA ALA B 163 -13.38 46.11 8.88
C ALA B 163 -14.19 46.85 7.82
N THR B 164 -13.71 48.01 7.34
CA THR B 164 -14.44 48.76 6.31
C THR B 164 -14.58 47.99 5.01
N LEU B 165 -13.58 47.20 4.66
CA LEU B 165 -13.68 46.33 3.49
C LEU B 165 -14.47 45.06 3.77
N ASP B 166 -14.18 44.40 4.89
CA ASP B 166 -14.96 43.24 5.34
C ASP B 166 -16.47 43.51 5.38
N ASN B 167 -16.87 44.71 5.83
CA ASN B 167 -18.28 45.04 6.01
C ASN B 167 -18.90 45.78 4.82
N ALA B 168 -18.10 46.07 3.79
CA ALA B 168 -18.61 46.76 2.60
C ALA B 168 -19.67 45.91 1.91
N LYS B 169 -20.71 46.57 1.41
CA LYS B 169 -21.86 45.87 0.84
C LYS B 169 -21.68 45.49 -0.63
N GLU B 170 -20.96 46.30 -1.38
CA GLU B 170 -20.78 46.05 -2.81
C GLU B 170 -19.90 44.82 -3.06
N ARG B 171 -20.10 44.19 -4.21
CA ARG B 171 -19.25 43.08 -4.70
C ARG B 171 -19.04 43.29 -6.19
N PRO B 172 -17.78 43.23 -6.66
CA PRO B 172 -16.60 43.08 -5.82
C PRO B 172 -16.24 44.40 -5.09
N ARG B 173 -15.31 44.32 -4.15
CA ARG B 173 -14.91 45.45 -3.33
C ARG B 173 -13.55 45.98 -3.76
N TYR B 174 -13.42 47.30 -3.82
CA TYR B 174 -12.17 47.95 -4.18
C TYR B 174 -11.70 48.83 -3.04
N GLY B 175 -10.42 48.70 -2.70
CA GLY B 175 -9.81 49.48 -1.62
C GLY B 175 -8.58 48.77 -1.09
N MET B 176 -7.57 49.55 -0.72
CA MET B 176 -6.38 49.01 -0.08
C MET B 176 -6.67 48.77 1.40
N VAL B 177 -5.94 47.83 1.99
CA VAL B 177 -6.19 47.38 3.34
C VAL B 177 -5.49 48.25 4.40
N TYR B 178 -6.30 48.87 5.27
CA TYR B 178 -5.82 49.65 6.42
C TYR B 178 -6.23 48.97 7.73
N PRO B 179 -5.25 48.62 8.59
CA PRO B 179 -5.50 47.82 9.81
C PRO B 179 -6.56 48.42 10.74
N THR B 180 -7.56 47.61 11.08
CA THR B 180 -8.54 47.92 12.14
C THR B 180 -8.39 46.92 13.29
N GLY B 181 -8.80 47.32 14.49
CA GLY B 181 -8.92 46.36 15.60
C GLY B 181 -7.65 46.10 16.42
N TRP B 182 -6.58 46.84 16.11
CA TRP B 182 -5.33 46.73 16.85
C TRP B 182 -5.49 47.42 18.22
N LEU B 183 -4.71 46.98 19.20
CA LEU B 183 -4.80 47.51 20.55
C LEU B 183 -3.54 48.23 20.93
N ARG B 184 -3.66 49.50 21.33
CA ARG B 184 -2.53 50.21 21.93
C ARG B 184 -2.65 50.15 23.45
N ASN B 185 -1.73 49.43 24.07
CA ASN B 185 -1.73 49.16 25.51
C ASN B 185 -3.06 48.66 26.05
N GLY B 186 -3.61 47.64 25.40
CA GLY B 186 -4.89 47.03 25.79
C GLY B 186 -6.13 47.74 25.30
N GLN B 187 -5.96 48.91 24.66
CA GLN B 187 -7.07 49.80 24.32
C GLN B 187 -7.31 49.90 22.82
N PRO B 188 -8.59 50.00 22.39
CA PRO B 188 -8.93 50.10 20.96
C PRO B 188 -8.36 51.35 20.28
N THR B 189 -8.06 51.21 18.99
CA THR B 189 -7.51 52.29 18.16
C THR B 189 -8.48 52.58 17.01
N PRO B 190 -8.44 53.80 16.43
CA PRO B 190 -9.21 53.98 15.19
C PRO B 190 -8.51 53.26 14.03
N ARG B 191 -9.25 53.02 12.94
CA ARG B 191 -8.68 52.50 11.70
C ARG B 191 -7.41 53.26 11.36
N ALA B 192 -6.35 52.51 11.02
CA ALA B 192 -5.07 53.12 10.69
C ALA B 192 -5.19 54.02 9.46
N ASP B 193 -4.40 55.10 9.46
CA ASP B 193 -4.30 56.01 8.30
C ASP B 193 -3.14 55.61 7.38
N LYS B 194 -2.49 54.50 7.72
CA LYS B 194 -1.39 53.98 6.93
C LYS B 194 -1.54 52.47 6.83
N MET B 195 -1.04 51.89 5.75
CA MET B 195 -1.01 50.43 5.58
C MET B 195 -0.10 49.82 6.66
N SER B 196 -0.24 48.52 6.91
CA SER B 196 0.31 47.89 8.11
C SER B 196 1.79 48.16 8.38
N GLY B 197 2.64 47.98 7.36
CA GLY B 197 4.10 48.17 7.53
C GLY B 197 4.45 49.55 8.07
N GLU B 198 3.83 50.57 7.47
CA GLU B 198 3.96 51.95 7.92
C GLU B 198 3.32 52.25 9.26
N TYR B 199 2.19 51.60 9.55
CA TYR B 199 1.52 51.73 10.85
C TYR B 199 2.48 51.25 11.97
N VAL B 200 3.11 50.10 11.74
CA VAL B 200 4.11 49.54 12.66
C VAL B 200 5.37 50.42 12.77
N SER B 201 6.00 50.71 11.63
CA SER B 201 7.26 51.45 11.64
C SER B 201 7.11 52.83 12.29
N SER B 202 5.98 53.50 12.00
CA SER B 202 5.67 54.78 12.60
C SER B 202 5.56 54.69 14.12
N GLU B 203 4.89 53.64 14.60
CA GLU B 203 4.80 53.37 16.04
C GLU B 203 6.16 53.19 16.69
N VAL B 204 7.04 52.43 16.02
CA VAL B 204 8.39 52.18 16.49
C VAL B 204 9.17 53.50 16.63
N VAL B 205 9.11 54.31 15.58
CA VAL B 205 9.86 55.56 15.48
C VAL B 205 9.39 56.56 16.53
N ASN B 206 8.07 56.69 16.68
CA ASN B 206 7.46 57.54 17.69
C ASN B 206 7.80 57.13 19.12
N TRP B 207 7.82 55.82 19.38
CA TRP B 207 8.17 55.30 20.70
C TRP B 207 9.62 55.62 21.06
N LEU B 208 10.50 55.47 20.09
CA LEU B 208 11.91 55.81 20.23
C LEU B 208 12.14 57.33 20.42
N ASP B 209 11.26 58.14 19.86
CA ASP B 209 11.27 59.58 20.10
C ASP B 209 10.76 59.94 21.51
N ASN B 210 9.63 59.35 21.88
CA ASN B 210 8.91 59.73 23.10
C ASN B 210 9.48 59.19 24.41
N LYS B 211 10.42 58.24 24.32
CA LYS B 211 11.06 57.71 25.53
C LYS B 211 12.02 58.72 26.15
N LYS B 212 12.07 58.73 27.48
CA LYS B 212 12.78 59.77 28.22
C LYS B 212 14.08 59.27 28.84
N ASP B 213 14.05 58.04 29.35
CA ASP B 213 15.18 57.44 30.08
C ASP B 213 16.33 57.05 29.15
N SER B 214 17.50 56.84 29.75
CA SER B 214 18.63 56.25 29.06
C SER B 214 18.77 54.77 29.43
N LYS B 215 17.65 54.15 29.76
CA LYS B 215 17.56 52.71 29.99
C LYS B 215 17.72 51.98 28.66
N PRO B 216 18.34 50.79 28.68
CA PRO B 216 18.44 50.01 27.43
C PRO B 216 17.04 49.55 27.00
N PHE B 217 16.82 49.37 25.71
CA PHE B 217 15.50 48.99 25.23
C PHE B 217 15.47 47.61 24.55
N PHE B 218 14.29 46.98 24.58
CA PHE B 218 13.98 45.82 23.76
C PHE B 218 12.74 46.12 22.93
N LEU B 219 12.92 46.16 21.62
CA LEU B 219 11.82 46.29 20.67
C LEU B 219 11.60 44.97 19.94
N TYR B 220 10.37 44.46 20.02
CA TYR B 220 9.96 43.33 19.19
C TYR B 220 9.06 43.92 18.11
N VAL B 221 9.61 44.02 16.89
CA VAL B 221 8.92 44.62 15.76
C VAL B 221 8.40 43.51 14.85
N ALA B 222 7.13 43.16 15.04
CA ALA B 222 6.55 42.02 14.36
C ALA B 222 5.71 42.45 13.16
N PHE B 223 6.39 42.70 12.04
CA PHE B 223 5.69 43.08 10.80
C PHE B 223 4.67 42.05 10.30
N THR B 224 3.55 42.52 9.75
CA THR B 224 2.53 41.64 9.19
C THR B 224 2.84 41.22 7.74
N GLU B 225 3.64 42.03 7.06
CA GLU B 225 4.18 41.69 5.74
C GLU B 225 5.10 40.47 5.93
N VAL B 226 5.09 39.50 5.01
CA VAL B 226 4.31 39.53 3.75
C VAL B 226 3.02 38.66 3.76
N HIS B 227 2.41 38.49 4.92
CA HIS B 227 1.21 37.66 5.08
C HIS B 227 0.02 38.28 4.33
N SER B 228 -0.85 37.43 3.75
CA SER B 228 -2.11 37.94 3.21
C SER B 228 -2.91 38.66 4.33
N PRO B 229 -3.66 39.73 3.99
CA PRO B 229 -3.80 40.41 2.69
C PRO B 229 -2.65 41.35 2.40
N LEU B 230 -2.13 41.28 1.18
CA LEU B 230 -1.10 42.21 0.74
C LEU B 230 -1.69 43.60 0.68
N ALA B 231 -0.86 44.59 1.01
CA ALA B 231 -1.24 46.01 0.92
C ALA B 231 0.03 46.81 0.75
N SER B 232 0.22 47.42 -0.41
CA SER B 232 1.44 48.17 -0.68
C SER B 232 1.08 49.46 -1.39
N PRO B 233 1.80 50.55 -1.10
CA PRO B 233 1.62 51.83 -1.81
C PRO B 233 2.00 51.77 -3.29
N LYS B 234 1.44 52.69 -4.08
CA LYS B 234 1.64 52.74 -5.53
C LYS B 234 3.10 52.69 -5.96
N LYS B 235 3.97 53.37 -5.21
CA LYS B 235 5.42 53.40 -5.46
C LYS B 235 5.99 51.98 -5.65
N TYR B 236 5.56 51.06 -4.80
CA TYR B 236 6.10 49.69 -4.79
C TYR B 236 5.42 48.81 -5.82
N LEU B 237 4.13 49.03 -6.04
CA LEU B 237 3.41 48.40 -7.15
C LEU B 237 3.99 48.76 -8.52
N ASP B 238 4.36 50.04 -8.68
CA ASP B 238 4.98 50.53 -9.93
C ASP B 238 6.32 49.87 -10.24
N MET B 239 7.09 49.54 -9.20
CA MET B 239 8.37 48.83 -9.36
C MET B 239 8.21 47.51 -10.14
N TYR B 240 7.02 46.92 -10.07
CA TYR B 240 6.80 45.57 -10.60
C TYR B 240 5.68 45.45 -11.64
N SER B 241 5.46 46.55 -12.36
CA SER B 241 4.43 46.62 -13.39
CA SER B 241 4.44 46.64 -13.40
C SER B 241 4.52 45.52 -14.43
N GLN B 242 5.75 45.16 -14.83
CA GLN B 242 6.01 44.04 -15.78
C GLN B 242 5.42 42.71 -15.30
N TYR B 243 5.34 42.55 -13.98
CA TYR B 243 4.95 41.28 -13.35
C TYR B 243 3.50 41.25 -12.90
N MET B 244 2.75 42.27 -13.33
CA MET B 244 1.32 42.34 -13.10
C MET B 244 0.60 41.82 -14.33
N SER B 245 -0.46 41.04 -14.09
CA SER B 245 -1.31 40.58 -15.18
C SER B 245 -2.13 41.74 -15.73
N ALA B 246 -2.66 41.56 -16.93
CA ALA B 246 -3.55 42.55 -17.54
C ALA B 246 -4.74 42.83 -16.61
N TYR B 247 -5.30 41.78 -16.01
CA TYR B 247 -6.43 41.91 -15.09
C TYR B 247 -6.06 42.71 -13.84
N GLN B 248 -4.88 42.43 -13.28
CA GLN B 248 -4.42 43.17 -12.12
C GLN B 248 -4.35 44.66 -12.45
N LYS B 249 -3.79 45.00 -13.61
CA LYS B 249 -3.59 46.40 -14.01
C LYS B 249 -4.91 47.15 -14.12
N GLN B 250 -5.93 46.46 -14.59
CA GLN B 250 -7.28 47.00 -14.72
C GLN B 250 -8.01 47.05 -13.37
N HIS B 251 -7.66 46.13 -12.47
CA HIS B 251 -8.30 46.05 -11.14
C HIS B 251 -7.28 46.02 -9.99
N PRO B 252 -6.46 47.09 -9.84
CA PRO B 252 -5.32 47.01 -8.91
C PRO B 252 -5.69 46.92 -7.45
N ASP B 253 -6.76 47.59 -7.04
CA ASP B 253 -7.15 47.63 -5.63
C ASP B 253 -8.29 46.67 -5.30
N LEU B 254 -8.49 45.65 -6.13
CA LEU B 254 -9.51 44.64 -5.86
C LEU B 254 -9.21 43.91 -4.54
N PHE B 255 -10.21 43.87 -3.66
CA PHE B 255 -10.06 43.30 -2.32
C PHE B 255 -9.90 41.78 -2.38
N TYR B 256 -8.91 41.26 -1.62
CA TYR B 256 -8.57 39.84 -1.67
C TYR B 256 -9.71 38.88 -1.27
N GLY B 257 -10.70 39.40 -0.55
CA GLY B 257 -11.91 38.63 -0.22
C GLY B 257 -12.73 38.29 -1.45
N ASP B 258 -12.44 38.95 -2.57
CA ASP B 258 -13.17 38.76 -3.81
C ASP B 258 -12.30 38.20 -4.95
N TRP B 259 -11.20 37.54 -4.60
CA TRP B 259 -10.28 36.96 -5.59
C TRP B 259 -10.62 35.54 -6.09
N ALA B 260 -11.49 34.82 -5.37
CA ALA B 260 -11.72 33.39 -5.69
C ALA B 260 -12.18 33.07 -7.11
N ASP B 261 -12.89 34.00 -7.74
CA ASP B 261 -13.53 33.76 -9.03
C ASP B 261 -12.99 34.69 -10.13
N LYS B 262 -11.83 35.29 -9.88
CA LYS B 262 -11.22 36.27 -10.79
C LYS B 262 -9.89 35.74 -11.36
N PRO B 263 -9.46 36.29 -12.52
CA PRO B 263 -8.21 35.93 -13.17
C PRO B 263 -6.98 36.11 -12.29
N TRP B 264 -5.89 35.41 -12.62
CA TRP B 264 -4.64 35.53 -11.90
C TRP B 264 -4.13 36.97 -11.94
N ARG B 265 -3.51 37.39 -10.85
CA ARG B 265 -3.00 38.78 -10.73
C ARG B 265 -1.52 38.93 -11.10
N GLY B 266 -0.87 37.81 -11.40
CA GLY B 266 0.56 37.79 -11.60
C GLY B 266 1.28 37.80 -10.26
N VAL B 267 2.55 38.14 -10.28
CA VAL B 267 3.41 38.01 -9.09
C VAL B 267 3.88 39.37 -8.52
N GLY B 268 3.54 40.45 -9.22
CA GLY B 268 4.01 41.79 -8.86
C GLY B 268 3.58 42.32 -7.50
N GLU B 269 2.33 42.06 -7.11
CA GLU B 269 1.84 42.51 -5.80
C GLU B 269 2.64 41.91 -4.65
N TYR B 270 2.97 40.62 -4.73
CA TYR B 270 3.86 39.98 -3.77
C TYR B 270 5.24 40.67 -3.69
N TYR B 271 5.86 40.90 -4.85
CA TYR B 271 7.19 41.56 -4.85
C TYR B 271 7.14 42.97 -4.26
N ALA B 272 6.08 43.70 -4.62
CA ALA B 272 5.77 45.03 -4.07
C ALA B 272 5.71 44.99 -2.57
N ASN B 273 5.03 43.97 -2.02
CA ASN B 273 4.91 43.85 -0.58
C ASN B 273 6.24 43.52 0.10
N ILE B 274 7.08 42.75 -0.58
CA ILE B 274 8.43 42.48 -0.08
C ILE B 274 9.22 43.79 -0.01
N SER B 275 9.19 44.57 -1.08
CA SER B 275 9.92 45.85 -1.10
C SER B 275 9.35 46.86 -0.08
N TYR B 276 8.04 46.81 0.13
CA TYR B 276 7.38 47.62 1.16
C TYR B 276 7.90 47.28 2.57
N LEU B 277 7.90 45.99 2.89
CA LEU B 277 8.51 45.50 4.12
C LEU B 277 9.95 46.00 4.28
N ASP B 278 10.71 45.84 3.21
CA ASP B 278 12.10 46.25 3.21
C ASP B 278 12.28 47.72 3.61
N ALA B 279 11.42 48.59 3.06
CA ALA B 279 11.43 50.02 3.36
C ALA B 279 11.08 50.31 4.82
N GLN B 280 10.16 49.52 5.39
CA GLN B 280 9.74 49.71 6.79
C GLN B 280 10.79 49.23 7.80
N VAL B 281 11.48 48.16 7.44
CA VAL B 281 12.68 47.68 8.15
C VAL B 281 13.75 48.79 8.10
N GLY B 282 13.94 49.35 6.91
CA GLY B 282 14.84 50.49 6.71
C GLY B 282 14.55 51.69 7.60
N LYS B 283 13.27 52.03 7.74
CA LYS B 283 12.84 53.16 8.56
C LYS B 283 13.21 52.96 10.03
N VAL B 284 12.94 51.76 10.55
CA VAL B 284 13.33 51.36 11.91
C VAL B 284 14.87 51.39 12.08
N LEU B 285 15.59 50.73 11.18
CA LEU B 285 17.06 50.71 11.21
C LEU B 285 17.68 52.11 11.09
N ASP B 286 17.10 52.95 10.23
CA ASP B 286 17.55 54.34 10.07
C ASP B 286 17.40 55.11 11.38
N LYS B 287 16.32 54.85 12.11
CA LYS B 287 16.04 55.53 13.38
C LYS B 287 17.08 55.16 14.45
N ILE B 288 17.40 53.87 14.54
CA ILE B 288 18.43 53.35 15.45
C ILE B 288 19.76 54.06 15.21
N LYS B 289 20.13 54.19 13.94
CA LYS B 289 21.39 54.81 13.56
C LYS B 289 21.37 56.33 13.84
N ALA B 290 20.26 56.99 13.52
CA ALA B 290 20.10 58.45 13.67
C ALA B 290 20.12 58.93 15.12
N MET B 291 19.61 58.09 16.03
CA MET B 291 19.57 58.45 17.46
C MET B 291 20.89 58.12 18.18
N GLY B 292 21.85 57.59 17.41
CA GLY B 292 23.19 57.34 17.90
C GLY B 292 23.39 55.99 18.56
N GLU B 293 22.46 55.07 18.33
CA GLU B 293 22.52 53.76 18.99
C GLU B 293 23.02 52.59 18.15
N GLU B 294 23.66 52.85 17.00
CA GLU B 294 24.09 51.75 16.12
C GLU B 294 25.11 50.80 16.76
N ASP B 295 26.09 51.36 17.47
CA ASP B 295 27.15 50.55 18.08
C ASP B 295 26.69 49.74 19.29
N ASN B 296 25.61 50.16 19.94
CA ASN B 296 25.16 49.46 21.13
C ASN B 296 23.83 48.73 20.98
N THR B 297 23.45 48.38 19.76
CA THR B 297 22.18 47.67 19.52
C THR B 297 22.37 46.35 18.77
N ILE B 298 21.91 45.26 19.38
CA ILE B 298 21.80 43.98 18.69
C ILE B 298 20.50 43.97 17.87
N VAL B 299 20.64 43.78 16.56
CA VAL B 299 19.52 43.66 15.65
C VAL B 299 19.45 42.25 15.07
N ILE B 300 18.33 41.58 15.30
CA ILE B 300 18.04 40.30 14.64
C ILE B 300 16.88 40.52 13.66
N PHE B 301 17.11 40.18 12.40
CA PHE B 301 16.07 40.18 11.40
C PHE B 301 15.79 38.75 11.03
N THR B 302 14.54 38.31 11.16
CA THR B 302 14.20 36.96 10.73
C THR B 302 12.74 36.85 10.25
N SER B 303 12.31 35.62 9.95
CA SER B 303 10.97 35.32 9.48
C SER B 303 10.41 34.19 10.34
N ASP B 304 9.09 34.09 10.48
CA ASP B 304 8.55 33.03 11.36
C ASP B 304 8.35 31.67 10.69
N ASN B 305 8.21 31.63 9.37
CA ASN B 305 8.04 30.36 8.65
C ASN B 305 8.22 30.53 7.16
N GLY B 306 8.32 29.40 6.44
CA GLY B 306 8.36 29.43 4.99
C GLY B 306 7.18 30.13 4.31
N PRO B 307 7.29 30.42 3.00
CA PRO B 307 6.33 31.33 2.38
C PRO B 307 5.07 30.61 1.88
N VAL B 308 4.03 31.38 1.54
CA VAL B 308 2.96 30.88 0.70
C VAL B 308 3.47 31.11 -0.71
N THR B 309 3.56 30.03 -1.49
CA THR B 309 4.12 30.11 -2.83
C THR B 309 2.97 30.27 -3.81
N ARG B 310 3.23 29.97 -5.09
CA ARG B 310 2.14 29.82 -6.08
C ARG B 310 1.20 28.65 -5.75
N GLU B 311 1.65 27.73 -4.89
CA GLU B 311 0.90 26.57 -4.43
C GLU B 311 -0.14 26.98 -3.36
N ALA B 312 -1.23 27.61 -3.78
CA ALA B 312 -2.26 28.05 -2.85
C ALA B 312 -3.12 26.88 -2.38
N ARG B 313 -3.34 26.83 -1.07
CA ARG B 313 -4.11 25.75 -0.44
C ARG B 313 -5.44 26.20 0.15
N LYS B 314 -5.63 27.53 0.20
CA LYS B 314 -6.74 28.16 0.91
C LYS B 314 -7.14 29.41 0.14
N VAL B 315 -8.38 29.84 0.33
CA VAL B 315 -8.91 30.99 -0.43
C VAL B 315 -8.21 32.31 -0.11
N TYR B 316 -7.57 32.36 1.06
CA TYR B 316 -6.82 33.58 1.47
C TYR B 316 -5.34 33.53 1.06
N GLU B 317 -4.95 32.43 0.41
CA GLU B 317 -3.58 32.24 -0.10
C GLU B 317 -3.39 32.54 -1.62
N LEU B 318 -4.42 33.05 -2.28
CA LEU B 318 -4.42 33.23 -3.73
C LEU B 318 -3.52 34.38 -4.17
N ASN B 319 -2.96 34.26 -5.38
CA ASN B 319 -2.15 35.31 -6.01
C ASN B 319 -0.90 35.73 -5.24
N LEU B 320 -0.24 34.74 -4.64
CA LEU B 320 1.00 34.96 -3.92
C LEU B 320 2.14 34.25 -4.66
N ALA B 321 3.39 34.56 -4.29
CA ALA B 321 4.52 34.20 -5.15
C ALA B 321 5.81 33.97 -4.36
N GLY B 322 5.69 33.44 -3.13
CA GLY B 322 6.85 33.16 -2.28
C GLY B 322 7.86 32.22 -2.91
N GLU B 323 9.13 32.40 -2.56
CA GLU B 323 10.21 31.61 -3.14
C GLU B 323 10.95 30.88 -2.04
N THR B 324 11.44 29.68 -2.32
CA THR B 324 12.18 28.88 -1.36
C THR B 324 13.61 28.54 -1.80
N ASP B 325 14.11 29.20 -2.86
CA ASP B 325 15.44 28.90 -3.44
C ASP B 325 15.49 27.43 -3.90
N GLY B 326 14.37 26.94 -4.45
CA GLY B 326 14.27 25.55 -4.89
C GLY B 326 13.99 24.51 -3.81
N LEU B 327 14.09 24.90 -2.53
CA LEU B 327 13.89 23.96 -1.43
C LEU B 327 12.46 23.41 -1.43
N ARG B 328 12.31 22.15 -1.03
CA ARG B 328 11.02 21.45 -1.05
C ARG B 328 10.01 22.00 -0.02
N GLY B 329 8.75 22.11 -0.45
CA GLY B 329 7.65 22.46 0.43
C GLY B 329 7.50 23.96 0.60
N ARG B 330 6.59 24.33 1.48
CA ARG B 330 6.28 25.72 1.73
C ARG B 330 5.70 25.83 3.14
N LYS B 331 5.12 26.99 3.47
CA LYS B 331 4.38 27.14 4.71
C LYS B 331 3.50 25.89 4.95
N ASP B 332 3.45 25.44 6.20
CA ASP B 332 2.72 24.23 6.69
C ASP B 332 3.62 23.01 6.73
N ASN B 333 4.59 22.94 5.83
CA ASN B 333 5.39 21.73 5.56
C ASN B 333 6.66 21.63 6.38
N LEU B 334 7.08 20.41 6.69
CA LEU B 334 8.31 20.20 7.46
C LEU B 334 9.54 19.97 6.58
N TRP B 335 9.33 19.83 5.27
CA TRP B 335 10.42 19.93 4.31
C TRP B 335 11.12 21.30 4.43
N GLU B 336 12.34 21.39 3.89
CA GLU B 336 13.22 22.55 4.05
C GLU B 336 12.55 23.92 3.77
N GLY B 337 11.77 23.98 2.69
CA GLY B 337 11.10 25.21 2.28
C GLY B 337 10.05 25.75 3.23
N GLY B 338 9.57 24.93 4.16
CA GLY B 338 8.63 25.38 5.18
C GLY B 338 9.27 25.92 6.45
N ILE B 339 10.48 25.43 6.75
CA ILE B 339 11.16 25.82 8.00
C ILE B 339 12.44 26.67 7.83
N ARG B 340 13.16 26.52 6.71
CA ARG B 340 14.36 27.34 6.45
C ARG B 340 13.91 28.72 6.00
N VAL B 341 14.40 29.73 6.70
CA VAL B 341 13.97 31.12 6.47
C VAL B 341 15.19 32.06 6.57
N PRO B 342 15.09 33.30 6.03
CA PRO B 342 16.21 34.22 6.25
C PRO B 342 16.45 34.58 7.74
N ALA B 343 17.71 34.89 8.07
CA ALA B 343 18.08 35.41 9.38
C ALA B 343 19.38 36.18 9.27
N ILE B 344 19.37 37.38 9.83
CA ILE B 344 20.55 38.24 9.89
C ILE B 344 20.69 38.78 11.30
N ILE B 345 21.89 38.69 11.87
CA ILE B 345 22.21 39.39 13.12
C ILE B 345 23.30 40.47 12.91
N LYS B 346 23.08 41.64 13.51
CA LYS B 346 24.08 42.71 13.52
C LYS B 346 24.16 43.32 14.92
N TYR B 347 25.38 43.59 15.39
CA TYR B 347 25.58 44.28 16.65
C TYR B 347 26.71 45.28 16.47
N GLY B 348 26.36 46.47 15.98
CA GLY B 348 27.34 47.52 15.68
C GLY B 348 28.54 47.04 14.87
N LYS B 349 29.73 47.33 15.36
CA LYS B 349 30.94 46.74 14.79
C LYS B 349 31.49 45.66 15.72
N HIS B 350 30.64 45.18 16.64
CA HIS B 350 31.02 44.14 17.60
C HIS B 350 31.12 42.76 16.94
N LEU B 351 30.47 42.59 15.79
CA LEU B 351 30.45 41.32 15.06
C LEU B 351 31.13 41.48 13.70
N PRO B 352 31.70 40.38 13.16
CA PRO B 352 32.26 40.39 11.79
C PRO B 352 31.23 40.85 10.76
N GLN B 353 31.60 41.83 9.93
CA GLN B 353 30.68 42.45 8.98
CA GLN B 353 30.65 42.42 8.99
C GLN B 353 30.72 41.78 7.61
N GLY B 354 29.56 41.40 7.09
CA GLY B 354 29.47 40.77 5.77
C GLY B 354 29.76 39.28 5.80
N MET B 355 29.79 38.72 7.01
CA MET B 355 30.01 37.29 7.24
C MET B 355 28.79 36.51 6.76
N VAL B 356 29.04 35.37 6.10
CA VAL B 356 27.97 34.47 5.71
C VAL B 356 28.23 33.11 6.37
N SER B 357 27.28 32.64 7.17
CA SER B 357 27.42 31.38 7.90
C SER B 357 26.48 30.29 7.40
N ASP B 358 27.03 29.10 7.14
CA ASP B 358 26.22 27.94 6.78
C ASP B 358 26.12 26.87 7.88
N THR B 359 26.42 27.25 9.12
CA THR B 359 26.19 26.40 10.27
C THR B 359 24.68 26.33 10.51
N PRO B 360 24.11 25.11 10.56
CA PRO B 360 22.69 24.92 10.91
C PRO B 360 22.34 25.47 12.30
N VAL B 361 21.45 26.47 12.30
CA VAL B 361 21.04 27.19 13.51
C VAL B 361 19.51 27.37 13.44
N TYR B 362 18.85 27.62 14.57
CA TYR B 362 17.40 27.82 14.55
C TYR B 362 16.86 28.71 15.65
N GLY B 363 15.57 29.05 15.54
CA GLY B 363 14.92 30.03 16.41
C GLY B 363 15.04 29.77 17.90
N LEU B 364 15.11 28.49 18.28
CA LEU B 364 15.25 28.11 19.70
C LEU B 364 16.64 28.46 20.26
N ASP B 365 17.60 28.68 19.36
CA ASP B 365 18.95 29.13 19.73
C ASP B 365 19.04 30.55 20.26
N TRP B 366 18.09 31.42 19.91
CA TRP B 366 18.20 32.83 20.27
C TRP B 366 18.26 33.10 21.78
N MET B 367 17.41 32.43 22.56
CA MET B 367 17.39 32.59 24.01
C MET B 367 18.77 32.40 24.72
N PRO B 368 19.43 31.23 24.56
CA PRO B 368 20.77 31.13 25.18
C PRO B 368 21.86 32.00 24.53
N THR B 369 21.68 32.32 23.25
CA THR B 369 22.60 33.21 22.53
C THR B 369 22.55 34.61 23.11
N LEU B 370 21.33 35.11 23.31
CA LEU B 370 21.14 36.44 23.86
C LEU B 370 21.50 36.50 25.35
N ALA B 371 21.26 35.41 26.07
CA ALA B 371 21.67 35.32 27.47
C ALA B 371 23.18 35.56 27.60
N LYS B 372 23.97 34.97 26.71
CA LYS B 372 25.42 35.20 26.67
C LYS B 372 25.80 36.61 26.19
N MET B 373 25.20 37.06 25.08
CA MET B 373 25.50 38.37 24.48
C MET B 373 25.11 39.56 25.37
N MET B 374 24.03 39.40 26.11
CA MET B 374 23.44 40.49 26.90
C MET B 374 23.68 40.34 28.41
N ASN B 375 24.33 39.25 28.82
CA ASN B 375 24.73 38.99 30.22
C ASN B 375 23.57 38.88 31.21
N PHE B 376 22.59 38.05 30.88
CA PHE B 376 21.59 37.61 31.84
C PHE B 376 21.62 36.09 31.91
N LYS B 377 21.13 35.53 33.00
CA LYS B 377 21.13 34.07 33.13
C LYS B 377 19.75 33.51 32.83
N LEU B 378 19.73 32.32 32.23
CA LEU B 378 18.48 31.62 31.96
C LEU B 378 17.97 30.98 33.25
N PRO B 379 16.63 31.02 33.48
CA PRO B 379 15.99 30.27 34.56
C PRO B 379 16.39 28.79 34.57
N THR B 380 16.58 28.23 35.77
CA THR B 380 17.02 26.85 35.92
C THR B 380 15.86 25.91 36.26
N ASP B 381 14.64 26.46 36.22
CA ASP B 381 13.43 25.72 36.59
C ASP B 381 12.67 25.12 35.40
N ARG B 382 13.30 25.09 34.23
CA ARG B 382 12.65 24.67 32.99
C ARG B 382 13.66 24.29 31.93
N THR B 383 13.24 23.39 31.04
CA THR B 383 14.07 22.92 29.92
C THR B 383 14.12 23.96 28.81
N PHE B 384 15.32 24.19 28.27
CA PHE B 384 15.53 24.97 27.06
C PHE B 384 16.12 24.06 26.00
N ASP B 385 15.71 24.27 24.74
CA ASP B 385 16.09 23.36 23.65
C ASP B 385 17.29 23.79 22.79
N GLY B 386 17.56 25.10 22.76
CA GLY B 386 18.61 25.65 21.91
C GLY B 386 20.00 25.66 22.50
N GLU B 387 20.93 26.21 21.74
CA GLU B 387 22.30 26.36 22.19
C GLU B 387 22.81 27.73 21.75
N SER B 388 23.75 28.28 22.50
CA SER B 388 24.32 29.59 22.20
C SER B 388 25.04 29.60 20.86
N LEU B 389 24.75 30.62 20.06
CA LEU B 389 25.37 30.78 18.73
C LEU B 389 26.61 31.67 18.77
N VAL B 390 26.99 32.10 19.97
CA VAL B 390 28.23 32.86 20.17
C VAL B 390 29.47 32.22 19.52
N PRO B 391 29.69 30.88 19.67
CA PRO B 391 30.80 30.28 18.89
C PRO B 391 30.74 30.47 17.37
N VAL B 392 29.55 30.47 16.78
CA VAL B 392 29.39 30.73 15.34
C VAL B 392 29.84 32.16 14.99
N LEU B 393 29.42 33.12 15.82
CA LEU B 393 29.75 34.54 15.60
C LEU B 393 31.22 34.84 15.86
N GLU B 394 31.87 33.99 16.66
CA GLU B 394 33.30 34.07 16.97
C GLU B 394 34.12 33.23 16.01
N GLN B 395 33.44 32.79 14.95
CA GLN B 395 34.03 32.09 13.80
CA GLN B 395 34.05 32.12 13.80
C GLN B 395 34.65 30.74 14.17
N LYS B 396 34.09 30.11 15.19
CA LYS B 396 34.46 28.76 15.59
CA LYS B 396 34.46 28.76 15.61
C LYS B 396 33.35 27.78 15.20
N ALA B 397 33.67 26.49 15.21
CA ALA B 397 32.68 25.45 14.88
C ALA B 397 31.74 25.23 16.05
N LEU B 398 30.49 24.89 15.75
CA LEU B 398 29.49 24.62 16.78
C LEU B 398 29.22 23.12 16.87
N LYS B 399 29.36 22.59 18.09
CA LYS B 399 28.95 21.20 18.32
C LYS B 399 27.64 21.18 19.10
N ARG B 400 26.67 20.45 18.53
CA ARG B 400 25.36 20.29 19.13
C ARG B 400 25.33 19.04 19.99
N GLU B 401 24.70 19.14 21.17
CA GLU B 401 24.51 17.99 22.04
C GLU B 401 23.11 17.41 21.88
N LYS B 402 22.27 18.13 21.14
CA LYS B 402 20.89 17.75 20.85
C LYS B 402 20.64 17.91 19.35
N PRO B 403 19.75 17.07 18.77
CA PRO B 403 19.28 17.31 17.40
C PRO B 403 18.46 18.61 17.37
N LEU B 404 18.33 19.22 16.19
CA LEU B 404 17.33 20.28 16.02
C LEU B 404 15.97 19.61 15.96
N ILE B 405 14.99 20.14 16.69
CA ILE B 405 13.63 19.58 16.75
C ILE B 405 12.57 20.56 16.20
N PHE B 406 11.75 20.07 15.28
CA PHE B 406 10.65 20.85 14.69
C PHE B 406 9.33 20.09 14.77
N GLY B 407 8.22 20.82 14.85
CA GLY B 407 6.91 20.19 14.80
C GLY B 407 5.78 21.06 14.33
N ILE B 408 4.69 20.41 13.91
CA ILE B 408 3.44 21.08 13.56
C ILE B 408 2.28 20.10 13.65
N ASP B 409 1.23 20.50 14.36
CA ASP B 409 0.04 19.64 14.52
C ASP B 409 -1.12 20.20 13.70
N MET B 410 -1.16 19.83 12.42
CA MET B 410 -2.10 20.44 11.48
C MET B 410 -2.95 19.37 10.79
N PRO B 411 -4.05 18.93 11.45
CA PRO B 411 -4.96 17.92 10.88
C PRO B 411 -5.79 18.46 9.71
N PHE B 412 -6.52 17.56 9.04
CA PHE B 412 -7.57 17.87 8.04
C PHE B 412 -7.10 18.54 6.73
N GLN B 413 -5.80 18.46 6.47
CA GLN B 413 -5.25 19.08 5.27
C GLN B 413 -5.48 18.19 4.06
N ASP B 414 -5.71 18.81 2.89
CA ASP B 414 -5.95 18.08 1.63
C ASP B 414 -4.86 17.03 1.33
N ASP B 415 -3.60 17.48 1.38
CA ASP B 415 -2.48 16.56 1.47
C ASP B 415 -2.09 16.56 2.94
N PRO B 416 -2.26 15.41 3.63
CA PRO B 416 -1.95 15.35 5.06
C PRO B 416 -0.55 15.84 5.38
N THR B 417 -0.44 16.66 6.42
CA THR B 417 0.86 17.20 6.84
C THR B 417 1.54 16.17 7.71
N ASP B 418 2.85 16.29 7.86
CA ASP B 418 3.58 15.48 8.83
C ASP B 418 3.67 16.26 10.14
N GLU B 419 4.02 15.58 11.22
CA GLU B 419 3.96 16.20 12.55
C GLU B 419 5.29 16.60 13.19
N TRP B 420 6.36 15.84 12.94
CA TRP B 420 7.66 16.15 13.53
C TRP B 420 8.79 16.03 12.52
N ALA B 421 9.89 16.73 12.81
CA ALA B 421 11.13 16.56 12.07
C ALA B 421 12.28 16.72 13.03
N ILE B 422 13.28 15.85 12.87
CA ILE B 422 14.52 16.02 13.60
C ILE B 422 15.70 16.09 12.65
N ARG B 423 16.69 16.85 13.08
CA ARG B 423 17.83 17.17 12.26
C ARG B 423 19.12 16.90 13.07
N ASP B 424 19.94 15.95 12.60
CA ASP B 424 21.21 15.66 13.27
C ASP B 424 22.33 15.56 12.24
N GLY B 425 23.25 16.50 12.31
CA GLY B 425 24.28 16.65 11.27
C GLY B 425 23.61 16.90 9.93
N ASP B 426 24.00 16.12 8.92
CA ASP B 426 23.40 16.22 7.60
C ASP B 426 22.08 15.43 7.50
N TRP B 427 21.75 14.65 8.54
CA TRP B 427 20.59 13.74 8.50
C TRP B 427 19.31 14.42 8.97
N LYS B 428 18.24 14.25 8.19
CA LYS B 428 16.91 14.74 8.54
C LYS B 428 15.85 13.64 8.42
N MET B 429 15.08 13.44 9.50
CA MET B 429 13.99 12.47 9.51
C MET B 429 12.68 13.21 9.81
N ILE B 430 11.67 12.91 8.99
CA ILE B 430 10.34 13.50 9.15
C ILE B 430 9.37 12.40 9.59
N ILE B 431 8.63 12.70 10.66
CA ILE B 431 7.70 11.76 11.30
C ILE B 431 6.26 12.14 10.93
N ASP B 432 5.49 11.17 10.43
CA ASP B 432 4.07 11.42 10.10
C ASP B 432 3.16 11.56 11.34
N ARG B 433 1.86 11.80 11.10
CA ARG B 433 0.90 12.03 12.18
C ARG B 433 0.50 10.74 12.93
N ASN B 434 0.99 9.60 12.47
CA ASN B 434 0.77 8.33 13.17
C ASN B 434 2.04 7.87 13.91
N ASN B 435 2.92 8.84 14.20
CA ASN B 435 4.20 8.60 14.91
C ASN B 435 5.23 7.73 14.17
N LYS B 436 5.01 7.52 12.87
CA LYS B 436 5.88 6.66 12.05
C LYS B 436 6.84 7.49 11.19
N PRO B 437 8.11 7.04 11.06
CA PRO B 437 9.01 7.70 10.13
C PRO B 437 8.44 7.63 8.72
N LYS B 438 8.49 8.75 7.99
CA LYS B 438 7.97 8.76 6.64
C LYS B 438 9.06 9.09 5.65
N TYR B 439 9.98 9.97 6.04
CA TYR B 439 11.10 10.40 5.21
C TYR B 439 12.40 10.42 5.99
N LEU B 440 13.48 10.05 5.31
CA LEU B 440 14.84 10.21 5.80
C LEU B 440 15.68 10.74 4.67
N TYR B 441 16.34 11.88 4.90
CA TYR B 441 17.20 12.50 3.91
C TYR B 441 18.59 12.81 4.46
N ASN B 442 19.58 12.71 3.59
CA ASN B 442 20.88 13.32 3.84
C ASN B 442 20.87 14.64 3.08
N LEU B 443 20.74 15.74 3.81
CA LEU B 443 20.66 17.06 3.16
C LEU B 443 21.91 17.51 2.40
N LYS B 444 23.07 16.94 2.75
CA LYS B 444 24.33 17.24 2.06
C LYS B 444 24.35 16.69 0.63
N SER B 445 23.80 15.50 0.43
CA SER B 445 23.73 14.88 -0.90
C SER B 445 22.38 15.05 -1.60
N ASP B 446 21.41 15.60 -0.89
CA ASP B 446 20.03 15.72 -1.37
C ASP B 446 19.44 17.01 -0.81
N ARG B 447 19.89 18.14 -1.35
CA ARG B 447 19.39 19.47 -0.93
C ARG B 447 17.86 19.61 -1.06
N TYR B 448 17.29 18.94 -2.05
CA TYR B 448 15.88 19.15 -2.43
C TYR B 448 14.92 18.08 -1.91
N GLU B 449 15.45 17.21 -1.04
CA GLU B 449 14.66 16.19 -0.34
C GLU B 449 13.87 15.32 -1.32
N THR B 450 14.55 14.82 -2.35
CA THR B 450 13.88 14.01 -3.40
C THR B 450 14.33 12.56 -3.34
N LEU B 451 15.26 12.26 -2.45
CA LEU B 451 15.84 10.92 -2.36
C LEU B 451 15.66 10.35 -0.96
N ASN B 452 14.45 9.84 -0.71
CA ASN B 452 14.07 9.25 0.55
C ASN B 452 14.84 7.95 0.80
N LEU B 453 15.45 7.87 1.98
CA LEU B 453 16.37 6.78 2.33
C LEU B 453 15.80 5.83 3.38
N ILE B 454 14.50 5.97 3.66
CA ILE B 454 13.77 5.02 4.51
C ILE B 454 13.84 3.63 3.86
N GLY B 455 14.25 2.65 4.65
CA GLY B 455 14.49 1.28 4.18
C GLY B 455 15.73 1.14 3.33
N LYS B 456 16.68 2.05 3.50
CA LYS B 456 17.94 2.02 2.74
C LYS B 456 19.16 2.29 3.63
N LYS B 457 18.91 2.68 4.88
CA LYS B 457 19.97 3.05 5.82
C LYS B 457 19.66 2.57 7.25
N PRO B 458 19.73 1.24 7.50
CA PRO B 458 19.18 0.63 8.72
C PRO B 458 19.71 1.20 10.04
N ASP B 459 21.03 1.41 10.12
CA ASP B 459 21.67 1.93 11.32
CA ASP B 459 21.65 1.92 11.34
C ASP B 459 21.24 3.37 11.60
N ILE B 460 21.29 4.20 10.55
CA ILE B 460 20.89 5.60 10.63
C ILE B 460 19.40 5.74 10.97
N GLU B 461 18.55 4.92 10.34
CA GLU B 461 17.11 4.87 10.66
C GLU B 461 16.83 4.55 12.13
N LYS B 462 17.58 3.57 12.66
CA LYS B 462 17.43 3.17 14.06
C LYS B 462 17.91 4.28 15.01
N GLN B 463 19.08 4.83 14.74
CA GLN B 463 19.65 5.94 15.51
C GLN B 463 18.70 7.14 15.56
N MET B 464 18.17 7.53 14.40
CA MET B 464 17.37 8.76 14.28
C MET B 464 15.99 8.60 14.91
N TYR B 465 15.32 7.47 14.66
CA TYR B 465 14.00 7.23 15.25
C TYR B 465 14.08 7.12 16.77
N GLY B 466 15.17 6.55 17.27
CA GLY B 466 15.43 6.46 18.70
C GLY B 466 15.63 7.83 19.32
N LYS B 467 16.43 8.66 18.65
CA LYS B 467 16.64 10.06 19.05
C LYS B 467 15.34 10.86 19.04
N PHE B 468 14.48 10.60 18.06
CA PHE B 468 13.17 11.23 17.98
C PHE B 468 12.27 10.91 19.17
N LEU B 469 12.11 9.61 19.45
CA LEU B 469 11.21 9.15 20.52
C LEU B 469 11.63 9.67 21.88
N LYS B 470 12.95 9.69 22.13
CA LYS B 470 13.51 10.31 23.32
C LYS B 470 13.14 11.80 23.40
N TYR B 471 13.34 12.52 22.30
CA TYR B 471 12.99 13.95 22.25
C TYR B 471 11.49 14.18 22.42
N LYS B 472 10.69 13.37 21.74
CA LYS B 472 9.23 13.41 21.86
C LYS B 472 8.75 13.19 23.30
N THR B 473 9.26 12.16 23.99
CA THR B 473 8.87 11.90 25.38
CA THR B 473 8.84 11.92 25.37
C THR B 473 9.25 13.06 26.30
N ASP B 474 10.49 13.56 26.14
CA ASP B 474 10.97 14.72 26.89
C ASP B 474 10.09 15.96 26.70
N ILE B 475 9.65 16.19 25.45
CA ILE B 475 8.75 17.32 25.15
C ILE B 475 7.35 17.11 25.72
N ASP B 476 6.78 15.91 25.48
CA ASP B 476 5.45 15.54 25.98
C ASP B 476 5.37 15.62 27.50
N ASN B 477 6.46 15.26 28.18
CA ASN B 477 6.52 15.30 29.65
C ASN B 477 7.24 16.54 30.19
N ASP B 478 7.15 17.66 29.46
CA ASP B 478 7.77 18.91 29.88
C ASP B 478 7.33 19.32 31.29
N SER B 479 8.31 19.62 32.14
CA SER B 479 8.06 19.96 33.56
C SER B 479 7.32 21.26 33.78
N LEU B 480 7.65 22.30 33.01
CA LEU B 480 6.95 23.58 33.15
C LEU B 480 5.47 23.46 32.75
N MET B 481 5.22 22.70 31.68
CA MET B 481 3.86 22.35 31.24
C MET B 481 3.09 21.62 32.36
N LYS B 482 3.75 20.63 32.98
CA LYS B 482 3.19 19.91 34.12
C LYS B 482 2.91 20.81 35.34
N ALA B 483 3.83 21.74 35.60
CA ALA B 483 3.74 22.71 36.70
C ALA B 483 2.53 23.65 36.64
N ARG B 484 2.05 23.96 35.43
CA ARG B 484 0.84 24.78 35.27
C ARG B 484 -0.44 23.92 35.13
N GLY B 485 -0.26 22.60 35.26
CA GLY B 485 -1.39 21.67 35.25
C GLY B 485 -1.89 21.37 33.85
N ASP B 486 -0.96 21.28 32.90
CA ASP B 486 -1.31 21.05 31.51
C ASP B 486 -0.70 19.78 30.93
N LYS B 487 -1.21 19.40 29.76
CA LYS B 487 -0.73 18.23 29.05
C LYS B 487 -0.68 18.59 27.55
N PRO B 488 0.07 17.81 26.74
CA PRO B 488 -0.10 17.96 25.29
C PRO B 488 -1.54 17.63 24.86
N GLU B 489 -2.20 18.59 24.23
CA GLU B 489 -3.54 18.41 23.69
C GLU B 489 -3.51 18.34 22.17
N ALA B 490 -3.76 17.15 21.61
CA ALA B 490 -3.80 16.96 20.16
C ALA B 490 -4.79 17.91 19.49
N VAL B 491 -4.41 18.47 18.35
CA VAL B 491 -5.25 19.46 17.68
C VAL B 491 -6.40 18.73 16.97
N THR B 492 -7.63 19.07 17.34
CA THR B 492 -8.83 18.42 16.81
C THR B 492 -9.80 19.47 16.28
N TRP B 493 -9.39 20.73 16.38
CA TRP B 493 -10.14 21.86 15.85
C TRP B 493 -9.60 22.26 14.48
N GLY B 494 -10.44 22.96 13.71
CA GLY B 494 -10.07 23.41 12.36
C GLY B 494 -9.80 24.90 12.29
N GLN C 27 -42.22 -22.54 35.14
CA GLN C 27 -41.36 -23.25 34.13
C GLN C 27 -40.25 -22.34 33.58
N PRO C 28 -39.02 -22.88 33.48
CA PRO C 28 -37.88 -22.07 33.05
C PRO C 28 -37.89 -21.71 31.56
N ASN C 29 -37.22 -20.61 31.23
CA ASN C 29 -37.07 -20.13 29.86
C ASN C 29 -35.96 -20.86 29.08
N LEU C 30 -35.69 -20.38 27.86
CA LEU C 30 -34.60 -20.90 27.03
C LEU C 30 -34.07 -19.84 26.06
N VAL C 31 -32.75 -19.70 26.02
CA VAL C 31 -32.11 -18.91 24.99
C VAL C 31 -31.05 -19.80 24.36
N ILE C 32 -31.30 -20.22 23.13
CA ILE C 32 -30.27 -20.90 22.33
C ILE C 32 -29.62 -19.84 21.46
N ILE C 33 -28.31 -19.64 21.65
CA ILE C 33 -27.51 -18.76 20.82
C ILE C 33 -26.66 -19.62 19.88
N MET C 34 -26.88 -19.46 18.58
CA MET C 34 -26.17 -20.21 17.56
C MET C 34 -25.26 -19.26 16.80
N ALA C 35 -23.95 -19.47 16.94
CA ALA C 35 -22.98 -18.82 16.07
C ALA C 35 -22.86 -19.59 14.75
N ASP C 36 -22.35 -18.93 13.73
CA ASP C 36 -22.32 -19.48 12.39
C ASP C 36 -20.87 -19.69 11.94
N ASP C 37 -20.50 -20.95 11.68
CA ASP C 37 -19.13 -21.32 11.20
C ASP C 37 -18.07 -20.98 12.26
N LEU C 38 -18.46 -20.94 13.53
CA LEU C 38 -17.53 -20.62 14.60
C LEU C 38 -16.71 -21.86 14.98
N GLY C 39 -15.40 -21.73 14.84
CA GLY C 39 -14.49 -22.86 15.04
C GLY C 39 -14.19 -23.19 16.48
N TYR C 40 -13.74 -24.42 16.69
CA TYR C 40 -13.38 -24.92 18.02
C TYR C 40 -12.33 -24.04 18.74
N GLY C 41 -11.39 -23.47 17.98
CA GLY C 41 -10.40 -22.56 18.55
C GLY C 41 -10.62 -21.08 18.27
N ASP C 42 -11.85 -20.68 17.96
CA ASP C 42 -12.13 -19.28 17.59
C ASP C 42 -12.46 -18.37 18.79
N LEU C 43 -12.56 -18.96 19.98
CA LEU C 43 -12.80 -18.19 21.21
C LEU C 43 -11.60 -18.23 22.15
N ALA C 44 -11.36 -17.11 22.86
CA ALA C 44 -10.25 -16.99 23.80
C ALA C 44 -10.30 -18.01 24.95
N THR C 45 -11.52 -18.36 25.38
CA THR C 45 -11.72 -19.38 26.41
C THR C 45 -11.44 -20.79 25.87
N TYR C 46 -11.38 -20.92 24.54
CA TYR C 46 -11.07 -22.17 23.87
C TYR C 46 -9.64 -22.22 23.32
N GLY C 47 -8.83 -21.25 23.72
CA GLY C 47 -7.39 -21.29 23.47
C GLY C 47 -6.87 -20.29 22.46
N HIS C 48 -7.76 -19.49 21.87
CA HIS C 48 -7.35 -18.52 20.86
C HIS C 48 -6.46 -17.48 21.52
N GLN C 49 -5.29 -17.26 20.92
CA GLN C 49 -4.22 -16.47 21.54
C GLN C 49 -4.28 -14.98 21.22
N ILE C 50 -5.17 -14.59 20.30
CA ILE C 50 -5.24 -13.20 19.84
C ILE C 50 -6.60 -12.53 20.13
N VAL C 51 -7.69 -13.25 19.84
CA VAL C 51 -9.05 -12.69 19.89
C VAL C 51 -9.50 -12.38 21.33
N LYS C 52 -10.22 -11.27 21.46
CA LYS C 52 -10.86 -10.92 22.72
C LYS C 52 -12.33 -11.33 22.69
N THR C 53 -12.71 -12.26 23.53
CA THR C 53 -14.11 -12.65 23.64
C THR C 53 -14.62 -12.58 25.09
N PRO C 54 -14.58 -11.37 25.73
CA PRO C 54 -14.86 -11.27 27.17
C PRO C 54 -16.25 -11.77 27.59
N ASN C 55 -17.27 -11.44 26.79
CA ASN C 55 -18.66 -11.81 27.08
C ASN C 55 -18.90 -13.31 27.11
N ILE C 56 -18.34 -14.00 26.10
CA ILE C 56 -18.43 -15.46 26.00
C ILE C 56 -17.48 -16.16 27.00
N ASP C 57 -16.33 -15.52 27.29
CA ASP C 57 -15.42 -15.98 28.34
C ASP C 57 -16.10 -15.97 29.71
N ARG C 58 -16.86 -14.92 29.99
CA ARG C 58 -17.61 -14.77 31.24
C ARG C 58 -18.72 -15.83 31.36
N LEU C 59 -19.41 -16.07 30.24
CA LEU C 59 -20.46 -17.09 30.17
C LEU C 59 -19.91 -18.50 30.45
N ALA C 60 -18.72 -18.77 29.94
CA ALA C 60 -18.02 -20.02 30.22
C ALA C 60 -17.68 -20.17 31.71
N GLN C 61 -17.25 -19.06 32.32
CA GLN C 61 -16.94 -19.00 33.75
C GLN C 61 -18.19 -19.19 34.63
N GLU C 62 -19.31 -18.65 34.15
CA GLU C 62 -20.60 -18.73 34.87
C GLU C 62 -21.39 -20.02 34.58
N GLY C 63 -20.85 -20.88 33.72
CA GLY C 63 -21.53 -22.14 33.38
C GLY C 63 -20.60 -23.31 33.12
N VAL C 64 -21.09 -24.27 32.35
CA VAL C 64 -20.31 -25.44 31.97
C VAL C 64 -19.80 -25.29 30.53
N LYS C 65 -18.48 -25.38 30.36
CA LYS C 65 -17.86 -25.36 29.05
C LYS C 65 -17.53 -26.80 28.60
N PHE C 66 -18.04 -27.19 27.44
CA PHE C 66 -17.77 -28.51 26.89
C PHE C 66 -16.55 -28.45 25.96
N THR C 67 -15.65 -29.42 26.10
CA THR C 67 -14.45 -29.48 25.25
C THR C 67 -14.56 -30.54 24.17
N ASP C 68 -15.55 -31.42 24.31
CA ASP C 68 -15.76 -32.54 23.39
C ASP C 68 -17.21 -32.55 22.87
N TYR C 69 -17.73 -31.36 22.59
CA TYR C 69 -19.04 -31.21 21.98
C TYR C 69 -18.93 -31.14 20.46
N TYR C 70 -19.88 -31.78 19.79
CA TYR C 70 -19.91 -31.80 18.34
C TYR C 70 -21.21 -31.26 17.77
N ALA C 71 -21.11 -30.58 16.64
CA ALA C 71 -22.27 -30.31 15.80
C ALA C 71 -22.75 -31.64 15.17
N PRO C 72 -24.06 -31.77 14.85
CA PRO C 72 -24.56 -32.96 14.15
C PRO C 72 -24.02 -33.15 12.71
N ALA C 73 -23.46 -32.08 12.13
CA ALA C 73 -23.00 -32.11 10.75
C ALA C 73 -21.99 -30.98 10.49
N PRO C 74 -21.02 -31.19 9.57
CA PRO C 74 -20.06 -30.14 9.29
C PRO C 74 -20.53 -29.07 8.28
N LEU C 75 -21.84 -28.89 8.16
CA LEU C 75 -22.45 -27.80 7.37
C LEU C 75 -23.70 -27.27 8.04
N SER C 76 -24.08 -26.04 7.69
CA SER C 76 -25.15 -25.27 8.35
C SER C 76 -26.51 -25.95 8.49
N SER C 77 -27.17 -26.16 7.35
CA SER C 77 -28.53 -26.67 7.32
C SER C 77 -28.75 -28.00 8.05
N PRO C 78 -27.94 -29.05 7.73
CA PRO C 78 -28.13 -30.31 8.44
C PRO C 78 -27.83 -30.24 9.94
N SER C 79 -26.87 -29.42 10.32
CA SER C 79 -26.49 -29.25 11.72
C SER C 79 -27.63 -28.65 12.52
N ARG C 80 -28.19 -27.56 11.99
CA ARG C 80 -29.30 -26.84 12.60
C ARG C 80 -30.56 -27.71 12.67
N ALA C 81 -30.84 -28.44 11.58
CA ALA C 81 -31.98 -29.36 11.51
C ALA C 81 -31.85 -30.42 12.59
N GLY C 82 -30.64 -30.94 12.74
CA GLY C 82 -30.32 -31.92 13.76
C GLY C 82 -30.51 -31.41 15.18
N LEU C 83 -29.94 -30.25 15.47
CA LEU C 83 -30.04 -29.66 16.82
C LEU C 83 -31.48 -29.34 17.20
N LEU C 84 -32.22 -28.73 16.28
CA LEU C 84 -33.59 -28.30 16.55
C LEU C 84 -34.61 -29.44 16.68
N THR C 85 -34.30 -30.61 16.14
CA THR C 85 -35.22 -31.76 16.19
C THR C 85 -34.74 -32.91 17.08
N GLY C 86 -33.46 -32.92 17.42
CA GLY C 86 -32.86 -34.08 18.11
C GLY C 86 -32.72 -35.32 17.23
N ARG C 87 -32.85 -35.15 15.91
CA ARG C 87 -32.83 -36.26 14.97
C ARG C 87 -31.69 -36.07 13.98
N MET C 88 -30.97 -37.15 13.67
CA MET C 88 -29.91 -37.14 12.64
C MET C 88 -30.46 -36.50 11.37
N PRO C 89 -29.77 -35.46 10.84
CA PRO C 89 -30.40 -34.61 9.80
C PRO C 89 -30.95 -35.30 8.56
N PHE C 90 -30.35 -36.42 8.16
CA PHE C 90 -30.79 -37.18 7.01
C PHE C 90 -32.25 -37.65 7.19
N ARG C 91 -32.62 -38.03 8.42
CA ARG C 91 -34.00 -38.36 8.80
C ARG C 91 -35.02 -37.24 8.52
N THR C 92 -34.54 -35.99 8.54
CA THR C 92 -35.39 -34.82 8.35
C THR C 92 -35.42 -34.35 6.88
N GLY C 93 -34.63 -35.03 6.04
CA GLY C 93 -34.58 -34.70 4.62
C GLY C 93 -33.56 -33.66 4.22
N ILE C 94 -32.70 -33.28 5.16
CA ILE C 94 -31.63 -32.31 4.89
C ILE C 94 -30.28 -33.00 5.04
N ARG C 95 -29.53 -33.08 3.93
CA ARG C 95 -28.27 -33.82 3.89
C ARG C 95 -27.03 -32.93 3.69
N SER C 96 -27.22 -31.78 3.04
CA SER C 96 -26.17 -30.77 2.86
C SER C 96 -26.79 -29.39 2.59
N TRP C 97 -26.42 -28.77 1.46
N TRP C 97 -26.40 -28.74 1.49
CA TRP C 97 -26.94 -27.45 1.08
CA TRP C 97 -26.92 -27.42 1.16
C TRP C 97 -28.42 -27.51 0.73
C TRP C 97 -28.36 -27.47 0.66
N ILE C 98 -29.08 -26.37 0.88
CA ILE C 98 -30.43 -26.20 0.39
C ILE C 98 -30.37 -25.15 -0.71
N PRO C 99 -30.49 -25.57 -1.98
CA PRO C 99 -30.49 -24.63 -3.10
C PRO C 99 -31.88 -24.06 -3.43
N SER C 100 -31.91 -22.81 -3.92
CA SER C 100 -33.14 -22.10 -4.26
C SER C 100 -33.97 -22.80 -5.34
N GLY C 101 -35.29 -22.70 -5.22
CA GLY C 101 -36.21 -23.25 -6.22
C GLY C 101 -36.31 -24.76 -6.27
N LYS C 102 -35.54 -25.44 -5.43
CA LYS C 102 -35.56 -26.89 -5.34
CA LYS C 102 -35.54 -26.90 -5.35
C LYS C 102 -36.35 -27.38 -4.13
N ASP C 103 -36.73 -28.65 -4.13
CA ASP C 103 -37.63 -29.21 -3.12
C ASP C 103 -36.97 -29.76 -1.85
N VAL C 104 -35.83 -29.19 -1.47
CA VAL C 104 -35.21 -29.52 -0.19
C VAL C 104 -35.69 -28.55 0.89
N ALA C 105 -36.18 -29.12 1.99
CA ALA C 105 -36.61 -28.37 3.17
C ALA C 105 -36.74 -29.35 4.31
N LEU C 106 -36.84 -28.83 5.53
CA LEU C 106 -37.14 -29.66 6.70
C LEU C 106 -38.48 -30.35 6.45
N GLY C 107 -38.54 -31.64 6.77
CA GLY C 107 -39.73 -32.45 6.53
C GLY C 107 -40.95 -31.89 7.23
N ARG C 108 -42.10 -31.93 6.55
CA ARG C 108 -43.33 -31.26 7.01
C ARG C 108 -43.87 -31.71 8.39
N ASN C 109 -43.61 -32.96 8.74
CA ASN C 109 -44.10 -33.53 10.01
C ASN C 109 -43.05 -33.50 11.14
N GLU C 110 -41.95 -32.78 10.91
CA GLU C 110 -40.88 -32.65 11.90
C GLU C 110 -41.28 -31.65 12.98
N LEU C 111 -40.99 -32.01 14.24
CA LEU C 111 -41.24 -31.11 15.36
C LEU C 111 -39.93 -30.58 15.92
N THR C 112 -39.81 -29.27 15.99
CA THR C 112 -38.64 -28.62 16.57
C THR C 112 -38.82 -28.44 18.08
N ILE C 113 -37.77 -27.95 18.74
CA ILE C 113 -37.82 -27.52 20.16
C ILE C 113 -38.89 -26.44 20.35
N ALA C 114 -39.01 -25.53 19.37
CA ALA C 114 -40.02 -24.46 19.42
C ALA C 114 -41.46 -24.96 19.35
N ASN C 115 -41.71 -25.97 18.50
CA ASN C 115 -43.01 -26.64 18.44
C ASN C 115 -43.42 -27.16 19.83
N LEU C 116 -42.53 -27.93 20.47
CA LEU C 116 -42.82 -28.56 21.76
C LEU C 116 -42.96 -27.55 22.91
N LEU C 117 -42.18 -26.47 22.86
CA LEU C 117 -42.27 -25.41 23.86
C LEU C 117 -43.51 -24.52 23.67
N LYS C 118 -43.89 -24.24 22.42
CA LYS C 118 -45.14 -23.54 22.10
C LYS C 118 -46.34 -24.27 22.71
N ALA C 119 -46.32 -25.60 22.62
CA ALA C 119 -47.34 -26.48 23.20
C ALA C 119 -47.30 -26.51 24.73
N GLN C 120 -46.15 -26.15 25.31
CA GLN C 120 -46.02 -26.04 26.77
C GLN C 120 -46.47 -24.69 27.32
N GLY C 121 -46.80 -23.76 26.42
CA GLY C 121 -47.28 -22.43 26.82
C GLY C 121 -46.23 -21.33 26.78
N TYR C 122 -45.23 -21.49 25.91
CA TYR C 122 -44.13 -20.52 25.80
C TYR C 122 -44.36 -19.46 24.73
N ASP C 123 -43.81 -18.27 24.96
CA ASP C 123 -43.73 -17.25 23.92
C ASP C 123 -42.46 -17.56 23.13
N THR C 124 -42.61 -18.02 21.90
CA THR C 124 -41.46 -18.44 21.10
C THR C 124 -41.08 -17.38 20.08
N ALA C 125 -39.81 -17.02 20.04
CA ALA C 125 -39.29 -16.11 19.02
C ALA C 125 -37.97 -16.63 18.44
N MET C 126 -37.63 -16.15 17.26
CA MET C 126 -36.44 -16.54 16.52
C MET C 126 -35.91 -15.35 15.75
N MET C 127 -34.61 -15.12 15.85
CA MET C 127 -33.97 -14.01 15.16
C MET C 127 -32.70 -14.49 14.48
N GLY C 128 -32.52 -14.11 13.22
CA GLY C 128 -31.30 -14.41 12.46
C GLY C 128 -31.46 -15.46 11.37
N LYS C 129 -30.39 -16.23 11.16
CA LYS C 129 -30.32 -17.25 10.13
C LYS C 129 -31.23 -18.44 10.43
N LEU C 130 -32.08 -18.78 9.45
CA LEU C 130 -32.91 -19.97 9.56
C LEU C 130 -32.30 -21.14 8.77
N HIS C 131 -32.23 -20.96 7.44
CA HIS C 131 -31.53 -21.89 6.54
C HIS C 131 -32.01 -23.34 6.68
N LEU C 132 -33.34 -23.53 6.67
CA LEU C 132 -33.97 -24.86 6.78
C LEU C 132 -35.01 -25.14 5.69
N ASN C 133 -35.16 -24.19 4.78
CA ASN C 133 -35.99 -24.35 3.60
C ASN C 133 -35.34 -23.64 2.40
N ALA C 134 -36.01 -23.66 1.26
CA ALA C 134 -35.46 -23.08 0.02
C ALA C 134 -35.82 -21.61 -0.18
N GLY C 135 -36.28 -20.95 0.87
CA GLY C 135 -36.63 -19.53 0.81
C GLY C 135 -37.94 -19.20 1.48
N GLY C 136 -38.07 -17.96 1.94
CA GLY C 136 -39.26 -17.49 2.65
C GLY C 136 -40.52 -17.39 1.81
N ASP C 137 -40.34 -17.28 0.50
CA ASP C 137 -41.44 -17.17 -0.44
C ASP C 137 -42.11 -18.52 -0.72
N ARG C 138 -41.50 -19.60 -0.24
CA ARG C 138 -41.96 -20.95 -0.53
C ARG C 138 -43.09 -21.40 0.39
N THR C 139 -44.32 -21.25 -0.11
CA THR C 139 -45.54 -21.61 0.65
C THR C 139 -45.78 -23.12 0.67
N ASP C 140 -45.05 -23.85 -0.16
CA ASP C 140 -45.11 -25.31 -0.19
C ASP C 140 -44.08 -25.96 0.76
N GLN C 141 -43.43 -25.13 1.57
CA GLN C 141 -42.42 -25.59 2.52
C GLN C 141 -42.64 -24.93 3.89
N PRO C 142 -42.30 -25.64 4.99
CA PRO C 142 -42.43 -25.06 6.33
C PRO C 142 -41.59 -23.79 6.52
N GLN C 143 -42.16 -22.83 7.24
CA GLN C 143 -41.51 -21.56 7.52
C GLN C 143 -41.31 -21.47 9.03
N ALA C 144 -40.77 -20.35 9.50
CA ALA C 144 -40.49 -20.15 10.92
C ALA C 144 -41.71 -20.41 11.79
N GLN C 145 -42.87 -19.88 11.37
CA GLN C 145 -44.13 -20.04 12.09
C GLN C 145 -44.59 -21.50 12.16
N ASP C 146 -44.38 -22.24 11.06
CA ASP C 146 -44.69 -23.67 11.00
C ASP C 146 -43.80 -24.47 11.94
N MET C 147 -42.57 -24.00 12.10
CA MET C 147 -41.55 -24.57 12.99
C MET C 147 -41.74 -24.17 14.46
N GLY C 148 -42.84 -23.46 14.77
CA GLY C 148 -43.24 -23.19 16.15
C GLY C 148 -42.79 -21.88 16.74
N PHE C 149 -42.24 -21.00 15.92
CA PHE C 149 -41.84 -19.67 16.35
C PHE C 149 -42.95 -18.68 16.03
N ASP C 150 -43.63 -18.20 17.07
CA ASP C 150 -44.75 -17.26 16.91
C ASP C 150 -44.31 -15.86 16.51
N TYR C 151 -43.03 -15.55 16.75
CA TYR C 151 -42.39 -14.33 16.26
C TYR C 151 -41.11 -14.72 15.52
N SER C 152 -40.83 -14.02 14.43
CA SER C 152 -39.56 -14.21 13.71
C SER C 152 -39.04 -13.00 12.95
N LEU C 153 -37.72 -12.81 13.02
CA LEU C 153 -37.01 -11.98 12.05
C LEU C 153 -35.99 -12.94 11.44
N ALA C 154 -36.24 -13.33 10.20
CA ALA C 154 -35.53 -14.47 9.60
C ALA C 154 -34.78 -14.12 8.33
N ASN C 155 -33.53 -14.59 8.27
CA ASN C 155 -32.84 -14.75 6.99
C ASN C 155 -33.01 -16.21 6.62
N THR C 156 -33.73 -16.46 5.52
CA THR C 156 -33.99 -17.83 5.12
C THR C 156 -32.77 -18.45 4.39
N ALA C 157 -31.85 -17.59 3.93
CA ALA C 157 -30.65 -18.03 3.20
C ALA C 157 -29.46 -18.36 4.13
N GLY C 158 -28.45 -19.04 3.57
CA GLY C 158 -27.28 -19.47 4.36
C GLY C 158 -26.23 -18.42 4.64
N PHE C 159 -26.46 -17.19 4.18
CA PHE C 159 -25.49 -16.11 4.26
C PHE C 159 -26.21 -14.76 4.11
N VAL C 160 -25.61 -13.70 4.64
CA VAL C 160 -26.17 -12.34 4.51
C VAL C 160 -25.95 -11.82 3.08
N THR C 161 -26.99 -11.22 2.52
CA THR C 161 -26.94 -10.46 1.27
C THR C 161 -27.20 -8.96 1.53
N ASP C 162 -26.37 -8.09 0.97
CA ASP C 162 -26.68 -6.67 0.86
C ASP C 162 -26.91 -6.34 -0.61
N ALA C 163 -28.18 -6.27 -0.98
CA ALA C 163 -28.61 -6.08 -2.37
C ALA C 163 -28.03 -4.83 -3.02
N THR C 164 -27.78 -3.78 -2.24
CA THR C 164 -27.21 -2.54 -2.78
C THR C 164 -25.78 -2.75 -3.26
N LEU C 165 -25.06 -3.67 -2.61
CA LEU C 165 -23.72 -4.05 -3.04
C LEU C 165 -23.79 -5.09 -4.17
N ASP C 166 -24.60 -6.13 -4.00
CA ASP C 166 -24.80 -7.14 -5.05
C ASP C 166 -25.20 -6.57 -6.41
N ASN C 167 -26.05 -5.54 -6.39
CA ASN C 167 -26.56 -4.93 -7.62
C ASN C 167 -25.83 -3.66 -8.10
N ALA C 168 -24.83 -3.21 -7.36
CA ALA C 168 -23.97 -2.12 -7.82
C ALA C 168 -23.20 -2.57 -9.06
N LYS C 169 -23.15 -1.70 -10.06
CA LYS C 169 -22.64 -2.05 -11.39
C LYS C 169 -21.15 -1.79 -11.56
N GLU C 170 -20.61 -0.87 -10.75
CA GLU C 170 -19.20 -0.50 -10.84
C GLU C 170 -18.29 -1.55 -10.19
N ARG C 171 -17.01 -1.56 -10.58
CA ARG C 171 -16.02 -2.49 -10.05
C ARG C 171 -14.70 -1.74 -9.85
N PRO C 172 -14.06 -1.87 -8.65
CA PRO C 172 -14.49 -2.56 -7.43
C PRO C 172 -15.64 -1.85 -6.72
N ARG C 173 -16.23 -2.52 -5.74
CA ARG C 173 -17.27 -1.95 -4.88
C ARG C 173 -16.76 -1.75 -3.46
N TYR C 174 -17.08 -0.59 -2.90
CA TYR C 174 -16.67 -0.24 -1.54
C TYR C 174 -17.89 0.04 -0.66
N GLY C 175 -18.00 -0.69 0.43
CA GLY C 175 -19.08 -0.52 1.39
C GLY C 175 -19.19 -1.71 2.31
N MET C 176 -19.62 -1.46 3.55
CA MET C 176 -19.87 -2.52 4.51
C MET C 176 -21.25 -3.13 4.30
N VAL C 177 -21.41 -4.38 4.75
CA VAL C 177 -22.62 -5.15 4.46
C VAL C 177 -23.73 -4.90 5.51
N TYR C 178 -24.90 -4.44 5.01
CA TYR C 178 -26.10 -4.24 5.83
C TYR C 178 -27.19 -5.16 5.26
N PRO C 179 -27.72 -6.08 6.08
CA PRO C 179 -28.63 -7.12 5.60
C PRO C 179 -29.91 -6.62 4.93
N THR C 180 -30.12 -7.04 3.68
CA THR C 180 -31.38 -6.87 2.96
C THR C 180 -32.10 -8.22 2.85
N GLY C 181 -33.41 -8.17 2.59
CA GLY C 181 -34.17 -9.38 2.28
C GLY C 181 -34.69 -10.20 3.44
N TRP C 182 -34.47 -9.72 4.67
CA TRP C 182 -34.92 -10.47 5.83
C TRP C 182 -36.44 -10.33 5.99
N LEU C 183 -37.05 -11.27 6.68
CA LEU C 183 -38.52 -11.31 6.81
C LEU C 183 -38.96 -11.17 8.26
N ARG C 184 -39.72 -10.13 8.57
CA ARG C 184 -40.29 -10.01 9.91
C ARG C 184 -41.71 -10.55 9.87
N ASN C 185 -41.93 -11.67 10.57
CA ASN C 185 -43.20 -12.38 10.56
C ASN C 185 -43.73 -12.54 9.13
N GLY C 186 -42.89 -13.12 8.26
CA GLY C 186 -43.25 -13.34 6.86
C GLY C 186 -43.17 -12.12 5.94
N GLN C 187 -42.96 -10.93 6.52
CA GLN C 187 -43.02 -9.69 5.76
C GLN C 187 -41.65 -9.08 5.51
N PRO C 188 -41.32 -8.80 4.22
CA PRO C 188 -40.08 -8.13 3.83
C PRO C 188 -39.82 -6.83 4.60
N THR C 189 -38.58 -6.73 5.09
CA THR C 189 -38.10 -5.60 5.87
C THR C 189 -37.32 -4.72 4.91
N PRO C 190 -37.15 -3.41 5.21
CA PRO C 190 -36.23 -2.64 4.38
C PRO C 190 -34.79 -2.97 4.79
N ARG C 191 -33.82 -2.44 4.04
CA ARG C 191 -32.40 -2.60 4.35
C ARG C 191 -32.13 -2.18 5.79
N ALA C 192 -31.43 -3.04 6.54
CA ALA C 192 -31.08 -2.76 7.92
C ALA C 192 -30.19 -1.53 8.02
N ASP C 193 -30.35 -0.78 9.11
CA ASP C 193 -29.54 0.40 9.38
C ASP C 193 -28.30 0.05 10.19
N LYS C 194 -28.23 -1.21 10.61
CA LYS C 194 -27.10 -1.76 11.34
C LYS C 194 -26.61 -3.07 10.72
N MET C 195 -25.32 -3.37 10.89
CA MET C 195 -24.76 -4.65 10.45
C MET C 195 -25.43 -5.82 11.17
N SER C 196 -25.30 -7.01 10.61
CA SER C 196 -26.16 -8.15 10.97
C SER C 196 -26.26 -8.50 12.45
N GLY C 197 -25.13 -8.48 13.16
CA GLY C 197 -25.11 -8.82 14.58
C GLY C 197 -25.96 -7.86 15.43
N GLU C 198 -25.82 -6.57 15.15
CA GLU C 198 -26.61 -5.54 15.82
C GLU C 198 -28.08 -5.57 15.39
N TYR C 199 -28.32 -5.85 14.11
CA TYR C 199 -29.67 -6.04 13.57
C TYR C 199 -30.41 -7.16 14.31
N VAL C 200 -29.73 -8.28 14.53
CA VAL C 200 -30.26 -9.39 15.33
C VAL C 200 -30.45 -9.01 16.81
N SER C 201 -29.38 -8.51 17.45
CA SER C 201 -29.43 -8.24 18.90
C SER C 201 -30.39 -7.11 19.29
N SER C 202 -30.53 -6.12 18.41
CA SER C 202 -31.54 -5.07 18.58
C SER C 202 -32.95 -5.65 18.54
N GLU C 203 -33.18 -6.57 17.60
CA GLU C 203 -34.45 -7.28 17.50
C GLU C 203 -34.75 -8.19 18.70
N VAL C 204 -33.71 -8.83 19.26
CA VAL C 204 -33.87 -9.63 20.48
C VAL C 204 -34.30 -8.74 21.65
N VAL C 205 -33.54 -7.67 21.87
CA VAL C 205 -33.73 -6.70 22.96
C VAL C 205 -35.07 -5.97 22.87
N ASN C 206 -35.43 -5.50 21.67
CA ASN C 206 -36.73 -4.86 21.44
C ASN C 206 -37.93 -5.79 21.65
N TRP C 207 -37.77 -7.07 21.32
CA TRP C 207 -38.80 -8.07 21.57
C TRP C 207 -38.95 -8.37 23.06
N LEU C 208 -37.84 -8.34 23.80
CA LEU C 208 -37.85 -8.60 25.24
C LEU C 208 -38.48 -7.47 26.03
N ASP C 209 -38.25 -6.23 25.59
CA ASP C 209 -38.89 -5.06 26.16
C ASP C 209 -40.40 -5.06 25.92
N ASN C 210 -40.79 -5.30 24.67
CA ASN C 210 -42.18 -5.16 24.24
C ASN C 210 -43.06 -6.40 24.37
N LYS C 211 -42.56 -7.45 25.02
CA LYS C 211 -43.36 -8.67 25.20
C LYS C 211 -44.35 -8.55 26.35
N ASP C 213 -46.29 -9.86 28.66
CA ASP C 213 -46.94 -10.56 29.77
C ASP C 213 -45.91 -11.18 30.72
N SER C 214 -46.30 -12.26 31.39
CA SER C 214 -45.43 -13.00 32.31
C SER C 214 -45.42 -14.48 31.96
N LYS C 215 -45.03 -14.79 30.73
CA LYS C 215 -44.99 -16.16 30.23
C LYS C 215 -43.54 -16.54 29.94
N PRO C 216 -43.20 -17.84 30.09
CA PRO C 216 -41.83 -18.28 29.79
C PRO C 216 -41.53 -18.16 28.30
N PHE C 217 -40.29 -17.82 27.95
CA PHE C 217 -39.94 -17.61 26.55
C PHE C 217 -38.84 -18.52 25.99
N PHE C 218 -38.97 -18.85 24.71
CA PHE C 218 -37.90 -19.48 23.93
C PHE C 218 -37.40 -18.48 22.89
N LEU C 219 -36.13 -18.12 23.01
CA LEU C 219 -35.45 -17.32 22.00
C LEU C 219 -34.42 -18.19 21.28
N TYR C 220 -34.55 -18.27 19.96
CA TYR C 220 -33.51 -18.89 19.14
C TYR C 220 -32.78 -17.74 18.45
N VAL C 221 -31.57 -17.48 18.92
CA VAL C 221 -30.77 -16.36 18.44
C VAL C 221 -29.68 -16.90 17.52
N ALA C 222 -29.94 -16.84 16.22
CA ALA C 222 -29.06 -17.44 15.23
C ALA C 222 -28.23 -16.37 14.53
N PHE C 223 -27.12 -15.96 15.16
CA PHE C 223 -26.27 -14.93 14.59
C PHE C 223 -25.66 -15.42 13.29
N THR C 224 -25.48 -14.50 12.34
CA THR C 224 -24.87 -14.83 11.04
C THR C 224 -23.34 -14.77 11.11
N GLU C 225 -22.82 -14.06 12.09
CA GLU C 225 -21.37 -14.09 12.40
C GLU C 225 -21.02 -15.51 12.89
N VAL C 226 -19.91 -16.10 12.42
CA VAL C 226 -18.87 -15.44 11.63
C VAL C 226 -18.76 -15.86 10.13
N HIS C 227 -19.91 -16.17 9.55
CA HIS C 227 -20.06 -16.58 8.16
C HIS C 227 -19.75 -15.42 7.22
N SER C 228 -19.18 -15.72 6.06
CA SER C 228 -19.03 -14.71 5.02
C SER C 228 -20.43 -14.22 4.57
N PRO C 229 -20.57 -12.92 4.23
CA PRO C 229 -19.57 -11.87 4.27
C PRO C 229 -19.40 -11.25 5.66
N LEU C 230 -18.16 -11.07 6.10
CA LEU C 230 -17.88 -10.42 7.39
C LEU C 230 -18.29 -8.96 7.28
N ALA C 231 -18.78 -8.41 8.38
CA ALA C 231 -19.13 -7.01 8.49
C ALA C 231 -18.97 -6.63 9.95
N SER C 232 -17.99 -5.77 10.23
CA SER C 232 -17.73 -5.32 11.59
C SER C 232 -17.56 -3.80 11.60
N PRO C 233 -18.12 -3.12 12.62
CA PRO C 233 -17.90 -1.69 12.85
C PRO C 233 -16.44 -1.37 13.15
N LYS C 234 -16.05 -0.12 12.85
CA LYS C 234 -14.71 0.44 13.06
C LYS C 234 -14.07 0.08 14.41
N LYS C 235 -14.88 0.10 15.48
CA LYS C 235 -14.49 -0.27 16.84
C LYS C 235 -13.75 -1.62 16.95
N TYR C 236 -14.24 -2.61 16.20
CA TYR C 236 -13.72 -3.97 16.29
C TYR C 236 -12.57 -4.24 15.32
N LEU C 237 -12.59 -3.55 14.18
CA LEU C 237 -11.52 -3.57 13.20
C LEU C 237 -10.23 -2.92 13.73
N ASP C 238 -10.41 -1.94 14.62
CA ASP C 238 -9.30 -1.24 15.27
C ASP C 238 -8.61 -2.09 16.34
N MET C 239 -9.34 -3.03 16.95
CA MET C 239 -8.77 -3.95 17.95
C MET C 239 -7.68 -4.86 17.36
N TYR C 240 -7.61 -4.96 16.02
CA TYR C 240 -6.76 -5.93 15.32
C TYR C 240 -6.02 -5.33 14.11
N SER C 241 -5.65 -4.05 14.24
CA SER C 241 -4.97 -3.31 13.18
CA SER C 241 -4.95 -3.30 13.20
C SER C 241 -3.60 -3.88 12.83
N GLN C 242 -2.99 -4.60 13.78
CA GLN C 242 -1.69 -5.27 13.55
C GLN C 242 -1.87 -6.45 12.59
N TYR C 243 -3.03 -7.10 12.66
CA TYR C 243 -3.32 -8.30 11.88
C TYR C 243 -3.97 -8.01 10.53
N MET C 244 -3.93 -6.74 10.14
CA MET C 244 -4.42 -6.31 8.84
C MET C 244 -3.24 -6.12 7.91
N SER C 245 -3.39 -6.59 6.67
CA SER C 245 -2.38 -6.39 5.66
C SER C 245 -2.40 -4.94 5.18
N ALA C 246 -1.34 -4.55 4.48
CA ALA C 246 -1.22 -3.20 3.92
C ALA C 246 -2.31 -2.90 2.91
N TYR C 247 -2.74 -3.92 2.17
CA TYR C 247 -3.84 -3.78 1.22
C TYR C 247 -5.19 -3.56 1.90
N GLN C 248 -5.43 -4.31 2.98
CA GLN C 248 -6.65 -4.17 3.75
C GLN C 248 -6.78 -2.74 4.27
N LYS C 249 -5.70 -2.19 4.81
CA LYS C 249 -5.73 -0.85 5.41
C LYS C 249 -6.04 0.23 4.38
N GLN C 250 -5.59 0.03 3.15
CA GLN C 250 -5.82 0.97 2.06
C GLN C 250 -7.21 0.79 1.42
N HIS C 251 -7.78 -0.41 1.58
CA HIS C 251 -9.11 -0.73 1.04
C HIS C 251 -9.92 -1.48 2.09
N PRO C 252 -10.30 -0.82 3.20
CA PRO C 252 -10.91 -1.60 4.29
C PRO C 252 -12.35 -2.04 4.01
N ASP C 253 -13.06 -1.30 3.16
CA ASP C 253 -14.47 -1.58 2.92
C ASP C 253 -14.73 -2.22 1.56
N LEU C 254 -13.66 -2.78 0.98
CA LEU C 254 -13.75 -3.48 -0.27
C LEU C 254 -14.68 -4.69 -0.09
N PHE C 255 -15.69 -4.74 -0.96
CA PHE C 255 -16.76 -5.73 -0.92
C PHE C 255 -16.18 -7.10 -1.26
N TYR C 256 -16.61 -8.13 -0.53
CA TYR C 256 -16.03 -9.49 -0.71
C TYR C 256 -16.29 -10.10 -2.07
N GLY C 257 -17.34 -9.62 -2.76
CA GLY C 257 -17.59 -9.98 -4.14
C GLY C 257 -16.43 -9.66 -5.06
N ASP C 258 -15.58 -8.71 -4.64
CA ASP C 258 -14.45 -8.27 -5.46
C ASP C 258 -13.08 -8.64 -4.87
N TRP C 259 -13.04 -9.72 -4.07
CA TRP C 259 -11.78 -10.16 -3.45
C TRP C 259 -10.93 -11.14 -4.29
N ALA C 260 -11.53 -11.80 -5.30
CA ALA C 260 -10.84 -12.90 -6.02
C ALA C 260 -9.49 -12.56 -6.66
N ASP C 261 -9.34 -11.32 -7.11
CA ASP C 261 -8.13 -10.89 -7.81
C ASP C 261 -7.26 -9.88 -7.04
N LYS C 262 -7.50 -9.78 -5.73
CA LYS C 262 -6.86 -8.77 -4.88
C LYS C 262 -5.93 -9.41 -3.88
N PRO C 263 -4.91 -8.65 -3.39
CA PRO C 263 -4.01 -9.13 -2.33
C PRO C 263 -4.69 -9.64 -1.06
N TRP C 264 -3.95 -10.46 -0.31
CA TRP C 264 -4.41 -10.97 0.97
C TRP C 264 -4.75 -9.81 1.91
N ARG C 265 -5.79 -10.03 2.71
CA ARG C 265 -6.30 -8.99 3.61
C ARG C 265 -5.79 -9.19 5.03
N GLY C 266 -5.14 -10.33 5.27
CA GLY C 266 -4.72 -10.66 6.61
C GLY C 266 -5.82 -11.36 7.38
N VAL C 267 -5.64 -11.44 8.69
CA VAL C 267 -6.54 -12.20 9.55
C VAL C 267 -7.38 -11.30 10.49
N GLY C 268 -7.15 -9.99 10.42
CA GLY C 268 -7.74 -9.04 11.38
C GLY C 268 -9.25 -8.87 11.31
N GLU C 269 -9.80 -8.90 10.08
CA GLU C 269 -11.25 -8.74 9.88
C GLU C 269 -12.03 -9.92 10.41
N TYR C 270 -11.43 -11.11 10.33
CA TYR C 270 -11.99 -12.29 10.96
C TYR C 270 -12.07 -12.15 12.48
N TYR C 271 -10.96 -11.75 13.12
CA TYR C 271 -10.91 -11.57 14.58
C TYR C 271 -11.88 -10.46 15.04
N ALA C 272 -11.94 -9.40 14.26
CA ALA C 272 -12.89 -8.28 14.45
C ALA C 272 -14.33 -8.79 14.46
N ASN C 273 -14.66 -9.64 13.49
CA ASN C 273 -16.00 -10.23 13.40
C ASN C 273 -16.36 -11.18 14.55
N ILE C 274 -15.38 -11.89 15.11
CA ILE C 274 -15.59 -12.73 16.29
C ILE C 274 -15.89 -11.84 17.51
N SER C 275 -15.10 -10.79 17.67
CA SER C 275 -15.29 -9.82 18.76
C SER C 275 -16.62 -9.07 18.66
N TYR C 276 -17.01 -8.74 17.43
CA TYR C 276 -18.31 -8.13 17.14
C TYR C 276 -19.45 -9.06 17.54
N LEU C 277 -19.34 -10.34 17.19
CA LEU C 277 -20.26 -11.38 17.65
C LEU C 277 -20.33 -11.44 19.17
N ASP C 278 -19.15 -11.38 19.81
CA ASP C 278 -19.04 -11.46 21.25
C ASP C 278 -19.84 -10.39 21.97
N ALA C 279 -19.73 -9.16 21.49
CA ALA C 279 -20.46 -8.00 22.02
C ALA C 279 -21.99 -8.17 21.92
N GLN C 280 -22.44 -8.76 20.81
CA GLN C 280 -23.87 -9.00 20.57
C GLN C 280 -24.45 -10.10 21.45
N VAL C 281 -23.64 -11.13 21.72
CA VAL C 281 -23.94 -12.16 22.70
C VAL C 281 -24.06 -11.54 24.09
N GLY C 282 -23.16 -10.61 24.40
CA GLY C 282 -23.19 -9.83 25.65
C GLY C 282 -24.45 -8.99 25.81
N LYS C 283 -24.75 -8.19 24.77
CA LYS C 283 -25.96 -7.37 24.65
C LYS C 283 -27.27 -8.14 24.95
N VAL C 284 -27.29 -9.42 24.62
CA VAL C 284 -28.43 -10.32 24.84
C VAL C 284 -28.40 -10.95 26.24
N LEU C 285 -27.23 -11.45 26.65
CA LEU C 285 -27.04 -12.15 27.93
C LEU C 285 -27.31 -11.29 29.16
N ASP C 286 -27.02 -10.00 29.01
CA ASP C 286 -27.20 -9.03 30.08
C ASP C 286 -28.68 -8.85 30.37
N LYS C 287 -29.48 -8.75 29.31
CA LYS C 287 -30.93 -8.60 29.40
C LYS C 287 -31.59 -9.71 30.23
N ILE C 288 -31.23 -10.96 29.93
CA ILE C 288 -31.69 -12.14 30.70
C ILE C 288 -31.54 -11.95 32.22
N LYS C 289 -30.35 -11.50 32.64
CA LYS C 289 -30.06 -11.21 34.05
C LYS C 289 -30.71 -9.89 34.52
N ALA C 290 -30.76 -8.90 33.62
CA ALA C 290 -31.22 -7.52 33.93
C ALA C 290 -32.75 -7.30 33.87
N MET C 291 -33.50 -8.39 34.05
CA MET C 291 -34.94 -8.33 34.23
C MET C 291 -35.34 -9.47 35.18
N GLY C 292 -34.31 -10.15 35.70
CA GLY C 292 -34.44 -11.06 36.84
C GLY C 292 -34.41 -12.53 36.52
N GLU C 293 -34.37 -12.85 35.22
CA GLU C 293 -34.62 -14.22 34.76
C GLU C 293 -33.40 -15.15 34.70
N GLU C 294 -32.25 -14.66 35.18
CA GLU C 294 -30.99 -15.40 35.17
C GLU C 294 -31.07 -16.80 35.81
N ASP C 295 -31.76 -16.91 36.94
CA ASP C 295 -31.92 -18.19 37.63
C ASP C 295 -33.15 -18.98 37.16
N ASN C 296 -33.84 -18.45 36.15
CA ASN C 296 -34.96 -19.17 35.54
C ASN C 296 -34.84 -19.29 34.01
N THR C 297 -33.62 -19.17 33.50
CA THR C 297 -33.37 -19.29 32.06
C THR C 297 -32.13 -20.14 31.75
N ILE C 298 -32.35 -21.20 30.97
CA ILE C 298 -31.27 -22.02 30.43
C ILE C 298 -30.72 -21.32 29.18
N VAL C 299 -29.42 -20.99 29.22
CA VAL C 299 -28.71 -20.46 28.06
C VAL C 299 -27.83 -21.56 27.47
N ILE C 300 -27.96 -21.77 26.16
CA ILE C 300 -27.03 -22.61 25.40
C ILE C 300 -26.38 -21.73 24.33
N PHE C 301 -25.06 -21.57 24.42
CA PHE C 301 -24.28 -20.97 23.35
C PHE C 301 -23.54 -22.08 22.62
N THR C 302 -23.62 -22.08 21.29
CA THR C 302 -22.91 -23.04 20.44
C THR C 302 -22.72 -22.57 18.99
N SER C 303 -22.15 -23.44 18.15
CA SER C 303 -21.87 -23.16 16.74
C SER C 303 -22.37 -24.33 15.90
N ASP C 304 -22.77 -24.06 14.67
CA ASP C 304 -23.38 -25.12 13.85
C ASP C 304 -22.37 -25.99 13.14
N ASN C 305 -21.14 -25.52 12.96
CA ASN C 305 -20.10 -26.34 12.32
C ASN C 305 -18.71 -25.74 12.44
N GLY C 306 -17.69 -26.52 12.08
CA GLY C 306 -16.30 -26.07 12.11
C GLY C 306 -16.07 -24.88 11.18
N PRO C 307 -14.89 -24.23 11.28
CA PRO C 307 -14.79 -22.93 10.63
C PRO C 307 -14.32 -22.99 9.18
N VAL C 308 -14.45 -21.88 8.47
CA VAL C 308 -13.66 -21.65 7.27
C VAL C 308 -12.31 -21.14 7.74
N THR C 309 -11.24 -21.82 7.37
CA THR C 309 -9.89 -21.46 7.82
C THR C 309 -9.17 -20.68 6.71
N ARG C 310 -7.83 -20.66 6.75
CA ARG C 310 -7.03 -20.11 5.65
C ARG C 310 -7.12 -20.97 4.38
N GLU C 311 -7.57 -22.21 4.58
CA GLU C 311 -7.81 -23.18 3.52
C GLU C 311 -9.15 -22.90 2.81
N ALA C 312 -9.16 -21.87 1.97
CA ALA C 312 -10.35 -21.47 1.21
C ALA C 312 -10.55 -22.39 0.01
N ARG C 313 -11.80 -22.79 -0.19
CA ARG C 313 -12.18 -23.74 -1.24
C ARG C 313 -13.12 -23.11 -2.27
N LYS C 314 -13.68 -21.95 -1.91
CA LYS C 314 -14.68 -21.29 -2.72
C LYS C 314 -14.42 -19.79 -2.70
N VAL C 315 -14.88 -19.11 -3.75
CA VAL C 315 -14.63 -17.68 -3.95
C VAL C 315 -15.18 -16.82 -2.80
N TYR C 316 -16.19 -17.35 -2.10
CA TYR C 316 -16.80 -16.64 -0.97
C TYR C 316 -16.13 -16.96 0.38
N GLU C 317 -15.14 -17.85 0.35
CA GLU C 317 -14.42 -18.25 1.56
C GLU C 317 -13.07 -17.52 1.75
N LEU C 318 -12.79 -16.52 0.92
CA LEU C 318 -11.49 -15.86 0.87
C LEU C 318 -11.26 -14.99 2.10
N ASN C 319 -9.99 -14.89 2.50
CA ASN C 319 -9.53 -13.98 3.57
C ASN C 319 -10.18 -14.22 4.94
N LEU C 320 -10.41 -15.48 5.28
CA LEU C 320 -10.92 -15.86 6.58
C LEU C 320 -9.83 -16.63 7.31
N ALA C 321 -10.05 -16.91 8.59
CA ALA C 321 -8.95 -17.28 9.47
C ALA C 321 -9.40 -18.12 10.67
N GLY C 322 -10.37 -19.01 10.44
CA GLY C 322 -10.85 -19.95 11.44
C GLY C 322 -9.78 -20.81 12.09
N GLU C 323 -10.00 -21.17 13.35
CA GLU C 323 -9.08 -22.02 14.10
C GLU C 323 -9.79 -23.24 14.63
N THR C 324 -9.06 -24.35 14.67
CA THR C 324 -9.60 -25.63 15.11
C THR C 324 -8.89 -26.23 16.34
N ASP C 325 -7.99 -25.46 16.96
CA ASP C 325 -7.12 -25.97 18.06
C ASP C 325 -6.21 -27.11 17.58
N GLY C 326 -5.73 -27.00 16.33
CA GLY C 326 -4.91 -28.04 15.73
C GLY C 326 -5.64 -29.24 15.14
N LEU C 327 -6.94 -29.37 15.44
CA LEU C 327 -7.73 -30.52 14.98
C LEU C 327 -7.82 -30.54 13.45
N ARG C 328 -7.82 -31.75 12.89
CA ARG C 328 -7.84 -31.96 11.44
C ARG C 328 -9.13 -31.51 10.76
N GLY C 329 -9.00 -30.92 9.58
CA GLY C 329 -10.16 -30.57 8.78
C GLY C 329 -10.78 -29.24 9.18
N ARG C 330 -11.89 -28.94 8.53
CA ARG C 330 -12.59 -27.67 8.69
C ARG C 330 -14.03 -27.90 8.23
N LYS C 331 -14.79 -26.82 8.11
CA LYS C 331 -16.13 -26.86 7.53
C LYS C 331 -16.10 -27.74 6.27
N ASP C 332 -17.08 -28.62 6.15
CA ASP C 332 -17.26 -29.62 5.06
C ASP C 332 -16.80 -30.99 5.51
N ASN C 333 -15.75 -31.02 6.32
CA ASN C 333 -15.01 -32.27 6.64
C ASN C 333 -15.56 -32.99 7.85
N LEU C 334 -15.39 -34.31 7.85
CA LEU C 334 -15.82 -35.17 8.96
C LEU C 334 -14.72 -35.48 9.96
N TRP C 335 -13.52 -34.96 9.70
CA TRP C 335 -12.44 -34.92 10.69
C TRP C 335 -12.86 -33.95 11.82
N GLU C 336 -12.24 -34.09 12.98
CA GLU C 336 -12.60 -33.35 14.20
C GLU C 336 -12.86 -31.86 14.00
N GLY C 337 -11.95 -31.18 13.30
CA GLY C 337 -12.04 -29.73 13.10
C GLY C 337 -13.26 -29.26 12.34
N GLY C 338 -13.96 -30.19 11.70
CA GLY C 338 -15.18 -29.88 10.94
C GLY C 338 -16.46 -30.07 11.75
N ILE C 339 -16.40 -30.97 12.73
CA ILE C 339 -17.58 -31.25 13.54
C ILE C 339 -17.49 -30.81 15.02
N ARG C 340 -16.27 -30.68 15.56
CA ARG C 340 -16.10 -30.25 16.95
C ARG C 340 -16.13 -28.74 17.06
N VAL C 341 -17.02 -28.22 17.90
CA VAL C 341 -17.26 -26.78 18.03
C VAL C 341 -17.45 -26.36 19.50
N PRO C 342 -17.38 -25.05 19.81
CA PRO C 342 -17.70 -24.61 21.18
C PRO C 342 -19.13 -24.91 21.62
N ALA C 343 -19.30 -25.21 22.91
CA ALA C 343 -20.63 -25.28 23.55
C ALA C 343 -20.54 -24.97 25.03
N ILE C 344 -21.38 -24.03 25.45
CA ILE C 344 -21.46 -23.57 26.82
C ILE C 344 -22.93 -23.59 27.24
N ILE C 345 -23.22 -24.19 28.40
CA ILE C 345 -24.56 -24.14 28.99
C ILE C 345 -24.56 -23.43 30.36
N LYS C 346 -25.47 -22.48 30.53
CA LYS C 346 -25.62 -21.73 31.79
C LYS C 346 -27.08 -21.66 32.25
N TYR C 347 -27.33 -22.05 33.49
CA TYR C 347 -28.65 -21.92 34.10
C TYR C 347 -28.52 -21.31 35.51
N GLY C 348 -28.17 -20.02 35.55
CA GLY C 348 -28.09 -19.24 36.78
C GLY C 348 -27.02 -19.69 37.76
N LYS C 349 -27.46 -20.32 38.85
CA LYS C 349 -26.58 -20.91 39.85
C LYS C 349 -26.95 -22.38 40.08
N HIS C 350 -27.90 -22.87 39.29
CA HIS C 350 -28.33 -24.27 39.34
C HIS C 350 -27.28 -25.21 38.76
N LEU C 351 -26.32 -24.65 38.03
CA LEU C 351 -25.20 -25.38 37.44
C LEU C 351 -23.87 -24.92 38.04
N PRO C 352 -22.88 -25.84 38.18
CA PRO C 352 -21.52 -25.51 38.63
C PRO C 352 -20.80 -24.44 37.80
N GLN C 353 -20.44 -23.34 38.46
CA GLN C 353 -19.81 -22.18 37.82
C GLN C 353 -18.33 -22.47 37.52
N GLY C 354 -18.01 -22.67 36.25
CA GLY C 354 -16.62 -22.92 35.83
C GLY C 354 -16.24 -24.36 35.63
N MET C 355 -17.25 -25.24 35.51
CA MET C 355 -17.02 -26.64 35.18
C MET C 355 -16.56 -26.79 33.72
N VAL C 356 -15.69 -27.78 33.47
CA VAL C 356 -15.17 -28.08 32.15
C VAL C 356 -15.30 -29.57 31.87
N SER C 357 -16.22 -29.93 30.97
CA SER C 357 -16.51 -31.32 30.67
C SER C 357 -15.80 -31.81 29.40
N ASP C 358 -15.12 -32.95 29.51
CA ASP C 358 -14.48 -33.57 28.35
C ASP C 358 -15.22 -34.82 27.87
N THR C 359 -16.48 -34.93 28.29
CA THR C 359 -17.35 -36.05 27.92
C THR C 359 -17.86 -35.83 26.50
N PRO C 360 -17.69 -36.84 25.61
CA PRO C 360 -18.17 -36.72 24.21
C PRO C 360 -19.68 -36.53 24.12
N VAL C 361 -20.10 -35.35 23.68
CA VAL C 361 -21.51 -34.98 23.53
C VAL C 361 -21.75 -34.34 22.16
N TYR C 362 -22.99 -34.30 21.70
CA TYR C 362 -23.32 -33.61 20.44
C TYR C 362 -24.68 -32.93 20.35
N GLY C 363 -24.91 -32.22 19.23
CA GLY C 363 -26.14 -31.44 19.03
C GLY C 363 -27.45 -32.20 19.11
N LEU C 364 -27.41 -33.50 18.82
CA LEU C 364 -28.60 -34.35 18.88
C LEU C 364 -29.03 -34.64 20.33
N ASP C 365 -28.15 -34.33 21.29
CA ASP C 365 -28.39 -34.52 22.72
C ASP C 365 -29.28 -33.46 23.38
N TRP C 366 -29.37 -32.28 22.77
CA TRP C 366 -30.06 -31.14 23.39
C TRP C 366 -31.56 -31.34 23.59
N MET C 367 -32.23 -32.02 22.65
CA MET C 367 -33.67 -32.30 22.75
C MET C 367 -34.06 -33.11 24.02
N PRO C 368 -33.47 -34.31 24.25
CA PRO C 368 -33.77 -35.00 25.54
C PRO C 368 -33.22 -34.35 26.82
N THR C 369 -32.17 -33.54 26.68
CA THR C 369 -31.55 -32.82 27.80
C THR C 369 -32.49 -31.75 28.34
N LEU C 370 -32.95 -30.87 27.44
CA LEU C 370 -33.86 -29.79 27.79
C LEU C 370 -35.23 -30.29 28.23
N ALA C 371 -35.60 -31.50 27.76
CA ALA C 371 -36.84 -32.17 28.16
C ALA C 371 -36.83 -32.58 29.64
N LYS C 372 -35.63 -32.69 30.22
CA LYS C 372 -35.47 -32.97 31.65
C LYS C 372 -35.41 -31.68 32.48
N MET C 373 -34.79 -30.66 31.91
CA MET C 373 -34.52 -29.40 32.63
C MET C 373 -35.66 -28.40 32.58
N MET C 374 -36.57 -28.59 31.63
CA MET C 374 -37.68 -27.66 31.40
C MET C 374 -39.04 -28.31 31.59
N ASN C 375 -39.02 -29.62 31.87
CA ASN C 375 -40.22 -30.44 32.13
C ASN C 375 -41.21 -30.55 30.96
N PHE C 376 -40.81 -31.30 29.93
CA PHE C 376 -41.71 -31.75 28.86
C PHE C 376 -41.35 -33.15 28.37
N LYS C 377 -42.33 -33.88 27.83
CA LYS C 377 -42.09 -35.23 27.33
C LYS C 377 -41.82 -35.26 25.82
N LEU C 378 -40.99 -36.19 25.40
CA LEU C 378 -40.67 -36.35 23.99
C LEU C 378 -41.76 -37.18 23.32
N PRO C 379 -42.12 -36.83 22.07
CA PRO C 379 -42.95 -37.68 21.21
C PRO C 379 -42.42 -39.11 21.10
N THR C 380 -43.32 -40.08 21.01
CA THR C 380 -42.94 -41.48 20.92
C THR C 380 -43.32 -42.08 19.57
N ASP C 381 -43.80 -41.21 18.67
CA ASP C 381 -44.12 -41.62 17.30
C ASP C 381 -42.94 -41.48 16.34
N ARG C 382 -41.77 -41.16 16.89
CA ARG C 382 -40.55 -40.92 16.11
C ARG C 382 -39.27 -41.26 16.88
N THR C 383 -38.26 -41.71 16.13
CA THR C 383 -36.95 -42.04 16.68
C THR C 383 -36.16 -40.77 16.99
N PHE C 384 -35.53 -40.76 18.16
CA PHE C 384 -34.57 -39.73 18.53
C PHE C 384 -33.19 -40.38 18.65
N ASP C 385 -32.14 -39.59 18.49
CA ASP C 385 -30.78 -40.14 18.45
C ASP C 385 -29.93 -39.78 19.66
N GLY C 386 -30.25 -38.66 20.30
CA GLY C 386 -29.44 -38.14 21.38
C GLY C 386 -29.75 -38.72 22.75
N GLU C 387 -29.01 -38.24 23.75
CA GLU C 387 -29.22 -38.61 25.15
C GLU C 387 -29.14 -37.36 26.04
N SER C 388 -29.73 -37.43 27.23
CA SER C 388 -29.74 -36.29 28.15
C SER C 388 -28.35 -35.94 28.69
N LEU C 389 -28.04 -34.65 28.76
CA LEU C 389 -26.75 -34.19 29.31
C LEU C 389 -26.86 -33.85 30.81
N VAL C 390 -27.99 -34.24 31.41
CA VAL C 390 -28.21 -34.10 32.86
C VAL C 390 -27.23 -34.91 33.74
N PRO C 391 -26.99 -36.21 33.45
CA PRO C 391 -25.93 -36.94 34.19
C PRO C 391 -24.53 -36.33 34.09
N VAL C 392 -24.22 -35.69 32.96
CA VAL C 392 -22.96 -34.95 32.78
C VAL C 392 -22.92 -33.73 33.69
N LEU C 393 -24.01 -32.98 33.71
CA LEU C 393 -24.15 -31.79 34.55
C LEU C 393 -24.20 -32.12 36.04
N GLU C 394 -24.57 -33.36 36.36
CA GLU C 394 -24.59 -33.85 37.74
C GLU C 394 -23.38 -34.74 38.05
N GLN C 395 -22.37 -34.65 37.18
CA GLN C 395 -21.04 -35.27 37.37
C GLN C 395 -21.06 -36.81 37.52
N LYS C 396 -21.82 -37.47 36.65
CA LYS C 396 -21.90 -38.93 36.62
C LYS C 396 -21.50 -39.52 35.26
N ALA C 397 -21.29 -40.83 35.23
CA ALA C 397 -20.91 -41.54 34.01
C ALA C 397 -22.05 -41.63 33.00
N LEU C 398 -21.96 -40.81 31.94
CA LEU C 398 -22.94 -40.82 30.86
C LEU C 398 -22.74 -42.07 30.01
N LYS C 399 -23.73 -42.96 30.03
CA LYS C 399 -23.63 -44.23 29.31
C LYS C 399 -24.56 -44.28 28.10
N ARG C 400 -23.94 -44.23 26.91
CA ARG C 400 -24.67 -44.20 25.64
C ARG C 400 -24.99 -45.59 25.11
N GLU C 401 -26.24 -45.77 24.69
CA GLU C 401 -26.68 -47.00 24.03
C GLU C 401 -26.22 -47.00 22.58
N LYS C 402 -26.14 -45.80 22.00
CA LYS C 402 -25.80 -45.62 20.60
C LYS C 402 -24.50 -44.82 20.43
N PRO C 403 -23.69 -45.14 19.39
CA PRO C 403 -22.53 -44.31 19.07
C PRO C 403 -22.99 -42.98 18.50
N LEU C 404 -22.14 -41.95 18.57
CA LEU C 404 -22.43 -40.68 17.91
C LEU C 404 -22.41 -40.89 16.39
N ILE C 405 -23.34 -40.24 15.69
CA ILE C 405 -23.46 -40.39 14.24
C ILE C 405 -23.44 -39.01 13.56
N PHE C 406 -22.55 -38.86 12.58
CA PHE C 406 -22.38 -37.61 11.82
C PHE C 406 -22.46 -37.89 10.33
N GLY C 407 -22.84 -36.87 9.56
CA GLY C 407 -23.03 -37.09 8.14
C GLY C 407 -23.01 -35.81 7.35
N ILE C 408 -22.48 -35.93 6.13
CA ILE C 408 -22.63 -34.89 5.11
C ILE C 408 -22.72 -35.50 3.70
N ASP C 409 -23.63 -35.00 2.87
CA ASP C 409 -23.77 -35.51 1.50
C ASP C 409 -23.37 -34.40 0.54
N MET C 410 -22.07 -34.28 0.32
CA MET C 410 -21.50 -33.15 -0.40
C MET C 410 -20.72 -33.63 -1.62
N PRO C 411 -21.41 -33.83 -2.76
CA PRO C 411 -20.73 -34.27 -3.97
C PRO C 411 -19.94 -33.15 -4.65
N PHE C 412 -19.17 -33.52 -5.68
CA PHE C 412 -18.51 -32.59 -6.63
C PHE C 412 -17.34 -31.75 -6.07
N GLN C 413 -16.81 -32.15 -4.91
CA GLN C 413 -15.76 -31.34 -4.28
C GLN C 413 -14.38 -31.65 -4.84
N ASP C 414 -13.55 -30.62 -4.91
CA ASP C 414 -12.19 -30.72 -5.45
C ASP C 414 -11.42 -31.88 -4.81
N ASP C 415 -11.35 -31.86 -3.49
CA ASP C 415 -10.97 -33.04 -2.72
C ASP C 415 -12.28 -33.68 -2.28
N PRO C 416 -12.61 -34.87 -2.83
CA PRO C 416 -13.87 -35.56 -2.52
C PRO C 416 -14.11 -35.66 -1.00
N THR C 417 -15.32 -35.30 -0.58
CA THR C 417 -15.69 -35.37 0.82
C THR C 417 -16.05 -36.81 1.17
N ASP C 418 -16.04 -37.09 2.47
CA ASP C 418 -16.58 -38.32 3.00
C ASP C 418 -18.01 -38.09 3.46
N GLU C 419 -18.76 -39.17 3.65
CA GLU C 419 -20.21 -39.05 3.85
C GLU C 419 -20.70 -39.30 5.29
N TRP C 420 -20.10 -40.26 5.98
CA TRP C 420 -20.55 -40.61 7.33
C TRP C 420 -19.37 -40.72 8.28
N ALA C 421 -19.61 -40.42 9.55
CA ALA C 421 -18.67 -40.73 10.61
C ALA C 421 -19.41 -41.25 11.85
N ILE C 422 -18.83 -42.28 12.47
CA ILE C 422 -19.36 -42.84 13.70
C ILE C 422 -18.31 -42.76 14.80
N ARG C 423 -18.75 -42.40 16.00
CA ARG C 423 -17.85 -42.26 17.16
C ARG C 423 -18.33 -43.16 18.30
N ASP C 424 -17.52 -44.17 18.62
CA ASP C 424 -17.83 -45.12 19.70
C ASP C 424 -16.69 -45.23 20.70
N GLY C 425 -16.84 -44.55 21.83
CA GLY C 425 -15.79 -44.47 22.84
C GLY C 425 -14.66 -43.59 22.36
N ASP C 426 -13.46 -44.19 22.24
CA ASP C 426 -12.28 -43.50 21.70
C ASP C 426 -12.16 -43.67 20.17
N TRP C 427 -12.92 -44.61 19.62
CA TRP C 427 -12.80 -44.99 18.22
C TRP C 427 -13.68 -44.16 17.30
N LYS C 428 -13.14 -43.81 16.13
CA LYS C 428 -13.87 -43.05 15.13
C LYS C 428 -13.64 -43.65 13.75
N MET C 429 -14.72 -43.99 13.05
CA MET C 429 -14.64 -44.51 11.69
C MET C 429 -15.29 -43.52 10.72
N ILE C 430 -14.58 -43.18 9.64
CA ILE C 430 -15.14 -42.32 8.61
C ILE C 430 -15.40 -43.15 7.34
N ILE C 431 -16.61 -43.03 6.83
CA ILE C 431 -17.07 -43.79 5.66
C ILE C 431 -17.09 -42.87 4.44
N ASP C 432 -16.48 -43.30 3.33
CA ASP C 432 -16.51 -42.51 2.09
C ASP C 432 -17.86 -42.54 1.37
N ARG C 433 -17.91 -41.91 0.18
CA ARG C 433 -19.16 -41.78 -0.56
C ARG C 433 -19.56 -43.06 -1.33
N ASN C 434 -18.69 -44.06 -1.31
CA ASN C 434 -18.96 -45.38 -1.90
C ASN C 434 -19.30 -46.42 -0.83
N ASN C 435 -19.66 -45.94 0.37
CA ASN C 435 -20.04 -46.77 1.53
C ASN C 435 -18.90 -47.64 2.12
N LYS C 436 -17.67 -47.35 1.71
CA LYS C 436 -16.49 -48.08 2.21
C LYS C 436 -15.84 -47.34 3.39
N PRO C 437 -15.33 -48.08 4.39
CA PRO C 437 -14.57 -47.41 5.46
C PRO C 437 -13.27 -46.83 4.91
N LYS C 438 -13.08 -45.54 5.09
CA LYS C 438 -11.86 -44.89 4.61
C LYS C 438 -10.83 -44.66 5.73
N TYR C 439 -11.33 -44.25 6.90
CA TYR C 439 -10.47 -43.93 8.03
C TYR C 439 -10.95 -44.63 9.32
N LEU C 440 -9.99 -45.09 10.10
CA LEU C 440 -10.25 -45.52 11.47
C LEU C 440 -9.19 -44.91 12.39
N TYR C 441 -9.65 -44.15 13.38
CA TYR C 441 -8.75 -43.54 14.35
C TYR C 441 -9.13 -43.90 15.78
N ASN C 442 -8.12 -43.97 16.64
CA ASN C 442 -8.33 -43.96 18.08
C ASN C 442 -7.95 -42.56 18.53
N LEU C 443 -8.97 -41.76 18.83
CA LEU C 443 -8.81 -40.34 19.15
C LEU C 443 -8.07 -40.06 20.47
N LYS C 444 -7.95 -41.08 21.32
CA LYS C 444 -7.20 -40.95 22.57
C LYS C 444 -5.69 -40.88 22.30
N SER C 445 -5.20 -41.81 21.49
CA SER C 445 -3.78 -41.88 21.14
C SER C 445 -3.41 -41.00 19.93
N ASP C 446 -4.43 -40.51 19.22
CA ASP C 446 -4.26 -39.80 17.96
C ASP C 446 -5.30 -38.66 17.86
N ARG C 447 -5.02 -37.57 18.57
CA ARG C 447 -5.90 -36.39 18.63
C ARG C 447 -6.11 -35.74 17.25
N TYR C 448 -5.07 -35.77 16.42
CA TYR C 448 -5.04 -35.00 15.18
C TYR C 448 -5.34 -35.82 13.94
N GLU C 449 -5.79 -37.06 14.16
CA GLU C 449 -6.27 -37.98 13.12
C GLU C 449 -5.22 -38.16 12.01
N THR C 450 -3.99 -38.49 12.42
CA THR C 450 -2.87 -38.65 11.49
C THR C 450 -2.36 -40.09 11.47
N LEU C 451 -3.02 -40.96 12.24
CA LEU C 451 -2.62 -42.36 12.32
C LEU C 451 -3.79 -43.29 11.96
N ASN C 452 -4.04 -43.42 10.66
CA ASN C 452 -5.11 -44.26 10.14
C ASN C 452 -4.86 -45.73 10.46
N LEU C 453 -5.89 -46.39 10.99
CA LEU C 453 -5.76 -47.79 11.43
C LEU C 453 -6.49 -48.81 10.54
N ILE C 454 -7.08 -48.34 9.45
CA ILE C 454 -7.66 -49.22 8.42
C ILE C 454 -6.57 -50.19 7.93
N GLY C 455 -6.88 -51.49 7.98
CA GLY C 455 -5.92 -52.54 7.59
C GLY C 455 -5.01 -53.01 8.72
N LYS C 456 -5.07 -52.33 9.86
CA LYS C 456 -4.16 -52.60 10.98
C LYS C 456 -4.84 -53.14 12.24
N LYS C 457 -6.15 -52.92 12.37
CA LYS C 457 -6.93 -53.46 13.50
C LYS C 457 -8.17 -54.21 12.97
N PRO C 458 -8.00 -55.50 12.59
CA PRO C 458 -9.04 -56.26 11.87
C PRO C 458 -10.35 -56.43 12.65
N ASP C 459 -10.25 -56.56 13.98
CA ASP C 459 -11.41 -56.75 14.83
C ASP C 459 -12.27 -55.50 14.94
N ILE C 460 -11.61 -54.36 15.17
CA ILE C 460 -12.29 -53.08 15.38
C ILE C 460 -12.97 -52.58 14.11
N GLU C 461 -12.28 -52.75 12.98
CA GLU C 461 -12.84 -52.43 11.66
C GLU C 461 -14.12 -53.20 11.36
N LYS C 462 -14.17 -54.48 11.76
CA LYS C 462 -15.35 -55.34 11.60
C LYS C 462 -16.51 -54.85 12.49
N GLN C 463 -16.18 -54.51 13.74
CA GLN C 463 -17.13 -54.02 14.72
C GLN C 463 -17.73 -52.68 14.30
N MET C 464 -16.87 -51.72 13.98
CA MET C 464 -17.29 -50.36 13.64
C MET C 464 -18.08 -50.31 12.32
N TYR C 465 -17.65 -51.08 11.32
CA TYR C 465 -18.39 -51.16 10.05
C TYR C 465 -19.75 -51.86 10.20
N GLY C 466 -19.86 -52.78 11.15
CA GLY C 466 -21.16 -53.38 11.52
C GLY C 466 -22.06 -52.42 12.26
N LYS C 467 -21.48 -51.63 13.16
CA LYS C 467 -22.20 -50.59 13.90
C LYS C 467 -22.68 -49.46 12.99
N PHE C 468 -21.90 -49.17 11.95
CA PHE C 468 -22.27 -48.14 10.98
C PHE C 468 -23.44 -48.61 10.10
N LEU C 469 -23.33 -49.82 9.54
CA LEU C 469 -24.34 -50.36 8.63
C LEU C 469 -25.73 -50.47 9.28
N LYS C 470 -25.76 -50.80 10.56
CA LYS C 470 -27.02 -50.85 11.32
C LYS C 470 -27.61 -49.45 11.50
N TYR C 471 -26.78 -48.49 11.91
CA TYR C 471 -27.23 -47.10 12.13
C TYR C 471 -27.68 -46.46 10.82
N LYS C 472 -26.95 -46.73 9.73
CA LYS C 472 -27.32 -46.23 8.40
C LYS C 472 -28.69 -46.75 7.96
N THR C 473 -28.90 -48.06 8.07
CA THR C 473 -30.21 -48.69 7.74
C THR C 473 -31.35 -48.18 8.63
N ASP C 474 -31.06 -47.96 9.91
CA ASP C 474 -32.02 -47.34 10.84
CA ASP C 474 -32.01 -47.33 10.84
C ASP C 474 -32.43 -45.94 10.35
N ILE C 475 -31.44 -45.17 9.91
CA ILE C 475 -31.65 -43.80 9.44
C ILE C 475 -32.35 -43.73 8.07
N ASP C 476 -31.89 -44.56 7.12
CA ASP C 476 -32.49 -44.69 5.79
C ASP C 476 -33.95 -45.11 5.84
N ASN C 477 -34.29 -45.98 6.78
CA ASN C 477 -35.65 -46.50 6.95
C ASN C 477 -36.41 -45.80 8.07
N ASP C 478 -36.18 -44.51 8.24
CA ASP C 478 -36.81 -43.72 9.30
C ASP C 478 -38.33 -43.71 9.17
N SER C 479 -39.00 -43.95 10.30
CA SER C 479 -40.45 -44.10 10.34
C SER C 479 -41.19 -42.78 10.13
N LEU C 480 -40.64 -41.68 10.64
CA LEU C 480 -41.24 -40.36 10.46
C LEU C 480 -41.13 -39.87 9.01
N MET C 481 -39.98 -40.13 8.39
CA MET C 481 -39.75 -39.85 6.96
C MET C 481 -40.67 -40.72 6.07
N LYS C 482 -40.75 -42.02 6.37
CA LYS C 482 -41.74 -42.91 5.74
C LYS C 482 -43.19 -42.39 5.84
N ALA C 483 -43.55 -41.86 7.02
CA ALA C 483 -44.89 -41.33 7.30
C ALA C 483 -45.30 -40.10 6.47
N ARG C 484 -44.31 -39.35 5.97
CA ARG C 484 -44.62 -38.21 5.10
C ARG C 484 -44.49 -38.56 3.61
N GLY C 485 -44.28 -39.85 3.33
CA GLY C 485 -44.17 -40.34 1.96
C GLY C 485 -42.81 -40.08 1.34
N ASP C 486 -41.81 -39.91 2.18
CA ASP C 486 -40.46 -39.58 1.73
C ASP C 486 -39.48 -40.74 1.89
N LYS C 487 -38.32 -40.60 1.24
CA LYS C 487 -37.21 -41.55 1.32
C LYS C 487 -35.90 -40.77 1.17
N PRO C 488 -34.75 -41.38 1.57
CA PRO C 488 -33.45 -40.73 1.32
C PRO C 488 -33.22 -40.43 -0.15
N GLU C 489 -32.92 -39.17 -0.46
CA GLU C 489 -32.59 -38.76 -1.80
C GLU C 489 -31.14 -38.29 -1.81
N ALA C 490 -30.27 -39.01 -2.53
CA ALA C 490 -28.87 -38.61 -2.67
C ALA C 490 -28.77 -37.24 -3.31
N VAL C 491 -27.83 -36.44 -2.83
CA VAL C 491 -27.62 -35.10 -3.37
C VAL C 491 -26.99 -35.22 -4.77
N THR C 492 -27.68 -34.65 -5.76
CA THR C 492 -27.19 -34.63 -7.14
C THR C 492 -26.99 -33.19 -7.59
N TRP C 493 -27.33 -32.25 -6.71
CA TRP C 493 -27.32 -30.83 -7.03
C TRP C 493 -26.08 -30.14 -6.46
N GLY C 494 -25.79 -28.93 -6.93
CA GLY C 494 -24.65 -28.14 -6.48
C GLY C 494 -23.40 -28.35 -7.34
N ASN D 15 21.10 5.06 -16.65
CA ASN D 15 20.48 6.06 -15.74
C ASN D 15 21.42 7.24 -15.47
N ALA D 16 20.87 8.44 -15.58
CA ALA D 16 21.61 9.69 -15.38
C ALA D 16 22.05 9.94 -13.93
N PHE D 17 21.42 9.23 -12.98
CA PHE D 17 21.57 9.47 -11.55
C PHE D 17 22.30 8.36 -10.78
N SER D 18 23.18 7.65 -11.47
CA SER D 18 23.95 6.57 -10.86
C SER D 18 25.28 7.07 -10.27
N PRO D 19 25.71 6.48 -9.13
CA PRO D 19 27.08 6.61 -8.56
C PRO D 19 28.19 6.34 -9.62
N ALA D 20 29.39 6.95 -9.56
CA ALA D 20 30.12 7.50 -8.37
C ALA D 20 30.46 6.41 -7.33
N GLN D 27 35.99 -13.22 -11.12
CA GLN D 27 34.84 -14.13 -11.11
C GLN D 27 34.18 -14.20 -9.73
N PRO D 28 32.85 -13.97 -9.68
CA PRO D 28 32.16 -13.80 -8.40
C PRO D 28 32.01 -15.08 -7.58
N ASN D 29 32.01 -14.93 -6.26
CA ASN D 29 31.62 -16.00 -5.34
C ASN D 29 30.12 -16.23 -5.47
N LEU D 30 29.64 -17.36 -4.96
CA LEU D 30 28.20 -17.64 -4.93
C LEU D 30 27.80 -18.26 -3.60
N VAL D 31 26.73 -17.75 -3.00
CA VAL D 31 26.19 -18.37 -1.81
C VAL D 31 24.71 -18.62 -2.06
N ILE D 32 24.33 -19.89 -2.14
CA ILE D 32 22.92 -20.24 -2.21
C ILE D 32 22.46 -20.68 -0.83
N ILE D 33 21.53 -19.91 -0.26
CA ILE D 33 20.97 -20.24 1.05
C ILE D 33 19.57 -20.80 0.84
N MET D 34 19.38 -22.05 1.26
CA MET D 34 18.12 -22.75 1.08
C MET D 34 17.44 -23.07 2.40
N ALA D 35 16.31 -22.41 2.64
CA ALA D 35 15.42 -22.76 3.74
C ALA D 35 14.58 -23.99 3.40
N ASP D 36 14.11 -24.67 4.43
CA ASP D 36 13.40 -25.91 4.28
C ASP D 36 11.93 -25.73 4.71
N ASP D 37 11.00 -26.00 3.79
CA ASP D 37 9.55 -25.87 4.02
C ASP D 37 9.11 -24.45 4.40
N LEU D 38 9.89 -23.45 4.01
CA LEU D 38 9.56 -22.06 4.35
C LEU D 38 8.49 -21.54 3.39
N GLY D 39 7.35 -21.10 3.93
CA GLY D 39 6.23 -20.68 3.11
C GLY D 39 6.32 -19.30 2.52
N TYR D 40 5.50 -19.04 1.50
CA TYR D 40 5.43 -17.74 0.83
C TYR D 40 5.11 -16.59 1.82
N GLY D 41 4.28 -16.88 2.82
CA GLY D 41 3.89 -15.84 3.79
C GLY D 41 4.60 -15.93 5.14
N ASP D 42 5.67 -16.73 5.19
CA ASP D 42 6.39 -16.97 6.44
C ASP D 42 7.44 -15.90 6.81
N LEU D 43 7.65 -14.91 5.94
CA LEU D 43 8.60 -13.83 6.20
C LEU D 43 7.89 -12.48 6.36
N ALA D 44 8.42 -11.63 7.25
CA ALA D 44 7.84 -10.30 7.44
C ALA D 44 7.82 -9.48 6.16
N THR D 45 8.88 -9.59 5.36
CA THR D 45 8.97 -8.88 4.08
C THR D 45 8.01 -9.41 3.01
N TYR D 46 7.45 -10.59 3.29
CA TYR D 46 6.41 -11.20 2.46
C TYR D 46 5.03 -11.11 3.12
N GLY D 47 4.92 -10.22 4.12
CA GLY D 47 3.64 -9.87 4.74
C GLY D 47 3.27 -10.60 6.03
N HIS D 48 4.20 -11.34 6.64
CA HIS D 48 3.90 -11.95 7.95
C HIS D 48 3.66 -10.85 9.00
N GLN D 49 2.59 -11.02 9.78
CA GLN D 49 2.12 -9.98 10.71
C GLN D 49 2.71 -10.08 12.10
N ILE D 50 3.36 -11.20 12.39
CA ILE D 50 3.82 -11.48 13.74
C ILE D 50 5.33 -11.67 13.81
N VAL D 51 5.85 -12.54 12.94
CA VAL D 51 7.24 -12.98 13.00
C VAL D 51 8.23 -11.85 12.69
N LYS D 52 9.37 -11.89 13.38
CA LYS D 52 10.43 -10.91 13.23
C LYS D 52 11.57 -11.55 12.44
N THR D 53 11.80 -11.05 11.23
CA THR D 53 12.88 -11.55 10.37
C THR D 53 13.80 -10.43 9.88
N PRO D 54 14.52 -9.73 10.79
CA PRO D 54 15.28 -8.54 10.38
C PRO D 54 16.35 -8.77 9.30
N ASN D 55 17.06 -9.90 9.38
CA ASN D 55 18.17 -10.18 8.47
C ASN D 55 17.76 -10.45 7.03
N ILE D 56 16.73 -11.28 6.88
CA ILE D 56 16.15 -11.58 5.57
C ILE D 56 15.44 -10.36 4.97
N ASP D 57 14.73 -9.59 5.81
CA ASP D 57 14.12 -8.32 5.38
C ASP D 57 15.20 -7.38 4.80
N ARG D 58 16.32 -7.29 5.52
CA ARG D 58 17.45 -6.44 5.12
C ARG D 58 18.04 -6.91 3.79
N LEU D 59 18.15 -8.22 3.62
CA LEU D 59 18.62 -8.80 2.37
C LEU D 59 17.74 -8.39 1.19
N ALA D 60 16.41 -8.41 1.41
CA ALA D 60 15.43 -7.99 0.40
C ALA D 60 15.62 -6.52 0.04
N GLN D 61 15.82 -5.69 1.06
CA GLN D 61 16.11 -4.25 0.93
CA GLN D 61 16.07 -4.26 0.86
C GLN D 61 17.37 -4.00 0.09
N GLU D 62 18.30 -4.95 0.18
CA GLU D 62 19.58 -4.84 -0.50
C GLU D 62 19.65 -5.55 -1.86
N GLY D 63 18.57 -6.24 -2.24
CA GLY D 63 18.57 -6.94 -3.50
C GLY D 63 17.25 -6.93 -4.23
N VAL D 64 17.02 -8.00 -4.99
CA VAL D 64 15.78 -8.13 -5.78
C VAL D 64 14.90 -9.22 -5.15
N LYS D 65 13.72 -8.82 -4.72
CA LYS D 65 12.75 -9.74 -4.10
C LYS D 65 11.70 -10.13 -5.12
N PHE D 66 11.46 -11.45 -5.23
CA PHE D 66 10.51 -11.97 -6.21
C PHE D 66 9.21 -12.30 -5.51
N THR D 67 8.09 -11.78 -6.05
CA THR D 67 6.78 -12.08 -5.47
C THR D 67 6.07 -13.24 -6.19
N ASP D 68 6.62 -13.64 -7.32
CA ASP D 68 6.04 -14.68 -8.17
C ASP D 68 7.11 -15.69 -8.56
N TYR D 69 7.92 -16.08 -7.57
CA TYR D 69 8.91 -17.14 -7.72
C TYR D 69 8.36 -18.47 -7.22
N TYR D 70 8.74 -19.55 -7.90
CA TYR D 70 8.26 -20.87 -7.57
C TYR D 70 9.39 -21.88 -7.38
N ALA D 71 9.23 -22.78 -6.41
CA ALA D 71 10.05 -23.99 -6.35
C ALA D 71 9.73 -24.90 -7.55
N PRO D 72 10.72 -25.71 -8.02
CA PRO D 72 10.44 -26.64 -9.12
C PRO D 72 9.40 -27.73 -8.74
N ALA D 73 9.26 -27.97 -7.44
CA ALA D 73 8.37 -29.00 -6.92
C ALA D 73 7.91 -28.73 -5.48
N PRO D 74 6.69 -29.17 -5.11
CA PRO D 74 6.19 -28.93 -3.75
C PRO D 74 6.63 -29.96 -2.71
N LEU D 75 7.79 -30.59 -2.91
CA LEU D 75 8.43 -31.47 -1.93
C LEU D 75 9.95 -31.33 -2.05
N SER D 76 10.66 -31.67 -0.98
CA SER D 76 12.08 -31.34 -0.81
C SER D 76 13.02 -31.84 -1.89
N SER D 77 13.08 -33.15 -2.05
CA SER D 77 14.06 -33.78 -2.96
CA SER D 77 14.06 -33.76 -2.94
C SER D 77 13.92 -33.33 -4.42
N PRO D 78 12.70 -33.49 -5.03
CA PRO D 78 12.67 -33.04 -6.43
C PRO D 78 12.93 -31.54 -6.62
N SER D 79 12.51 -30.72 -5.65
CA SER D 79 12.77 -29.28 -5.73
C SER D 79 14.27 -28.93 -5.74
N ARG D 80 15.00 -29.52 -4.80
CA ARG D 80 16.45 -29.39 -4.67
C ARG D 80 17.18 -29.92 -5.90
N ALA D 81 16.75 -31.08 -6.39
CA ALA D 81 17.31 -31.67 -7.62
C ALA D 81 17.15 -30.70 -8.77
N GLY D 82 15.96 -30.09 -8.88
CA GLY D 82 15.62 -29.20 -9.97
C GLY D 82 16.46 -27.94 -9.96
N LEU D 83 16.57 -27.31 -8.78
CA LEU D 83 17.32 -26.08 -8.61
C LEU D 83 18.81 -26.28 -8.93
N LEU D 84 19.38 -27.39 -8.47
CA LEU D 84 20.81 -27.62 -8.61
C LEU D 84 21.25 -28.00 -10.02
N THR D 85 20.31 -28.52 -10.82
CA THR D 85 20.63 -29.00 -12.17
C THR D 85 20.07 -28.11 -13.27
N GLY D 86 19.13 -27.22 -12.92
CA GLY D 86 18.37 -26.50 -13.95
C GLY D 86 17.45 -27.35 -14.82
N ARG D 87 17.09 -28.54 -14.33
CA ARG D 87 16.31 -29.52 -15.08
C ARG D 87 15.10 -29.98 -14.26
N MET D 88 13.91 -30.04 -14.88
CA MET D 88 12.66 -30.53 -14.27
C MET D 88 12.97 -31.86 -13.58
N PRO D 89 12.72 -31.94 -12.25
CA PRO D 89 13.29 -33.02 -11.42
C PRO D 89 13.03 -34.44 -11.92
N PHE D 90 11.88 -34.66 -12.55
CA PHE D 90 11.58 -35.98 -13.15
C PHE D 90 12.70 -36.44 -14.08
N ARG D 91 13.30 -35.51 -14.82
CA ARG D 91 14.44 -35.80 -15.73
C ARG D 91 15.66 -36.41 -15.02
N THR D 92 15.84 -36.04 -13.75
CA THR D 92 17.01 -36.43 -12.94
C THR D 92 16.77 -37.72 -12.15
N GLY D 93 15.57 -38.26 -12.27
CA GLY D 93 15.17 -39.49 -11.57
C GLY D 93 14.57 -39.31 -10.18
N ILE D 94 14.25 -38.07 -9.82
CA ILE D 94 13.67 -37.81 -8.51
C ILE D 94 12.30 -37.17 -8.65
N ARG D 95 11.27 -37.90 -8.24
CA ARG D 95 9.86 -37.51 -8.48
C ARG D 95 9.11 -37.11 -7.22
N SER D 96 9.55 -37.58 -6.05
CA SER D 96 8.96 -37.23 -4.75
C SER D 96 9.90 -37.63 -3.60
N TRP D 97 9.46 -38.59 -2.78
CA TRP D 97 10.27 -39.11 -1.66
C TRP D 97 11.41 -39.99 -2.15
N ILE D 98 12.50 -39.99 -1.39
CA ILE D 98 13.58 -40.96 -1.60
C ILE D 98 13.52 -41.96 -0.44
N PRO D 99 13.05 -43.19 -0.73
CA PRO D 99 12.92 -44.17 0.34
C PRO D 99 14.25 -44.85 0.68
N SER D 100 14.49 -45.02 1.98
CA SER D 100 15.66 -45.74 2.49
C SER D 100 15.82 -47.11 1.81
N GLY D 101 17.05 -47.42 1.44
CA GLY D 101 17.38 -48.74 0.91
C GLY D 101 17.01 -49.03 -0.53
N LYS D 102 16.43 -48.06 -1.23
CA LYS D 102 16.02 -48.27 -2.61
C LYS D 102 16.97 -47.63 -3.62
N ASP D 103 16.65 -47.75 -4.90
CA ASP D 103 17.57 -47.30 -5.94
C ASP D 103 17.22 -45.93 -6.53
N VAL D 104 16.65 -45.06 -5.70
CA VAL D 104 16.31 -43.69 -6.08
C VAL D 104 17.40 -42.73 -5.58
N ALA D 105 17.91 -41.92 -6.50
CA ALA D 105 18.93 -40.89 -6.23
C ALA D 105 19.05 -40.02 -7.47
N LEU D 106 19.75 -38.89 -7.32
CA LEU D 106 20.10 -38.03 -8.46
C LEU D 106 20.82 -38.86 -9.50
N GLY D 107 20.36 -38.76 -10.76
CA GLY D 107 20.99 -39.42 -11.91
C GLY D 107 22.51 -39.29 -11.88
N ARG D 108 23.17 -40.41 -12.12
CA ARG D 108 24.64 -40.48 -12.02
CA ARG D 108 24.64 -40.50 -12.06
CA ARG D 108 24.64 -40.52 -12.07
C ARG D 108 25.35 -39.50 -12.97
N ASN D 109 24.74 -39.21 -14.12
CA ASN D 109 25.34 -38.33 -15.11
C ASN D 109 24.81 -36.89 -15.05
N GLU D 110 24.05 -36.60 -14.00
CA GLU D 110 23.52 -35.26 -13.81
C GLU D 110 24.65 -34.33 -13.34
N LEU D 111 24.68 -33.12 -13.87
CA LEU D 111 25.63 -32.12 -13.42
C LEU D 111 24.89 -31.06 -12.59
N THR D 112 25.39 -30.80 -11.39
CA THR D 112 24.86 -29.71 -10.56
C THR D 112 25.64 -28.41 -10.77
N ILE D 113 25.11 -27.31 -10.23
CA ILE D 113 25.86 -26.05 -10.15
C ILE D 113 27.27 -26.26 -9.59
N ALA D 114 27.39 -27.08 -8.54
CA ALA D 114 28.68 -27.37 -7.89
C ALA D 114 29.67 -28.05 -8.83
N ASN D 115 29.21 -29.06 -9.59
CA ASN D 115 30.02 -29.71 -10.63
C ASN D 115 30.60 -28.72 -11.64
N LEU D 116 29.76 -27.82 -12.13
CA LEU D 116 30.18 -26.84 -13.11
C LEU D 116 31.15 -25.84 -12.51
N LEU D 117 30.86 -25.37 -11.29
CA LEU D 117 31.75 -24.41 -10.62
C LEU D 117 33.11 -25.01 -10.21
N LYS D 118 33.10 -26.24 -9.71
CA LYS D 118 34.34 -26.98 -9.43
C LYS D 118 35.22 -27.10 -10.68
N ALA D 119 34.59 -27.41 -11.82
CA ALA D 119 35.30 -27.50 -13.10
C ALA D 119 35.89 -26.16 -13.54
N GLN D 120 35.31 -25.05 -13.07
CA GLN D 120 35.76 -23.69 -13.35
CA GLN D 120 35.79 -23.71 -13.39
C GLN D 120 36.82 -23.22 -12.38
N GLY D 121 37.18 -24.05 -11.41
CA GLY D 121 38.22 -23.72 -10.44
C GLY D 121 37.75 -23.19 -9.10
N TYR D 122 36.46 -23.32 -8.82
CA TYR D 122 35.90 -22.83 -7.56
C TYR D 122 36.16 -23.76 -6.38
N ASP D 123 36.34 -23.13 -5.23
CA ASP D 123 36.32 -23.78 -3.94
C ASP D 123 34.86 -24.05 -3.63
N THR D 124 34.46 -25.31 -3.56
CA THR D 124 33.03 -25.63 -3.36
C THR D 124 32.77 -26.31 -2.02
N ALA D 125 31.66 -25.93 -1.40
CA ALA D 125 31.29 -26.48 -0.09
C ALA D 125 29.76 -26.50 0.12
N MET D 126 29.26 -27.56 0.78
CA MET D 126 27.85 -27.58 1.21
C MET D 126 27.72 -27.85 2.71
N MET D 127 26.73 -27.21 3.35
CA MET D 127 26.47 -27.46 4.76
C MET D 127 24.97 -27.64 4.97
N GLY D 128 24.59 -28.75 5.59
CA GLY D 128 23.20 -28.98 5.97
C GLY D 128 22.48 -30.10 5.23
N LYS D 129 21.24 -29.85 4.83
CA LYS D 129 20.40 -30.88 4.22
C LYS D 129 20.81 -31.17 2.77
N LEU D 130 21.10 -32.43 2.49
CA LEU D 130 21.36 -32.83 1.11
C LEU D 130 20.07 -33.38 0.46
N HIS D 131 19.63 -34.57 0.90
CA HIS D 131 18.35 -35.18 0.50
C HIS D 131 18.27 -35.45 -1.02
N LEU D 132 19.35 -35.99 -1.57
CA LEU D 132 19.43 -36.26 -3.01
C LEU D 132 19.87 -37.71 -3.32
N ASN D 133 20.01 -38.50 -2.26
CA ASN D 133 20.25 -39.93 -2.35
C ASN D 133 19.57 -40.68 -1.20
N ALA D 134 19.73 -42.00 -1.15
CA ALA D 134 19.07 -42.81 -0.12
C ALA D 134 19.89 -43.02 1.15
N GLY D 135 21.01 -42.30 1.27
CA GLY D 135 21.87 -42.39 2.44
C GLY D 135 23.34 -42.21 2.14
N GLY D 136 24.07 -41.61 3.08
CA GLY D 136 25.51 -41.32 2.94
C GLY D 136 26.43 -42.51 2.94
N ASP D 137 25.89 -43.69 3.28
CA ASP D 137 26.65 -44.94 3.22
C ASP D 137 26.49 -45.70 1.89
N ARG D 138 25.75 -45.10 0.94
CA ARG D 138 25.48 -45.73 -0.35
C ARG D 138 26.63 -45.47 -1.33
N THR D 139 27.51 -46.46 -1.50
CA THR D 139 28.65 -46.34 -2.40
C THR D 139 28.24 -46.47 -3.87
N ASP D 140 27.05 -47.03 -4.09
CA ASP D 140 26.48 -47.18 -5.42
C ASP D 140 25.70 -45.93 -5.86
N GLN D 141 25.67 -44.91 -5.00
CA GLN D 141 24.92 -43.68 -5.28
C GLN D 141 25.80 -42.44 -5.15
N PRO D 142 25.53 -41.39 -5.94
CA PRO D 142 26.27 -40.13 -5.82
C PRO D 142 26.14 -39.51 -4.43
N GLN D 143 27.28 -39.07 -3.91
CA GLN D 143 27.38 -38.35 -2.63
C GLN D 143 27.78 -36.90 -2.91
N ALA D 144 27.89 -36.09 -1.87
CA ALA D 144 28.20 -34.64 -1.98
C ALA D 144 29.36 -34.29 -2.90
N GLN D 145 30.46 -35.04 -2.80
CA GLN D 145 31.63 -34.76 -3.65
C GLN D 145 31.40 -35.12 -5.11
N ASP D 146 30.69 -36.21 -5.36
CA ASP D 146 30.27 -36.61 -6.72
C ASP D 146 29.39 -35.51 -7.33
N MET D 147 28.56 -34.93 -6.46
CA MET D 147 27.71 -33.82 -6.87
CA MET D 147 27.69 -33.80 -6.82
C MET D 147 28.46 -32.48 -6.94
N GLY D 148 29.77 -32.51 -6.66
CA GLY D 148 30.66 -31.39 -6.90
C GLY D 148 31.10 -30.58 -5.71
N PHE D 149 30.73 -31.03 -4.52
CA PHE D 149 31.10 -30.34 -3.28
C PHE D 149 32.34 -30.95 -2.64
N ASP D 150 33.44 -30.22 -2.71
CA ASP D 150 34.75 -30.67 -2.18
C ASP D 150 34.91 -30.54 -0.65
N TYR D 151 33.98 -29.83 -0.02
CA TYR D 151 33.80 -29.87 1.43
C TYR D 151 32.31 -30.07 1.69
N SER D 152 31.99 -30.85 2.73
CA SER D 152 30.60 -31.01 3.14
C SER D 152 30.44 -31.34 4.63
N LEU D 153 29.48 -30.69 5.28
CA LEU D 153 28.91 -31.19 6.52
C LEU D 153 27.45 -31.45 6.17
N ALA D 154 27.08 -32.73 6.06
CA ALA D 154 25.83 -33.10 5.39
C ALA D 154 24.92 -34.01 6.19
N ASN D 155 23.64 -33.63 6.22
CA ASN D 155 22.58 -34.54 6.59
C ASN D 155 22.01 -35.08 5.29
N THR D 156 22.19 -36.38 5.06
CA THR D 156 21.68 -36.98 3.84
C THR D 156 20.17 -37.16 3.87
N ALA D 157 19.61 -37.16 5.08
CA ALA D 157 18.17 -37.39 5.31
C ALA D 157 17.31 -36.14 5.11
N GLY D 158 16.00 -36.34 5.08
CA GLY D 158 15.05 -35.25 4.81
C GLY D 158 14.69 -34.42 6.03
N PHE D 159 15.15 -34.86 7.19
CA PHE D 159 14.83 -34.20 8.46
C PHE D 159 15.94 -34.46 9.45
N VAL D 160 15.98 -33.65 10.51
CA VAL D 160 16.97 -33.80 11.59
C VAL D 160 16.55 -34.91 12.56
N THR D 161 17.51 -35.79 12.86
CA THR D 161 17.36 -36.82 13.87
C THR D 161 18.26 -36.47 15.08
N ASP D 162 17.69 -36.55 16.28
CA ASP D 162 18.46 -36.63 17.51
C ASP D 162 18.25 -38.03 18.06
N ALA D 163 19.26 -38.89 17.89
CA ALA D 163 19.20 -40.28 18.32
C ALA D 163 18.98 -40.46 19.82
N THR D 164 19.52 -39.55 20.63
CA THR D 164 19.37 -39.62 22.09
C THR D 164 17.91 -39.49 22.53
N LEU D 165 17.16 -38.63 21.83
CA LEU D 165 15.72 -38.52 22.04
C LEU D 165 14.98 -39.72 21.43
N ASP D 166 15.33 -40.11 20.20
CA ASP D 166 14.72 -41.27 19.51
C ASP D 166 14.81 -42.58 20.30
N ASN D 167 15.99 -42.86 20.85
CA ASN D 167 16.24 -44.12 21.55
C ASN D 167 15.92 -44.10 23.05
N ALA D 168 15.51 -42.93 23.55
CA ALA D 168 15.13 -42.77 24.96
C ALA D 168 13.94 -43.67 25.31
N LYS D 169 14.05 -44.37 26.44
CA LYS D 169 13.06 -45.37 26.84
C LYS D 169 11.82 -44.80 27.51
N GLU D 170 11.98 -43.69 28.22
CA GLU D 170 10.91 -43.10 29.04
C GLU D 170 9.84 -42.40 28.19
N ARG D 171 8.62 -42.30 28.73
CA ARG D 171 7.53 -41.55 28.10
C ARG D 171 6.81 -40.70 29.15
N PRO D 172 6.71 -39.37 28.92
CA PRO D 172 7.14 -38.63 27.73
C PRO D 172 8.60 -38.16 27.76
N ARG D 173 9.16 -37.92 26.57
CA ARG D 173 10.54 -37.48 26.46
C ARG D 173 10.64 -35.96 26.42
N TYR D 174 11.57 -35.42 27.21
CA TYR D 174 11.82 -33.99 27.26
C TYR D 174 13.26 -33.70 26.85
N GLY D 175 13.42 -32.68 26.01
CA GLY D 175 14.73 -32.26 25.53
C GLY D 175 14.67 -31.67 24.14
N MET D 176 15.50 -30.66 23.90
CA MET D 176 15.62 -30.03 22.57
C MET D 176 16.44 -30.91 21.63
N VAL D 177 16.16 -30.80 20.34
CA VAL D 177 16.76 -31.65 19.31
C VAL D 177 18.15 -31.13 18.91
N TYR D 178 19.15 -32.01 19.06
CA TYR D 178 20.52 -31.73 18.64
C TYR D 178 20.93 -32.78 17.60
N PRO D 179 21.35 -32.32 16.40
CA PRO D 179 21.62 -33.22 15.24
C PRO D 179 22.60 -34.37 15.51
N THR D 180 22.13 -35.59 15.28
CA THR D 180 22.99 -36.78 15.23
C THR D 180 23.00 -37.36 13.82
N GLY D 181 24.08 -38.07 13.48
CA GLY D 181 24.13 -38.82 12.22
C GLY D 181 24.64 -38.09 11.00
N TRP D 182 25.05 -36.83 11.14
CA TRP D 182 25.57 -36.04 10.02
C TRP D 182 27.00 -36.49 9.68
N LEU D 183 27.44 -36.19 8.47
CA LEU D 183 28.77 -36.57 8.01
C LEU D 183 29.59 -35.37 7.59
N ARG D 184 30.81 -35.25 8.12
CA ARG D 184 31.76 -34.22 7.66
C ARG D 184 32.78 -34.84 6.72
N ASN D 185 32.71 -34.45 5.44
CA ASN D 185 33.53 -35.05 4.38
C ASN D 185 33.50 -36.58 4.38
N GLY D 186 32.29 -37.12 4.55
CA GLY D 186 32.05 -38.55 4.52
C GLY D 186 32.27 -39.31 5.81
N GLN D 187 32.73 -38.61 6.84
CA GLN D 187 33.08 -39.22 8.13
CA GLN D 187 33.07 -39.24 8.13
C GLN D 187 32.05 -38.90 9.21
N PRO D 188 31.71 -39.90 10.07
CA PRO D 188 30.76 -39.68 11.18
C PRO D 188 31.18 -38.57 12.14
N THR D 189 30.20 -37.80 12.58
CA THR D 189 30.41 -36.68 13.50
C THR D 189 29.78 -37.03 14.84
N PRO D 190 30.28 -36.47 15.95
CA PRO D 190 29.56 -36.63 17.22
C PRO D 190 28.27 -35.79 17.24
N ARG D 191 27.39 -36.08 18.19
CA ARG D 191 26.17 -35.31 18.43
C ARG D 191 26.52 -33.84 18.61
N ALA D 192 25.79 -32.96 17.91
CA ALA D 192 26.09 -31.54 17.92
C ALA D 192 25.88 -30.89 19.29
N ASP D 193 26.64 -29.85 19.59
CA ASP D 193 26.50 -29.07 20.81
C ASP D 193 25.68 -27.81 20.55
N LYS D 194 25.25 -27.67 19.30
CA LYS D 194 24.39 -26.57 18.86
C LYS D 194 23.18 -27.16 18.13
N MET D 195 22.04 -26.48 18.22
CA MET D 195 20.85 -26.89 17.46
C MET D 195 21.12 -26.67 15.96
N SER D 196 20.33 -27.33 15.11
CA SER D 196 20.62 -27.48 13.68
C SER D 196 21.07 -26.26 12.91
N GLY D 197 20.38 -25.14 13.09
CA GLY D 197 20.72 -23.91 12.40
C GLY D 197 22.05 -23.32 12.81
N GLU D 198 22.38 -23.42 14.10
CA GLU D 198 23.67 -22.94 14.61
C GLU D 198 24.81 -23.86 14.17
N TYR D 199 24.53 -25.16 14.18
CA TYR D 199 25.45 -26.22 13.72
C TYR D 199 25.87 -25.98 12.28
N VAL D 200 24.91 -25.54 11.45
CA VAL D 200 25.17 -25.18 10.06
C VAL D 200 25.91 -23.84 9.94
N SER D 201 25.37 -22.77 10.56
CA SER D 201 25.94 -21.42 10.41
C SER D 201 27.39 -21.31 10.91
N SER D 202 27.68 -21.98 12.03
CA SER D 202 29.03 -22.06 12.57
CA SER D 202 29.04 -22.03 12.57
C SER D 202 29.99 -22.75 11.61
N GLU D 203 29.52 -23.82 10.98
CA GLU D 203 30.31 -24.56 9.99
C GLU D 203 30.64 -23.69 8.79
N VAL D 204 29.70 -22.84 8.38
CA VAL D 204 29.90 -21.91 7.26
C VAL D 204 30.91 -20.82 7.62
N VAL D 205 30.70 -20.20 8.77
CA VAL D 205 31.56 -19.13 9.29
C VAL D 205 33.00 -19.63 9.50
N ASN D 206 33.14 -20.80 10.13
CA ASN D 206 34.44 -21.43 10.35
C ASN D 206 35.18 -21.83 9.07
N TRP D 207 34.42 -22.34 8.09
CA TRP D 207 34.98 -22.67 6.78
C TRP D 207 35.51 -21.41 6.08
N LEU D 208 34.74 -20.32 6.16
CA LEU D 208 35.15 -19.05 5.56
C LEU D 208 36.44 -18.47 6.19
N ASP D 209 36.64 -18.79 7.47
CA ASP D 209 37.86 -18.40 8.20
C ASP D 209 39.09 -19.20 7.77
N ASN D 210 38.90 -20.48 7.45
CA ASN D 210 39.98 -21.36 6.99
C ASN D 210 40.38 -21.12 5.53
N LYS D 211 39.52 -20.41 4.80
CA LYS D 211 39.84 -19.90 3.47
C LYS D 211 40.60 -18.57 3.58
N LYS D 212 41.67 -18.43 2.78
CA LYS D 212 42.56 -17.28 2.86
C LYS D 212 42.96 -16.70 1.50
N ASP D 213 42.77 -17.51 0.46
CA ASP D 213 43.23 -17.20 -0.89
C ASP D 213 42.20 -16.46 -1.75
N SER D 214 42.59 -16.10 -2.97
CA SER D 214 41.74 -15.33 -3.89
C SER D 214 40.89 -16.21 -4.82
N LYS D 215 40.93 -17.52 -4.58
CA LYS D 215 40.12 -18.50 -5.33
C LYS D 215 38.64 -18.30 -4.98
N PRO D 216 37.78 -18.24 -6.00
CA PRO D 216 36.35 -17.99 -5.73
C PRO D 216 35.69 -19.20 -5.05
N PHE D 217 34.61 -18.95 -4.32
CA PHE D 217 33.94 -20.03 -3.60
C PHE D 217 32.47 -20.17 -3.95
N PHE D 218 31.97 -21.38 -3.86
CA PHE D 218 30.54 -21.65 -3.90
C PHE D 218 30.15 -22.32 -2.59
N LEU D 219 29.27 -21.65 -1.84
CA LEU D 219 28.68 -22.22 -0.66
C LEU D 219 27.20 -22.55 -0.90
N TYR D 220 26.83 -23.78 -0.58
CA TYR D 220 25.44 -24.21 -0.60
C TYR D 220 25.06 -24.43 0.84
N VAL D 221 24.30 -23.47 1.37
CA VAL D 221 23.92 -23.49 2.78
C VAL D 221 22.47 -23.96 2.88
N ALA D 222 22.30 -25.23 3.23
CA ALA D 222 20.99 -25.85 3.24
C ALA D 222 20.49 -26.04 4.66
N PHE D 223 19.90 -24.98 5.21
CA PHE D 223 19.36 -25.05 6.55
C PHE D 223 18.19 -26.03 6.63
N THR D 224 18.05 -26.69 7.77
CA THR D 224 16.97 -27.64 7.98
C THR D 224 15.72 -26.92 8.51
N GLU D 225 15.88 -25.69 9.00
CA GLU D 225 14.73 -24.88 9.43
C GLU D 225 13.97 -24.44 8.16
N VAL D 226 12.62 -24.48 8.16
CA VAL D 226 11.76 -24.73 9.33
C VAL D 226 11.09 -26.12 9.33
N HIS D 227 11.80 -27.15 8.85
CA HIS D 227 11.29 -28.52 8.81
C HIS D 227 11.20 -29.08 10.22
N SER D 228 10.18 -29.90 10.47
CA SER D 228 10.09 -30.68 11.70
C SER D 228 11.28 -31.66 11.80
N PRO D 229 11.79 -31.92 13.03
CA PRO D 229 11.45 -31.35 14.33
C PRO D 229 11.97 -29.93 14.57
N LEU D 230 11.11 -29.09 15.12
CA LEU D 230 11.49 -27.73 15.47
C LEU D 230 12.44 -27.74 16.66
N ALA D 231 13.45 -26.89 16.58
CA ALA D 231 14.34 -26.66 17.72
C ALA D 231 14.82 -25.21 17.68
N SER D 232 14.44 -24.43 18.70
CA SER D 232 14.83 -23.04 18.81
C SER D 232 15.34 -22.70 20.21
N PRO D 233 16.39 -21.89 20.32
CA PRO D 233 16.89 -21.35 21.60
C PRO D 233 15.88 -20.47 22.34
N LYS D 234 16.14 -20.29 23.64
CA LYS D 234 15.28 -19.52 24.55
C LYS D 234 15.03 -18.09 24.09
N LYS D 235 16.04 -17.46 23.48
CA LYS D 235 15.95 -16.09 22.96
C LYS D 235 14.79 -15.91 21.95
N TYR D 236 14.59 -16.92 21.10
CA TYR D 236 13.62 -16.87 20.01
C TYR D 236 12.25 -17.38 20.44
N LEU D 237 12.24 -18.34 21.37
CA LEU D 237 11.01 -18.87 21.96
C LEU D 237 10.28 -17.81 22.81
N ASP D 238 11.08 -16.98 23.49
CA ASP D 238 10.56 -15.92 24.35
C ASP D 238 9.94 -14.76 23.58
N MET D 239 10.34 -14.59 22.31
CA MET D 239 9.77 -13.57 21.43
C MET D 239 8.27 -13.77 21.16
N TYR D 240 7.80 -15.01 21.33
CA TYR D 240 6.44 -15.41 20.93
C TYR D 240 5.67 -16.16 22.04
N SER D 241 5.87 -15.75 23.28
CA SER D 241 5.22 -16.39 24.44
C SER D 241 3.70 -16.24 24.47
N GLN D 242 3.19 -15.15 23.91
CA GLN D 242 1.74 -14.92 23.73
C GLN D 242 1.13 -16.02 22.85
N TYR D 243 1.94 -16.55 21.95
CA TYR D 243 1.47 -17.46 20.92
C TYR D 243 1.69 -18.92 21.27
N MET D 244 2.07 -19.17 22.52
CA MET D 244 2.20 -20.50 23.06
C MET D 244 0.95 -20.83 23.86
N SER D 245 0.53 -22.09 23.83
CA SER D 245 -0.60 -22.52 24.61
C SER D 245 -0.23 -22.73 26.08
N ALA D 246 -1.23 -23.01 26.91
CA ALA D 246 -1.02 -23.28 28.33
C ALA D 246 -0.27 -24.59 28.53
N TYR D 247 -0.57 -25.58 27.67
CA TYR D 247 0.11 -26.87 27.69
C TYR D 247 1.57 -26.73 27.26
N GLN D 248 1.82 -25.89 26.25
CA GLN D 248 3.17 -25.66 25.74
C GLN D 248 4.07 -25.11 26.83
N LYS D 249 3.56 -24.15 27.60
CA LYS D 249 4.35 -23.50 28.64
C LYS D 249 4.71 -24.46 29.78
N GLN D 250 3.82 -25.40 30.06
CA GLN D 250 4.07 -26.44 31.06
C GLN D 250 4.97 -27.56 30.53
N HIS D 251 5.01 -27.72 29.21
CA HIS D 251 5.81 -28.77 28.58
C HIS D 251 6.61 -28.25 27.37
N PRO D 252 7.53 -27.27 27.57
CA PRO D 252 8.13 -26.58 26.43
C PRO D 252 9.08 -27.42 25.57
N ASP D 253 9.85 -28.30 26.23
CA ASP D 253 10.82 -29.13 25.53
C ASP D 253 10.34 -30.57 25.30
N LEU D 254 9.02 -30.75 25.32
CA LEU D 254 8.41 -32.04 24.98
C LEU D 254 8.78 -32.43 23.55
N PHE D 255 9.31 -33.64 23.41
CA PHE D 255 9.80 -34.15 22.13
C PHE D 255 8.65 -34.44 21.17
N TYR D 256 8.83 -34.02 19.91
CA TYR D 256 7.76 -34.09 18.90
C TYR D 256 7.25 -35.50 18.59
N GLY D 257 8.06 -36.51 18.91
CA GLY D 257 7.67 -37.91 18.81
C GLY D 257 6.56 -38.29 19.78
N ASP D 258 6.30 -37.42 20.77
CA ASP D 258 5.29 -37.67 21.79
C ASP D 258 4.11 -36.69 21.72
N TRP D 259 3.90 -36.06 20.57
CA TRP D 259 2.86 -35.03 20.41
C TRP D 259 1.49 -35.53 19.95
N ALA D 260 1.40 -36.75 19.42
CA ALA D 260 0.16 -37.25 18.77
C ALA D 260 -1.09 -37.29 19.65
N ASP D 261 -0.89 -37.47 20.96
CA ASP D 261 -1.99 -37.59 21.92
C ASP D 261 -2.03 -36.45 22.92
N LYS D 262 -1.37 -35.34 22.59
CA LYS D 262 -1.25 -34.21 23.49
C LYS D 262 -2.02 -32.99 22.96
N PRO D 263 -2.39 -32.04 23.86
CA PRO D 263 -2.98 -30.75 23.47
C PRO D 263 -2.12 -29.90 22.51
N TRP D 264 -2.81 -29.02 21.77
CA TRP D 264 -2.19 -28.08 20.83
C TRP D 264 -1.19 -27.19 21.53
N ARG D 265 -0.08 -26.92 20.85
CA ARG D 265 1.03 -26.18 21.44
C ARG D 265 1.02 -24.70 21.07
N GLY D 266 0.05 -24.30 20.26
CA GLY D 266 0.04 -22.93 19.76
C GLY D 266 0.90 -22.79 18.52
N VAL D 267 1.21 -21.55 18.17
CA VAL D 267 1.91 -21.23 16.92
C VAL D 267 3.31 -20.64 17.13
N GLY D 268 3.63 -20.29 18.37
CA GLY D 268 4.84 -19.55 18.69
C GLY D 268 6.16 -20.26 18.46
N GLU D 269 6.17 -21.59 18.64
CA GLU D 269 7.36 -22.41 18.37
C GLU D 269 7.74 -22.41 16.90
N TYR D 270 6.72 -22.34 16.04
CA TYR D 270 6.95 -22.23 14.61
C TYR D 270 7.55 -20.86 14.26
N TYR D 271 7.03 -19.81 14.89
CA TYR D 271 7.57 -18.47 14.67
C TYR D 271 8.98 -18.31 15.24
N ALA D 272 9.24 -18.99 16.37
CA ALA D 272 10.55 -19.05 16.99
C ALA D 272 11.58 -19.57 16.00
N ASN D 273 11.26 -20.70 15.38
CA ASN D 273 12.12 -21.33 14.39
C ASN D 273 12.41 -20.50 13.14
N ILE D 274 11.41 -19.74 12.66
CA ILE D 274 11.61 -18.77 11.59
C ILE D 274 12.62 -17.68 11.98
N SER D 275 12.43 -17.13 13.18
CA SER D 275 13.33 -16.09 13.71
C SER D 275 14.74 -16.64 13.97
N TYR D 276 14.81 -17.87 14.45
CA TYR D 276 16.07 -18.61 14.60
C TYR D 276 16.76 -18.77 13.23
N LEU D 277 16.02 -19.22 12.21
CA LEU D 277 16.53 -19.30 10.84
C LEU D 277 17.08 -17.96 10.32
N ASP D 278 16.32 -16.89 10.53
CA ASP D 278 16.71 -15.55 10.12
C ASP D 278 18.06 -15.13 10.72
N ALA D 279 18.25 -15.45 12.00
CA ALA D 279 19.46 -15.13 12.74
C ALA D 279 20.66 -15.86 12.14
N GLN D 280 20.48 -17.14 11.82
CA GLN D 280 21.53 -17.97 11.22
C GLN D 280 21.89 -17.51 9.80
N VAL D 281 20.88 -17.12 9.02
CA VAL D 281 21.08 -16.43 7.74
C VAL D 281 21.89 -15.15 7.93
N GLY D 282 21.53 -14.38 8.97
CA GLY D 282 22.25 -13.15 9.31
C GLY D 282 23.72 -13.39 9.61
N LYS D 283 23.98 -14.45 10.39
CA LYS D 283 25.32 -14.85 10.79
CA LYS D 283 25.32 -14.83 10.78
C LYS D 283 26.20 -15.13 9.56
N VAL D 284 25.60 -15.71 8.52
CA VAL D 284 26.29 -16.01 7.26
C VAL D 284 26.56 -14.76 6.43
N LEU D 285 25.55 -13.89 6.31
CA LEU D 285 25.65 -12.67 5.50
C LEU D 285 26.64 -11.65 6.07
N ASP D 286 26.68 -11.58 7.41
CA ASP D 286 27.58 -10.69 8.14
C ASP D 286 29.04 -11.10 7.94
N LYS D 287 29.29 -12.41 7.93
CA LYS D 287 30.62 -12.97 7.68
C LYS D 287 31.11 -12.64 6.26
N ILE D 288 30.22 -12.75 5.27
CA ILE D 288 30.52 -12.38 3.88
C ILE D 288 30.86 -10.87 3.78
N LYS D 289 30.16 -10.04 4.56
CA LYS D 289 30.46 -8.61 4.60
C LYS D 289 31.79 -8.33 5.33
N ALA D 290 31.98 -8.98 6.49
CA ALA D 290 33.14 -8.74 7.36
C ALA D 290 34.48 -9.06 6.69
N MET D 291 34.56 -10.22 6.05
CA MET D 291 35.77 -10.62 5.33
C MET D 291 35.95 -9.85 4.00
N GLY D 292 35.07 -8.89 3.73
CA GLY D 292 35.25 -7.94 2.63
C GLY D 292 34.76 -8.38 1.26
N GLU D 293 33.79 -9.29 1.24
CA GLU D 293 33.35 -9.90 -0.02
C GLU D 293 31.92 -9.63 -0.49
N GLU D 294 31.22 -8.67 0.14
CA GLU D 294 29.83 -8.45 -0.24
CA GLU D 294 29.84 -8.32 -0.22
C GLU D 294 29.69 -7.95 -1.70
N ASP D 295 30.62 -7.15 -2.20
CA ASP D 295 30.50 -6.64 -3.57
C ASP D 295 30.91 -7.59 -4.69
N ASN D 296 31.44 -8.77 -4.33
CA ASN D 296 31.80 -9.77 -5.33
C ASN D 296 31.14 -11.12 -5.07
N THR D 297 30.07 -11.12 -4.28
CA THR D 297 29.37 -12.35 -3.95
C THR D 297 27.92 -12.28 -4.38
N ILE D 298 27.50 -13.26 -5.18
CA ILE D 298 26.09 -13.46 -5.50
C ILE D 298 25.48 -14.25 -4.35
N VAL D 299 24.41 -13.70 -3.77
CA VAL D 299 23.69 -14.37 -2.70
C VAL D 299 22.26 -14.65 -3.18
N ILE D 300 21.87 -15.92 -3.16
CA ILE D 300 20.48 -16.32 -3.40
C ILE D 300 19.89 -16.88 -2.13
N PHE D 301 18.77 -16.31 -1.68
CA PHE D 301 18.01 -16.89 -0.58
C PHE D 301 16.69 -17.39 -1.14
N THR D 302 16.41 -18.68 -0.97
CA THR D 302 15.10 -19.23 -1.33
C THR D 302 14.65 -20.38 -0.43
N SER D 303 13.51 -20.99 -0.79
CA SER D 303 12.94 -22.12 -0.06
C SER D 303 12.68 -23.25 -1.04
N ASP D 304 12.72 -24.50 -0.57
CA ASP D 304 12.55 -25.62 -1.48
C ASP D 304 11.08 -25.95 -1.80
N ASN D 305 10.15 -25.61 -0.90
CA ASN D 305 8.72 -25.80 -1.19
C ASN D 305 7.82 -25.05 -0.21
N GLY D 306 6.52 -25.07 -0.50
CA GLY D 306 5.51 -24.45 0.37
C GLY D 306 5.48 -25.07 1.75
N PRO D 307 4.78 -24.42 2.70
CA PRO D 307 4.96 -24.84 4.10
C PRO D 307 4.04 -25.96 4.55
N VAL D 308 4.34 -26.51 5.72
CA VAL D 308 3.37 -27.26 6.48
C VAL D 308 2.60 -26.20 7.29
N THR D 309 1.29 -26.18 7.08
CA THR D 309 0.44 -25.17 7.70
C THR D 309 -0.21 -25.78 8.94
N ARG D 310 -1.30 -25.17 9.42
CA ARG D 310 -2.15 -25.79 10.45
C ARG D 310 -2.83 -27.07 9.95
N GLU D 311 -2.91 -27.23 8.62
CA GLU D 311 -3.45 -28.42 7.99
C GLU D 311 -2.42 -29.56 8.01
N ALA D 312 -2.28 -30.21 9.17
CA ALA D 312 -1.36 -31.36 9.30
C ALA D 312 -1.94 -32.65 8.71
N ARG D 313 -1.10 -33.39 7.99
CA ARG D 313 -1.50 -34.58 7.27
C ARG D 313 -0.81 -35.83 7.81
N LYS D 314 0.27 -35.61 8.55
CA LYS D 314 1.12 -36.69 9.04
C LYS D 314 1.51 -36.38 10.47
N VAL D 315 1.84 -37.42 11.23
CA VAL D 315 2.16 -37.29 12.66
C VAL D 315 3.37 -36.40 12.93
N TYR D 316 4.28 -36.30 11.96
CA TYR D 316 5.45 -35.42 12.09
C TYR D 316 5.17 -33.97 11.67
N GLU D 317 3.94 -33.68 11.25
CA GLU D 317 3.55 -32.34 10.80
C GLU D 317 2.75 -31.56 11.86
N LEU D 318 2.69 -32.08 13.08
CA LEU D 318 1.83 -31.51 14.13
C LEU D 318 2.37 -30.22 14.73
N ASN D 319 1.44 -29.33 15.12
CA ASN D 319 1.76 -28.06 15.79
C ASN D 319 2.67 -27.13 15.00
N LEU D 320 2.41 -27.03 13.69
CA LEU D 320 3.12 -26.13 12.82
C LEU D 320 2.16 -25.07 12.30
N ALA D 321 2.70 -23.98 11.78
CA ALA D 321 1.90 -22.79 11.48
C ALA D 321 2.34 -22.00 10.25
N GLY D 322 2.78 -22.72 9.21
CA GLY D 322 3.17 -22.06 7.96
C GLY D 322 2.06 -21.25 7.31
N GLU D 323 2.47 -20.17 6.66
CA GLU D 323 1.58 -19.23 5.98
C GLU D 323 1.88 -19.15 4.51
N THR D 324 0.84 -18.94 3.70
CA THR D 324 0.93 -18.92 2.23
C THR D 324 0.42 -17.60 1.66
N ASP D 325 0.19 -16.60 2.51
CA ASP D 325 -0.39 -15.30 2.07
C ASP D 325 -1.76 -15.51 1.41
N GLY D 326 -2.56 -16.42 1.98
CA GLY D 326 -3.87 -16.75 1.42
C GLY D 326 -3.90 -17.70 0.23
N LEU D 327 -2.76 -17.95 -0.42
CA LEU D 327 -2.73 -18.77 -1.63
C LEU D 327 -3.14 -20.21 -1.29
N ARG D 328 -3.79 -20.87 -2.24
CA ARG D 328 -4.37 -22.19 -2.02
C ARG D 328 -3.31 -23.30 -1.86
N GLY D 329 -3.56 -24.21 -0.93
CA GLY D 329 -2.72 -25.39 -0.78
C GLY D 329 -1.54 -25.19 0.12
N ARG D 330 -0.68 -26.20 0.17
CA ARG D 330 0.49 -26.21 1.03
C ARG D 330 1.50 -27.23 0.46
N LYS D 331 2.56 -27.50 1.22
CA LYS D 331 3.49 -28.60 0.91
C LYS D 331 2.70 -29.82 0.43
N ASP D 332 3.18 -30.45 -0.65
CA ASP D 332 2.54 -31.61 -1.35
C ASP D 332 1.72 -31.18 -2.56
N ASN D 333 1.06 -30.02 -2.44
CA ASN D 333 0.10 -29.56 -3.45
C ASN D 333 0.73 -28.74 -4.59
N LEU D 334 0.04 -28.74 -5.73
CA LEU D 334 0.52 -27.98 -6.89
C LEU D 334 -0.28 -26.70 -7.08
N TRP D 335 -1.24 -26.45 -6.18
CA TRP D 335 -1.84 -25.13 -6.05
C TRP D 335 -0.74 -24.15 -5.59
N GLU D 336 -0.97 -22.85 -5.77
CA GLU D 336 0.07 -21.83 -5.56
C GLU D 336 0.84 -21.93 -4.24
N GLY D 337 0.15 -22.28 -3.15
CA GLY D 337 0.73 -22.31 -1.81
C GLY D 337 1.76 -23.41 -1.59
N GLY D 338 1.75 -24.42 -2.47
CA GLY D 338 2.71 -25.52 -2.40
C GLY D 338 3.97 -25.26 -3.20
N ILE D 339 3.85 -24.42 -4.23
CA ILE D 339 4.98 -24.17 -5.11
C ILE D 339 5.55 -22.74 -5.10
N ARG D 340 4.71 -21.74 -4.85
CA ARG D 340 5.21 -20.37 -4.77
C ARG D 340 5.94 -20.17 -3.44
N VAL D 341 7.16 -19.65 -3.50
CA VAL D 341 7.99 -19.50 -2.30
C VAL D 341 8.81 -18.20 -2.33
N PRO D 342 9.36 -17.78 -1.16
CA PRO D 342 10.22 -16.59 -1.20
C PRO D 342 11.49 -16.81 -2.01
N ALA D 343 11.95 -15.75 -2.67
CA ALA D 343 13.26 -15.75 -3.31
C ALA D 343 13.78 -14.34 -3.30
N ILE D 344 15.03 -14.20 -2.92
CA ILE D 344 15.73 -12.90 -2.95
C ILE D 344 17.10 -13.16 -3.60
N ILE D 345 17.53 -12.28 -4.50
CA ILE D 345 18.90 -12.30 -5.01
C ILE D 345 19.59 -10.96 -4.74
N LYS D 346 20.80 -11.02 -4.19
CA LYS D 346 21.65 -9.85 -3.98
C LYS D 346 23.01 -10.09 -4.65
N TYR D 347 23.59 -9.06 -5.23
CA TYR D 347 24.95 -9.12 -5.75
C TYR D 347 25.58 -7.74 -5.55
N GLY D 348 26.01 -7.48 -4.31
CA GLY D 348 26.61 -6.20 -3.90
C GLY D 348 25.78 -5.00 -4.30
N LYS D 349 26.38 -4.14 -5.10
CA LYS D 349 25.70 -2.97 -5.64
CA LYS D 349 25.71 -2.96 -5.63
C LYS D 349 25.43 -3.10 -7.13
N HIS D 350 25.66 -4.30 -7.68
CA HIS D 350 25.49 -4.56 -9.11
C HIS D 350 24.03 -4.74 -9.53
N LEU D 351 23.15 -5.00 -8.58
CA LEU D 351 21.72 -5.17 -8.84
C LEU D 351 20.93 -3.99 -8.27
N PRO D 352 19.74 -3.68 -8.85
CA PRO D 352 18.89 -2.62 -8.28
C PRO D 352 18.46 -2.93 -6.86
N GLN D 353 18.88 -2.09 -5.93
CA GLN D 353 18.71 -2.31 -4.50
C GLN D 353 17.26 -2.04 -4.07
N GLY D 354 16.60 -3.08 -3.58
CA GLY D 354 15.21 -2.99 -3.10
C GLY D 354 14.14 -3.08 -4.17
N MET D 355 14.49 -3.55 -5.37
CA MET D 355 13.51 -3.79 -6.42
C MET D 355 12.66 -5.02 -6.07
N VAL D 356 11.36 -4.90 -6.33
CA VAL D 356 10.42 -6.01 -6.20
C VAL D 356 9.92 -6.38 -7.59
N SER D 357 10.06 -7.66 -7.94
CA SER D 357 9.64 -8.15 -9.25
C SER D 357 8.51 -9.17 -9.14
N ASP D 358 7.51 -9.00 -10.00
CA ASP D 358 6.38 -9.92 -10.08
C ASP D 358 6.42 -10.76 -11.36
N THR D 359 7.58 -10.77 -12.04
CA THR D 359 7.76 -11.59 -13.24
C THR D 359 7.75 -13.06 -12.79
N PRO D 360 6.90 -13.90 -13.41
CA PRO D 360 6.91 -15.33 -13.04
C PRO D 360 8.27 -15.97 -13.33
N VAL D 361 8.90 -16.46 -12.27
CA VAL D 361 10.25 -17.07 -12.36
C VAL D 361 10.25 -18.32 -11.49
N TYR D 362 11.18 -19.24 -11.73
CA TYR D 362 11.29 -20.39 -10.83
C TYR D 362 12.69 -20.98 -10.65
N GLY D 363 12.79 -21.96 -9.75
CA GLY D 363 14.06 -22.60 -9.40
C GLY D 363 14.90 -23.13 -10.56
N LEU D 364 14.22 -23.58 -11.61
CA LEU D 364 14.92 -24.05 -12.82
C LEU D 364 15.64 -22.93 -13.60
N ASP D 365 15.23 -21.67 -13.37
CA ASP D 365 15.90 -20.53 -13.98
C ASP D 365 17.33 -20.22 -13.46
N TRP D 366 17.66 -20.69 -12.25
CA TRP D 366 18.92 -20.31 -11.62
C TRP D 366 20.15 -20.76 -12.41
N MET D 367 20.14 -22.01 -12.86
CA MET D 367 21.27 -22.54 -13.66
C MET D 367 21.67 -21.63 -14.85
N PRO D 368 20.75 -21.38 -15.82
CA PRO D 368 21.15 -20.48 -16.91
C PRO D 368 21.37 -19.03 -16.49
N THR D 369 20.77 -18.60 -15.37
CA THR D 369 21.00 -17.25 -14.84
C THR D 369 22.42 -17.10 -14.36
N LEU D 370 22.86 -18.06 -13.55
CA LEU D 370 24.19 -18.07 -12.97
C LEU D 370 25.24 -18.32 -14.05
N ALA D 371 24.93 -19.10 -15.09
CA ALA D 371 25.83 -19.25 -16.25
C ALA D 371 26.18 -17.90 -16.89
N LYS D 372 25.17 -17.04 -17.05
CA LYS D 372 25.37 -15.71 -17.64
C LYS D 372 26.09 -14.77 -16.66
N MET D 373 25.62 -14.75 -15.41
CA MET D 373 26.16 -13.86 -14.35
C MET D 373 27.59 -14.20 -13.95
N MET D 374 27.89 -15.50 -13.91
CA MET D 374 29.20 -16.01 -13.46
C MET D 374 30.13 -16.41 -14.60
N ASN D 375 29.70 -16.16 -15.85
CA ASN D 375 30.49 -16.43 -17.07
CA ASN D 375 30.50 -16.43 -17.06
C ASN D 375 31.02 -17.87 -17.16
N PHE D 376 30.12 -18.85 -17.15
CA PHE D 376 30.48 -20.24 -17.43
C PHE D 376 29.51 -20.80 -18.44
N LYS D 377 29.95 -21.72 -19.29
CA LYS D 377 29.10 -22.21 -20.37
CA LYS D 377 29.11 -22.22 -20.38
C LYS D 377 28.21 -23.37 -19.92
N LEU D 378 26.93 -23.27 -20.26
CA LEU D 378 26.00 -24.34 -20.01
C LEU D 378 26.34 -25.49 -20.94
N PRO D 379 26.35 -26.73 -20.40
CA PRO D 379 26.45 -27.93 -21.22
C PRO D 379 25.47 -27.87 -22.41
N THR D 380 25.92 -28.36 -23.56
CA THR D 380 25.12 -28.30 -24.79
C THR D 380 24.62 -29.69 -25.17
N ASP D 381 24.87 -30.65 -24.29
CA ASP D 381 24.59 -32.05 -24.52
C ASP D 381 23.35 -32.57 -23.77
N ARG D 382 22.54 -31.64 -23.25
CA ARG D 382 21.35 -32.00 -22.45
C ARG D 382 20.36 -30.83 -22.44
N THR D 383 19.11 -31.14 -22.11
CA THR D 383 18.01 -30.16 -22.08
C THR D 383 17.99 -29.45 -20.73
N PHE D 384 17.83 -28.13 -20.77
CA PHE D 384 17.58 -27.31 -19.58
C PHE D 384 16.20 -26.69 -19.75
N ASP D 385 15.49 -26.45 -18.66
CA ASP D 385 14.11 -25.99 -18.74
C ASP D 385 13.90 -24.51 -18.44
N GLY D 386 14.83 -23.92 -17.70
CA GLY D 386 14.70 -22.51 -17.30
C GLY D 386 15.21 -21.51 -18.31
N GLU D 387 15.15 -20.24 -17.92
CA GLU D 387 15.65 -19.13 -18.72
CA GLU D 387 15.65 -19.13 -18.72
C GLU D 387 16.50 -18.23 -17.82
N SER D 388 17.47 -17.53 -18.40
CA SER D 388 18.30 -16.62 -17.61
C SER D 388 17.42 -15.45 -17.13
N LEU D 389 17.54 -15.11 -15.84
CA LEU D 389 16.76 -14.02 -15.25
C LEU D 389 17.46 -12.68 -15.30
N VAL D 390 18.63 -12.63 -15.95
CA VAL D 390 19.38 -11.38 -16.11
C VAL D 390 18.51 -10.22 -16.69
N PRO D 391 17.72 -10.47 -17.78
CA PRO D 391 16.84 -9.37 -18.27
C PRO D 391 15.86 -8.80 -17.24
N VAL D 392 15.31 -9.66 -16.38
CA VAL D 392 14.49 -9.23 -15.24
C VAL D 392 15.28 -8.28 -14.32
N LEU D 393 16.51 -8.67 -13.99
CA LEU D 393 17.38 -7.88 -13.10
C LEU D 393 17.77 -6.52 -13.70
N GLU D 394 17.80 -6.46 -15.03
CA GLU D 394 18.14 -5.24 -15.80
C GLU D 394 16.89 -4.53 -16.32
N GLN D 395 15.73 -4.89 -15.77
N GLN D 395 15.74 -4.83 -15.72
CA GLN D 395 14.43 -4.27 -16.07
CA GLN D 395 14.42 -4.28 -16.09
C GLN D 395 14.01 -4.38 -17.55
C GLN D 395 14.06 -4.35 -17.58
N LYS D 396 14.36 -5.50 -18.19
CA LYS D 396 13.96 -5.77 -19.56
C LYS D 396 12.93 -6.91 -19.59
N ALA D 397 12.30 -7.13 -20.74
CA ALA D 397 11.29 -8.16 -20.88
C ALA D 397 11.93 -9.55 -20.83
N LEU D 398 11.27 -10.48 -20.17
CA LEU D 398 11.71 -11.87 -20.17
C LEU D 398 10.91 -12.66 -21.21
N LYS D 399 11.59 -13.03 -22.30
CA LYS D 399 11.00 -13.87 -23.32
C LYS D 399 11.08 -15.32 -22.86
N ARG D 400 9.93 -15.96 -22.72
CA ARG D 400 9.87 -17.39 -22.37
C ARG D 400 9.30 -18.22 -23.50
N GLU D 401 10.12 -19.14 -24.00
CA GLU D 401 9.72 -20.05 -25.07
C GLU D 401 8.72 -21.08 -24.54
N LYS D 402 8.95 -21.51 -23.31
CA LYS D 402 8.21 -22.61 -22.72
C LYS D 402 7.45 -22.15 -21.48
N PRO D 403 6.32 -22.79 -21.16
CA PRO D 403 5.67 -22.52 -19.88
C PRO D 403 6.53 -22.98 -18.70
N LEU D 404 6.24 -22.47 -17.51
CA LEU D 404 6.85 -23.00 -16.30
C LEU D 404 6.21 -24.39 -16.09
N ILE D 405 7.00 -25.36 -15.64
CA ILE D 405 6.45 -26.71 -15.46
C ILE D 405 6.79 -27.20 -14.05
N PHE D 406 5.80 -27.78 -13.40
CA PHE D 406 5.90 -28.28 -12.04
C PHE D 406 5.39 -29.70 -11.97
N GLY D 407 5.92 -30.47 -11.03
CA GLY D 407 5.41 -31.79 -10.78
C GLY D 407 5.68 -32.37 -9.42
N ILE D 408 4.87 -33.36 -9.07
CA ILE D 408 5.11 -34.24 -7.93
C ILE D 408 4.41 -35.59 -8.14
N ASP D 409 5.13 -36.68 -7.89
CA ASP D 409 4.53 -38.00 -8.04
C ASP D 409 4.31 -38.58 -6.64
N MET D 410 3.18 -38.25 -6.03
CA MET D 410 2.92 -38.58 -4.63
C MET D 410 1.66 -39.44 -4.50
N PRO D 411 1.81 -40.77 -4.60
CA PRO D 411 0.67 -41.67 -4.48
C PRO D 411 0.16 -41.84 -3.03
N PHE D 412 -1.01 -42.49 -2.90
CA PHE D 412 -1.52 -43.00 -1.61
C PHE D 412 -1.96 -41.94 -0.60
N GLN D 413 -2.14 -40.70 -1.05
CA GLN D 413 -2.52 -39.61 -0.13
C GLN D 413 -4.02 -39.62 0.18
N ASP D 414 -4.37 -39.21 1.41
CA ASP D 414 -5.76 -39.16 1.88
C ASP D 414 -6.65 -38.40 0.88
N ASP D 415 -6.30 -37.14 0.65
CA ASP D 415 -6.79 -36.41 -0.50
C ASP D 415 -5.75 -36.59 -1.61
N PRO D 416 -6.11 -37.35 -2.67
CA PRO D 416 -5.20 -37.64 -3.78
C PRO D 416 -4.53 -36.38 -4.33
N THR D 417 -3.22 -36.44 -4.50
CA THR D 417 -2.47 -35.29 -5.02
C THR D 417 -2.58 -35.24 -6.54
N ASP D 418 -2.32 -34.07 -7.10
CA ASP D 418 -2.19 -33.97 -8.53
C ASP D 418 -0.73 -34.19 -8.91
N GLU D 419 -0.47 -34.38 -10.19
CA GLU D 419 0.86 -34.78 -10.64
C GLU D 419 1.64 -33.70 -11.38
N TRP D 420 0.96 -32.90 -12.21
CA TRP D 420 1.64 -31.85 -12.98
C TRP D 420 0.92 -30.51 -12.91
N ALA D 421 1.68 -29.44 -13.13
CA ALA D 421 1.09 -28.11 -13.33
C ALA D 421 1.94 -27.32 -14.31
N ILE D 422 1.24 -26.56 -15.15
CA ILE D 422 1.88 -25.69 -16.12
CA ILE D 422 1.86 -25.72 -16.16
C ILE D 422 1.38 -24.26 -15.99
N ARG D 423 2.29 -23.31 -16.03
CA ARG D 423 1.96 -21.88 -15.97
CA ARG D 423 1.97 -21.89 -15.97
C ARG D 423 2.40 -21.20 -17.26
N ASP D 424 1.45 -20.64 -17.99
CA ASP D 424 1.75 -19.96 -19.23
C ASP D 424 1.08 -18.59 -19.24
N GLY D 425 1.89 -17.55 -19.02
CA GLY D 425 1.37 -16.20 -18.80
C GLY D 425 0.51 -16.23 -17.54
N ASP D 426 -0.69 -15.67 -17.65
CA ASP D 426 -1.65 -15.63 -16.55
C ASP D 426 -2.32 -16.99 -16.25
N TRP D 427 -2.25 -17.92 -17.21
CA TRP D 427 -2.98 -19.21 -17.15
C TRP D 427 -2.21 -20.32 -16.47
N LYS D 428 -2.91 -21.09 -15.65
CA LYS D 428 -2.33 -22.25 -14.96
C LYS D 428 -3.24 -23.45 -15.14
N MET D 429 -2.68 -24.59 -15.54
CA MET D 429 -3.43 -25.82 -15.64
C MET D 429 -2.80 -26.86 -14.73
N ILE D 430 -3.64 -27.54 -13.97
CA ILE D 430 -3.22 -28.64 -13.11
C ILE D 430 -3.75 -29.98 -13.66
N ILE D 431 -2.86 -30.97 -13.69
CA ILE D 431 -3.11 -32.27 -14.30
C ILE D 431 -3.11 -33.34 -13.18
N ASP D 432 -4.14 -34.18 -13.16
CA ASP D 432 -4.28 -35.19 -12.12
C ASP D 432 -3.37 -36.38 -12.42
N ARG D 433 -3.43 -37.38 -11.54
CA ARG D 433 -2.58 -38.57 -11.64
C ARG D 433 -2.95 -39.54 -12.78
N ASN D 434 -4.01 -39.21 -13.53
CA ASN D 434 -4.45 -39.97 -14.69
C ASN D 434 -4.21 -39.22 -15.99
N ASN D 435 -3.38 -38.19 -15.92
CA ASN D 435 -2.95 -37.36 -17.06
C ASN D 435 -4.05 -36.48 -17.67
N LYS D 436 -5.11 -36.24 -16.88
CA LYS D 436 -6.24 -35.44 -17.34
CA LYS D 436 -6.25 -35.44 -17.32
C LYS D 436 -6.23 -34.04 -16.70
N PRO D 437 -6.61 -33.01 -17.48
CA PRO D 437 -6.71 -31.70 -16.80
C PRO D 437 -7.76 -31.75 -15.69
N LYS D 438 -7.40 -31.31 -14.50
CA LYS D 438 -8.37 -31.25 -13.41
C LYS D 438 -8.76 -29.80 -13.11
N TYR D 439 -7.79 -28.90 -13.24
CA TYR D 439 -8.03 -27.47 -12.98
C TYR D 439 -7.44 -26.56 -14.05
N LEU D 440 -8.14 -25.44 -14.30
CA LEU D 440 -7.66 -24.38 -15.15
C LEU D 440 -8.02 -23.08 -14.45
N TYR D 441 -7.01 -22.29 -14.09
CA TYR D 441 -7.20 -21.00 -13.44
C TYR D 441 -6.59 -19.85 -14.22
N ASN D 442 -7.23 -18.68 -14.16
CA ASN D 442 -6.55 -17.47 -14.57
C ASN D 442 -6.09 -16.81 -13.29
N LEU D 443 -4.78 -16.79 -13.08
CA LEU D 443 -4.22 -16.35 -11.80
C LEU D 443 -4.34 -14.85 -11.57
N LYS D 444 -4.52 -14.08 -12.65
CA LYS D 444 -4.67 -12.64 -12.56
C LYS D 444 -6.08 -12.23 -12.08
N SER D 445 -7.10 -12.98 -12.49
CA SER D 445 -8.49 -12.73 -12.05
C SER D 445 -8.91 -13.62 -10.88
N ASP D 446 -8.11 -14.64 -10.57
CA ASP D 446 -8.43 -15.63 -9.54
C ASP D 446 -7.12 -16.02 -8.82
N ARG D 447 -6.67 -15.17 -7.90
CA ARG D 447 -5.36 -15.35 -7.19
C ARG D 447 -5.33 -16.61 -6.31
N TYR D 448 -6.48 -16.94 -5.77
CA TYR D 448 -6.62 -18.00 -4.77
C TYR D 448 -7.11 -19.33 -5.36
N GLU D 449 -7.23 -19.39 -6.69
CA GLU D 449 -7.55 -20.63 -7.40
C GLU D 449 -8.88 -21.26 -6.93
N THR D 450 -9.90 -20.42 -6.84
CA THR D 450 -11.24 -20.88 -6.40
C THR D 450 -12.25 -20.88 -7.56
N LEU D 451 -11.81 -20.49 -8.75
CA LEU D 451 -12.70 -20.36 -9.90
C LEU D 451 -12.22 -21.21 -11.06
N ASN D 452 -12.46 -22.52 -10.97
CA ASN D 452 -12.04 -23.46 -11.99
C ASN D 452 -12.71 -23.19 -13.34
N LEU D 453 -11.89 -23.15 -14.40
CA LEU D 453 -12.38 -22.81 -15.73
C LEU D 453 -12.44 -24.00 -16.70
N ILE D 454 -12.24 -25.21 -16.17
CA ILE D 454 -12.41 -26.44 -16.94
C ILE D 454 -13.87 -26.54 -17.39
N GLY D 455 -14.08 -26.74 -18.70
CA GLY D 455 -15.42 -26.81 -19.27
C GLY D 455 -15.98 -25.47 -19.67
N LYS D 456 -15.23 -24.40 -19.44
CA LYS D 456 -15.74 -23.03 -19.59
C LYS D 456 -14.94 -22.16 -20.54
N LYS D 457 -13.73 -22.60 -20.89
CA LYS D 457 -12.85 -21.82 -21.77
C LYS D 457 -12.19 -22.73 -22.80
N PRO D 458 -12.96 -23.20 -23.80
CA PRO D 458 -12.58 -24.34 -24.67
C PRO D 458 -11.29 -24.14 -25.47
N ASP D 459 -11.08 -22.93 -25.99
CA ASP D 459 -9.88 -22.61 -26.76
C ASP D 459 -8.62 -22.58 -25.90
N ILE D 460 -8.73 -21.98 -24.72
CA ILE D 460 -7.65 -21.96 -23.73
C ILE D 460 -7.33 -23.37 -23.21
N GLU D 461 -8.38 -24.16 -22.93
CA GLU D 461 -8.23 -25.52 -22.44
C GLU D 461 -7.47 -26.41 -23.41
N LYS D 462 -7.84 -26.32 -24.68
CA LYS D 462 -7.20 -27.03 -25.79
C LYS D 462 -5.73 -26.63 -25.93
N GLN D 463 -5.46 -25.33 -25.88
CA GLN D 463 -4.11 -24.79 -26.02
C GLN D 463 -3.19 -25.20 -24.87
N MET D 464 -3.70 -25.11 -23.63
CA MET D 464 -2.92 -25.42 -22.45
C MET D 464 -2.63 -26.92 -22.34
N TYR D 465 -3.62 -27.75 -22.62
CA TYR D 465 -3.46 -29.20 -22.59
C TYR D 465 -2.47 -29.69 -23.65
N GLY D 466 -2.55 -29.13 -24.85
CA GLY D 466 -1.56 -29.41 -25.90
C GLY D 466 -0.15 -29.04 -25.49
N LYS D 467 -0.01 -27.87 -24.85
CA LYS D 467 1.30 -27.41 -24.36
C LYS D 467 1.85 -28.33 -23.29
N PHE D 468 0.98 -28.76 -22.36
CA PHE D 468 1.34 -29.77 -21.35
C PHE D 468 1.80 -31.08 -21.98
N LEU D 469 1.00 -31.62 -22.91
CA LEU D 469 1.32 -32.91 -23.51
C LEU D 469 2.68 -32.89 -24.21
N LYS D 470 2.94 -31.81 -24.96
CA LYS D 470 4.23 -31.60 -25.59
C LYS D 470 5.39 -31.58 -24.58
N TYR D 471 5.20 -30.87 -23.47
CA TYR D 471 6.23 -30.78 -22.41
C TYR D 471 6.47 -32.12 -21.71
N LYS D 472 5.39 -32.84 -21.41
CA LYS D 472 5.48 -34.16 -20.77
C LYS D 472 6.25 -35.16 -21.64
N THR D 473 5.95 -35.23 -22.94
CA THR D 473 6.70 -36.17 -23.81
C THR D 473 8.18 -35.83 -23.90
N ASP D 474 8.50 -34.54 -23.95
CA ASP D 474 9.88 -34.05 -23.94
CA ASP D 474 9.88 -34.08 -23.96
C ASP D 474 10.61 -34.44 -22.66
N ILE D 475 9.93 -34.25 -21.52
CA ILE D 475 10.50 -34.59 -20.23
C ILE D 475 10.70 -36.09 -20.07
N ASP D 476 9.69 -36.87 -20.42
CA ASP D 476 9.72 -38.32 -20.28
C ASP D 476 10.78 -38.95 -21.20
N ASN D 477 10.98 -38.34 -22.37
CA ASN D 477 11.98 -38.78 -23.37
C ASN D 477 13.35 -38.10 -23.23
N ASP D 478 13.66 -37.65 -22.01
CA ASP D 478 14.88 -36.89 -21.75
C ASP D 478 16.11 -37.68 -22.19
N SER D 479 16.93 -37.04 -23.01
CA SER D 479 18.11 -37.69 -23.62
C SER D 479 19.20 -38.03 -22.60
N LEU D 480 19.35 -37.20 -21.58
CA LEU D 480 20.35 -37.47 -20.53
C LEU D 480 19.94 -38.66 -19.66
N MET D 481 18.65 -38.73 -19.30
CA MET D 481 18.09 -39.89 -18.60
C MET D 481 18.30 -41.17 -19.42
N LYS D 482 18.04 -41.08 -20.73
CA LYS D 482 18.23 -42.22 -21.66
C LYS D 482 19.68 -42.70 -21.72
N ALA D 483 20.61 -41.73 -21.76
CA ALA D 483 22.05 -41.98 -21.83
C ALA D 483 22.60 -42.75 -20.62
N ARG D 484 21.97 -42.60 -19.46
CA ARG D 484 22.36 -43.41 -18.29
C ARG D 484 21.57 -44.73 -18.16
N GLY D 485 20.78 -45.06 -19.18
CA GLY D 485 20.04 -46.33 -19.21
C GLY D 485 18.77 -46.30 -18.37
N ASP D 486 18.28 -45.09 -18.12
CA ASP D 486 17.13 -44.90 -17.25
C ASP D 486 15.86 -44.54 -18.03
N LYS D 487 14.73 -44.60 -17.34
CA LYS D 487 13.43 -44.22 -17.90
C LYS D 487 12.54 -43.68 -16.76
N PRO D 488 11.46 -42.94 -17.09
CA PRO D 488 10.57 -42.51 -16.01
C PRO D 488 9.93 -43.70 -15.33
N GLU D 489 9.97 -43.73 -14.00
CA GLU D 489 9.33 -44.82 -13.29
C GLU D 489 8.35 -44.27 -12.27
N ALA D 490 7.07 -44.60 -12.45
CA ALA D 490 6.02 -44.19 -11.52
C ALA D 490 6.40 -44.60 -10.09
N VAL D 491 6.10 -43.70 -9.14
CA VAL D 491 6.41 -43.94 -7.73
C VAL D 491 5.39 -44.94 -7.18
N THR D 492 5.89 -46.08 -6.69
CA THR D 492 5.05 -47.18 -6.22
C THR D 492 5.24 -47.44 -4.74
N TRP D 493 6.16 -46.69 -4.13
CA TRP D 493 6.49 -46.80 -2.72
C TRP D 493 5.80 -45.70 -1.92
N GLY D 494 5.67 -45.92 -0.61
CA GLY D 494 5.04 -44.96 0.28
C GLY D 494 6.03 -44.29 1.20
C1 GOL E . -11.11 30.68 -18.30
O1 GOL E . -12.37 30.17 -17.95
C2 GOL E . -10.29 31.01 -17.07
O2 GOL E . -10.49 30.04 -16.06
C3 GOL E . -8.83 31.00 -17.53
O3 GOL E . -8.61 32.01 -18.49
NA NA F . 1.92 19.80 -2.90
NA NA G . 4.58 15.11 -20.44
S SO4 H . 6.52 11.30 -17.99
O1 SO4 H . 7.36 11.01 -16.84
O2 SO4 H . 5.13 10.96 -17.67
O3 SO4 H . 6.61 12.71 -18.31
O4 SO4 H . 6.96 10.52 -19.14
C UNL I . 5.36 34.79 -14.69
O1 UNL I . 5.90 33.68 -14.85
O2 UNL I . 5.90 35.63 -13.92
O3 UNL I . 4.21 35.00 -15.36
C1 GOL J . 22.40 19.61 14.30
O1 GOL J . 23.13 18.46 14.20
C2 GOL J . 22.11 20.10 12.92
O2 GOL J . 21.69 19.01 12.24
C3 GOL J . 23.29 20.54 12.13
O3 GOL J . 24.26 20.90 12.97
S SO4 K . -0.85 31.99 10.22
O1 SO4 K . 0.24 32.81 9.73
O2 SO4 K . -1.53 32.64 11.33
O3 SO4 K . -1.78 31.76 9.13
O4 SO4 K . -0.33 30.71 10.69
NA NA L . 3.71 33.45 9.42
C1 GOL M . 16.49 15.13 23.64
O1 GOL M . 15.57 14.60 24.56
C2 GOL M . 17.65 15.84 24.33
O2 GOL M . 18.69 14.92 24.60
C3 GOL M . 17.19 16.56 25.59
O3 GOL M . 17.35 15.73 26.73
C UNL N . 13.20 34.34 -8.60
O1 UNL N . 13.05 34.53 -9.85
O2 UNL N . 14.31 34.51 -8.02
O3 UNL N . 12.16 33.94 -7.89
NA NA O . -7.14 -30.02 2.26
S SO4 P . -23.52 -22.94 4.45
O1 SO4 P . -22.87 -22.23 5.53
O2 SO4 P . -24.86 -22.37 4.24
O3 SO4 P . -22.74 -22.78 3.23
O4 SO4 P . -23.63 -24.36 4.77
NA NA Q . -22.53 -22.51 9.24
C UNL R . -4.58 -18.73 17.82
O1 UNL R . -4.82 -19.40 18.86
O2 UNL R . -3.41 -18.42 17.49
O3 UNL R . -5.59 -18.35 17.04
S SO4 S . 10.29 -34.01 2.87
O1 SO4 S . 10.55 -32.70 3.33
O2 SO4 S . 9.06 -34.48 3.43
O3 SO4 S . 10.12 -34.10 1.49
O4 SO4 S . 11.31 -34.94 3.28
NA NA T . 11.24 -29.09 2.27
C UNL U . 0.08 -13.58 10.11
O1 UNL U . 0.50 -13.13 9.02
O2 UNL U . -0.91 -13.08 10.71
O3 UNL U . 0.71 -14.62 10.66
C UNL V . -2.73 -19.60 -23.62
O1 UNL V . -1.96 -18.96 -22.88
O2 UNL V . -3.50 -18.99 -24.40
O3 UNL V . -2.74 -20.93 -23.60
C UNL W . -12.31 -19.78 -25.04
O1 UNL W . -12.97 -18.94 -24.38
O2 UNL W . -12.92 -20.64 -25.71
O3 UNL W . -10.98 -19.74 -25.03
#